data_2QJR
#
_entry.id   2QJR
#
_cell.length_a   65.470
_cell.length_b   68.796
_cell.length_c   422.611
_cell.angle_alpha   90.00
_cell.angle_beta   90.00
_cell.angle_gamma   90.00
#
_symmetry.space_group_name_H-M   'P 21 21 21'
#
loop_
_entity.id
_entity.type
_entity.pdbx_description
1 polymer 'Dipeptidyl peptidase 4 membrane form'
2 branched 2-acetamido-2-deoxy-beta-D-glucopyranose-(1-4)-2-acetamido-2-deoxy-beta-D-glucopyranose
3 branched 'alpha-D-mannopyranose-(1-3)-alpha-L-gulopyranuronic acid-(1-4)-2-acetamido-2-deoxy-beta-D-glucopyranose-(1-4)-2-acetamido-2-deoxy-beta-D-glucopyranose'
4 non-polymer 2-acetamido-2-deoxy-beta-D-glucopyranose
5 non-polymer (3R,4S)-1-[6-(6-METHOXYPYRIDIN-3-YL)PYRIMIDIN-4-YL]-4-(2,4,5-TRIFLUOROPHENYL)PYRROLIDIN-3-AMINE
6 non-polymer 'alpha-L-gulopyranuronic acid'
7 water water
#
_entity_poly.entity_id   1
_entity_poly.type   'polypeptide(L)'
_entity_poly.pdbx_seq_one_letter_code
;GTDDATADSRKTYTLTDYLKNTYRLKLYSLRWISDHEYLYKQENNILVFNAEYGNSSVFLENSTFDEFGHSINDYSISPD
GQFILLEYNYVKQWRHSYTASYDIYDLNKRQLITEERIPNNTQWVTWSPVGHKLAYVWNNDIYVKIEPNLPSYRITWTGK
EDIIYNGITDWVYEEEVFSAYSALWWSPNGTFLAYAQFNDTEVPLIEYSFYSDESLQYPKTVRVPYPKAGAVNPTVKFFV
VNTDSLSSVTNATSIQITAPASMLIGDHYLCDVTWATQERISLQWLRRIQNYSVMDICDYDESSGRWNCLVARQHIEMST
TGWVGRFRPSEPHFTLDGNSFYKIISNEEGYRHICYFQIDKKDCTFITKGTWEVIGIEALTSDYLYYISNEYKGMPGGRN
LYKIQLSDYTKVTCLSCELNPERCQYYSVSFSKEAKYYQLRCSGPGLPLYTLHSSVNDKGLRVLEDNSALDKMLQNVQMP
SKKLDFIILNETKFWYQMILPPHFDKSKKYPLLLDVYAGPCSQKADTVFRLNWATYLASTENIIVASFDGRGSGYQGDKI
MHAINRRLGTFEVEDQIEAARQFSKMGFVDNKRIAIWGWSYGGYVTSMVLGSGSGVFKCGIAVAPVSRWEYYDSVYTERY
MGLPTPEDNLDHYRNSTVMSRAENFKQVEYLLIHGTADDNVHFQQSAQISKALVDVGVDFQAMWYTDEDHGIASSTAHQH
IYTHMSHFIKQCFSLPLVPRGSHHHHHH
;
_entity_poly.pdbx_strand_id   A,B
#
loop_
_chem_comp.id
_chem_comp.type
_chem_comp.name
_chem_comp.formula
LGU L-saccharide, alpha linking 'alpha-L-gulopyranuronic acid' 'C6 H10 O7'
MAN D-saccharide, alpha linking alpha-D-mannopyranose 'C6 H12 O6'
NAG D-saccharide, beta linking 2-acetamido-2-deoxy-beta-D-glucopyranose 'C8 H15 N O6'
PZF non-polymer (3R,4S)-1-[6-(6-METHOXYPYRIDIN-3-YL)PYRIMIDIN-4-YL]-4-(2,4,5-TRIFLUOROPHENYL)PYRROLIDIN-3-AMINE 'C20 H18 F3 N5 O'
#
# COMPACT_ATOMS: atom_id res chain seq x y z
N SER A 9 15.71 -7.69 42.58
CA SER A 9 15.13 -6.69 43.51
C SER A 9 13.64 -6.40 43.39
N ARG A 10 13.24 -5.26 42.79
CA ARG A 10 11.78 -5.03 42.75
C ARG A 10 11.05 -5.08 41.44
N LYS A 11 10.39 -4.00 41.03
CA LYS A 11 9.71 -4.03 39.72
C LYS A 11 10.76 -4.13 38.62
N THR A 12 10.36 -4.69 37.50
CA THR A 12 11.22 -4.72 36.34
C THR A 12 10.97 -3.54 35.39
N TYR A 13 11.81 -3.43 34.38
CA TYR A 13 11.66 -2.40 33.40
C TYR A 13 10.68 -2.97 32.33
N THR A 14 9.47 -2.43 32.31
CA THR A 14 8.40 -2.99 31.46
C THR A 14 8.38 -2.36 30.07
N LEU A 15 7.55 -2.91 29.19
CA LEU A 15 7.33 -2.38 27.86
C LEU A 15 6.68 -1.02 27.88
N THR A 16 5.76 -0.87 28.81
CA THR A 16 5.08 0.38 29.07
C THR A 16 6.10 1.45 29.55
N ASP A 17 7.09 1.04 30.33
CA ASP A 17 8.03 1.99 30.87
C ASP A 17 8.74 2.59 29.70
N TYR A 18 9.17 1.72 28.80
CA TYR A 18 9.79 2.17 27.59
C TYR A 18 8.84 2.97 26.74
N LEU A 19 7.69 2.41 26.41
CA LEU A 19 6.74 3.08 25.54
C LEU A 19 6.32 4.42 26.12
N LYS A 20 6.11 4.55 27.46
CA LYS A 20 5.61 5.81 28.06
C LYS A 20 6.67 6.78 28.66
N ASN A 21 7.93 6.52 28.36
CA ASN A 21 9.09 7.29 28.90
C ASN A 21 8.98 7.50 30.44
N THR A 22 8.74 6.40 31.13
CA THR A 22 8.60 6.46 32.57
C THR A 22 9.94 6.92 33.25
N TYR A 23 11.09 6.39 32.83
CA TYR A 23 12.43 6.78 33.40
C TYR A 23 13.24 7.59 32.37
N ARG A 24 13.27 8.90 32.57
CA ARG A 24 13.77 9.86 31.59
C ARG A 24 15.21 10.23 31.84
N LEU A 25 16.07 10.06 30.82
CA LEU A 25 17.39 10.64 30.84
C LEU A 25 17.29 12.14 30.72
N LYS A 26 17.95 12.86 31.62
CA LYS A 26 18.04 14.31 31.53
C LYS A 26 19.25 14.72 30.66
N LEU A 27 19.11 15.87 30.04
CA LEU A 27 20.08 16.38 29.11
C LEU A 27 20.62 17.71 29.64
N TYR A 28 21.65 18.24 29.02
CA TYR A 28 22.05 19.63 29.27
C TYR A 28 22.41 20.21 27.94
N SER A 29 21.38 20.68 27.28
CA SER A 29 21.54 21.27 25.97
C SER A 29 21.79 22.74 26.14
N LEU A 30 22.99 23.19 25.76
CA LEU A 30 23.29 24.63 25.74
C LEU A 30 23.69 25.09 24.37
N ARG A 31 23.61 26.40 24.18
CA ARG A 31 23.99 27.00 22.97
C ARG A 31 25.02 28.07 23.27
N TRP A 32 26.23 27.89 22.81
CA TRP A 32 27.26 28.94 22.95
C TRP A 32 26.97 30.20 22.14
N ILE A 33 27.15 31.38 22.74
CA ILE A 33 26.85 32.63 22.09
C ILE A 33 28.00 33.55 22.09
N SER A 34 29.15 33.05 22.55
CA SER A 34 30.33 33.80 22.58
C SER A 34 31.42 32.84 23.07
N ASP A 35 32.65 33.33 23.28
CA ASP A 35 33.70 32.48 23.82
C ASP A 35 33.48 32.15 25.33
N HIS A 36 32.57 32.83 26.00
CA HIS A 36 32.46 32.60 27.42
C HIS A 36 31.04 32.53 28.01
N GLU A 37 30.04 32.67 27.17
CA GLU A 37 28.63 32.65 27.59
C GLU A 37 27.80 31.67 26.78
N TYR A 38 26.89 31.02 27.46
CA TYR A 38 25.85 30.25 26.75
C TYR A 38 24.41 30.51 27.16
N LEU A 39 23.52 30.19 26.28
CA LEU A 39 22.07 30.14 26.55
C LEU A 39 21.60 28.74 26.99
N TYR A 40 20.77 28.71 27.99
CA TYR A 40 20.22 27.46 28.44
C TYR A 40 18.78 27.68 28.87
N LYS A 41 17.93 26.73 28.54
CA LYS A 41 16.51 26.90 28.88
C LYS A 41 16.10 25.97 30.06
N GLN A 42 15.92 26.63 31.23
CA GLN A 42 15.56 26.03 32.54
C GLN A 42 14.12 26.44 32.93
N GLU A 43 13.19 25.59 32.46
CA GLU A 43 11.69 25.69 32.51
C GLU A 43 11.13 27.10 32.23
N ASN A 44 10.78 27.28 30.97
CA ASN A 44 10.12 28.51 30.55
C ASN A 44 10.83 29.79 31.05
N ASN A 45 12.15 29.73 31.00
CA ASN A 45 13.01 30.89 31.00
C ASN A 45 14.17 30.55 30.06
N ILE A 46 14.64 31.52 29.28
CA ILE A 46 15.95 31.37 28.68
C ILE A 46 16.92 32.02 29.67
N LEU A 47 17.93 31.25 30.05
CA LEU A 47 19.00 31.75 30.89
C LEU A 47 20.28 31.88 30.14
N VAL A 48 21.02 32.94 30.43
CA VAL A 48 22.38 33.05 29.96
C VAL A 48 23.35 32.77 31.11
N PHE A 49 24.31 31.88 30.84
CA PHE A 49 25.30 31.53 31.83
C PHE A 49 26.68 32.02 31.44
N ASN A 50 27.43 32.39 32.46
CA ASN A 50 28.80 32.77 32.30
C ASN A 50 29.70 31.58 32.55
N ALA A 51 30.45 31.12 31.57
CA ALA A 51 31.18 29.84 31.75
C ALA A 51 32.24 29.89 32.83
N GLU A 52 32.93 31.02 32.99
CA GLU A 52 34.05 31.13 33.91
C GLU A 52 33.64 31.11 35.41
N TYR A 53 32.55 31.78 35.76
CA TYR A 53 32.12 31.95 37.12
C TYR A 53 30.84 31.15 37.41
N GLY A 54 30.02 30.87 36.39
CA GLY A 54 28.79 30.08 36.60
C GLY A 54 27.57 30.85 37.06
N ASN A 55 27.72 32.14 37.27
CA ASN A 55 26.58 33.02 37.40
C ASN A 55 25.68 33.15 36.13
N SER A 56 24.38 33.36 36.34
CA SER A 56 23.44 33.38 35.27
C SER A 56 22.46 34.55 35.48
N SER A 57 21.71 34.92 34.43
CA SER A 57 20.54 35.81 34.54
C SER A 57 19.52 35.35 33.53
N VAL A 58 18.26 35.73 33.73
CA VAL A 58 17.22 35.40 32.74
C VAL A 58 17.40 36.33 31.54
N PHE A 59 17.42 35.72 30.37
CA PHE A 59 17.49 36.42 29.11
C PHE A 59 16.10 36.83 28.69
N LEU A 60 15.25 35.82 28.66
CA LEU A 60 13.92 35.98 28.21
C LEU A 60 13.00 35.04 29.00
N GLU A 61 11.94 35.62 29.54
CA GLU A 61 10.79 34.86 30.10
C GLU A 61 9.89 34.34 28.99
N ASN A 62 9.39 33.10 29.11
CA ASN A 62 8.42 32.61 28.11
C ASN A 62 7.10 33.36 28.17
N SER A 63 6.76 33.85 29.38
CA SER A 63 5.61 34.74 29.58
C SER A 63 5.56 35.85 28.54
N THR A 64 6.73 36.29 28.06
CA THR A 64 6.79 37.31 27.01
C THR A 64 5.78 37.05 25.90
N PHE A 65 5.59 35.77 25.54
CA PHE A 65 4.71 35.41 24.42
C PHE A 65 3.43 34.63 24.82
N ASP A 66 2.87 34.96 25.98
CA ASP A 66 1.62 34.35 26.48
C ASP A 66 0.43 34.69 25.61
N GLU A 67 0.42 35.90 25.06
CA GLU A 67 -0.64 36.27 24.13
C GLU A 67 -0.14 36.43 22.65
N PHE A 68 0.88 35.64 22.27
CA PHE A 68 1.33 35.54 20.86
C PHE A 68 0.29 34.79 19.99
N GLY A 69 -0.44 33.83 20.55
CA GLY A 69 -1.56 33.20 19.84
C GLY A 69 -1.20 32.00 18.97
N HIS A 70 0.07 31.62 19.00
CA HIS A 70 0.55 30.47 18.29
C HIS A 70 1.53 29.73 19.21
N SER A 71 1.49 28.41 19.13
CA SER A 71 2.39 27.58 19.83
C SER A 71 3.81 27.71 19.20
N ILE A 72 4.77 28.13 20.00
CA ILE A 72 6.08 28.34 19.45
C ILE A 72 6.84 27.04 19.49
N ASN A 73 7.26 26.58 18.30
CA ASN A 73 8.03 25.36 18.08
C ASN A 73 9.51 25.42 18.44
N ASP A 74 10.12 26.55 18.15
CA ASP A 74 11.56 26.75 18.36
C ASP A 74 11.79 28.26 18.23
N TYR A 75 13.04 28.63 18.47
CA TYR A 75 13.48 30.01 18.48
C TYR A 75 14.90 30.06 18.02
N SER A 76 15.32 31.22 17.55
CA SER A 76 16.72 31.44 17.22
C SER A 76 17.08 32.90 17.52
N ILE A 77 18.01 33.09 18.43
CA ILE A 77 18.37 34.44 18.82
C ILE A 77 19.46 34.93 17.87
N SER A 78 19.35 36.17 17.39
CA SER A 78 20.33 36.73 16.50
C SER A 78 21.64 36.82 17.24
N PRO A 79 22.73 36.59 16.53
CA PRO A 79 24.03 36.54 17.16
C PRO A 79 24.33 37.77 17.95
N ASP A 80 23.82 38.92 17.56
CA ASP A 80 24.12 40.15 18.29
C ASP A 80 23.14 40.43 19.45
N GLY A 81 22.30 39.46 19.77
CA GLY A 81 21.36 39.63 20.86
C GLY A 81 20.11 40.45 20.57
N GLN A 82 20.10 41.19 19.45
CA GLN A 82 19.03 42.15 19.16
C GLN A 82 17.64 41.62 18.89
N PHE A 83 17.54 40.45 18.25
CA PHE A 83 16.24 39.95 17.78
C PHE A 83 16.17 38.47 18.08
N ILE A 84 14.97 37.97 18.21
CA ILE A 84 14.72 36.54 18.21
C ILE A 84 13.71 36.17 17.10
N LEU A 85 14.09 35.14 16.36
CA LEU A 85 13.24 34.43 15.43
C LEU A 85 12.35 33.44 16.16
N LEU A 86 11.04 33.49 15.88
CA LEU A 86 10.04 32.57 16.45
C LEU A 86 9.45 31.68 15.38
N GLU A 87 9.67 30.38 15.55
CA GLU A 87 9.18 29.39 14.63
C GLU A 87 7.89 28.74 15.15
N TYR A 88 6.81 28.84 14.38
CA TYR A 88 5.58 28.20 14.68
C TYR A 88 5.00 27.59 13.39
N ASN A 89 3.82 27.00 13.46
CA ASN A 89 3.19 26.46 12.27
C ASN A 89 4.08 25.41 11.54
N TYR A 90 4.83 24.65 12.33
CA TYR A 90 5.84 23.69 11.87
C TYR A 90 5.19 22.51 11.20
N VAL A 91 5.64 22.21 9.97
CA VAL A 91 5.19 21.03 9.21
C VAL A 91 6.40 20.18 8.78
N LYS A 92 6.58 19.00 9.34
CA LYS A 92 7.66 18.06 8.90
C LYS A 92 7.55 17.69 7.44
N GLN A 93 8.68 17.68 6.76
CA GLN A 93 8.75 17.10 5.40
C GLN A 93 9.56 15.78 5.52
N TRP A 94 10.83 15.75 5.18
CA TRP A 94 11.60 14.49 5.25
C TRP A 94 12.40 14.46 6.54
N ARG A 95 13.58 13.82 6.58
CA ARG A 95 14.28 13.68 7.78
C ARG A 95 14.72 15.03 8.39
N HIS A 96 15.26 15.95 7.60
CA HIS A 96 15.61 17.26 8.16
C HIS A 96 14.74 18.40 7.62
N SER A 97 14.05 18.26 6.49
CA SER A 97 13.24 19.38 5.97
C SER A 97 11.92 19.52 6.67
N TYR A 98 11.38 20.73 6.64
CA TYR A 98 10.12 21.08 7.21
C TYR A 98 9.81 22.52 6.80
N THR A 99 8.55 22.92 6.77
CA THR A 99 8.27 24.35 6.52
C THR A 99 7.70 24.94 7.81
N ALA A 100 7.57 26.28 7.83
CA ALA A 100 7.09 26.93 9.02
C ALA A 100 6.84 28.41 8.80
N SER A 101 6.15 29.04 9.76
CA SER A 101 5.99 30.47 9.77
C SER A 101 7.03 31.07 10.73
N TYR A 102 7.25 32.35 10.59
CA TYR A 102 8.29 33.02 11.33
C TYR A 102 7.87 34.44 11.62
N ASP A 103 8.03 34.82 12.88
CA ASP A 103 7.84 36.19 13.37
C ASP A 103 9.16 36.62 13.96
N ILE A 104 9.52 37.87 13.80
CA ILE A 104 10.74 38.35 14.40
C ILE A 104 10.29 39.30 15.51
N TYR A 105 10.96 39.20 16.65
CA TYR A 105 10.66 39.97 17.84
C TYR A 105 11.88 40.79 18.24
N ASP A 106 11.73 42.10 18.38
CA ASP A 106 12.86 42.99 18.67
C ASP A 106 13.03 43.04 20.16
N LEU A 107 14.19 42.60 20.63
CA LEU A 107 14.41 42.36 22.05
C LEU A 107 14.67 43.64 22.83
N ASN A 108 15.24 44.67 22.18
CA ASN A 108 15.35 45.99 22.81
C ASN A 108 13.98 46.68 22.90
N LYS A 109 13.26 46.79 21.78
CA LYS A 109 11.97 47.48 21.78
C LYS A 109 10.90 46.63 22.46
N ARG A 110 11.18 45.34 22.66
CA ARG A 110 10.24 44.45 23.32
C ARG A 110 8.91 44.41 22.55
N GLN A 111 8.98 44.11 21.25
CA GLN A 111 7.80 44.07 20.42
C GLN A 111 8.06 43.33 19.13
N LEU A 112 7.00 42.75 18.60
CA LEU A 112 7.00 42.09 17.30
C LEU A 112 7.18 43.04 16.13
N ILE A 113 7.89 42.59 15.11
CA ILE A 113 8.01 43.34 13.88
C ILE A 113 6.82 42.98 13.05
N THR A 114 6.05 43.97 12.62
CA THR A 114 4.76 43.72 11.94
C THR A 114 4.79 44.04 10.41
N GLU A 115 5.89 44.66 9.98
CA GLU A 115 6.06 45.09 8.60
C GLU A 115 7.11 44.26 7.91
N GLU A 116 6.83 43.82 6.71
CA GLU A 116 7.80 43.12 5.91
C GLU A 116 8.17 41.74 6.47
N ARG A 117 7.16 41.02 6.92
CA ARG A 117 7.36 39.76 7.60
C ARG A 117 7.78 38.65 6.66
N ILE A 118 8.40 37.62 7.25
CA ILE A 118 8.79 36.42 6.55
C ILE A 118 7.49 35.78 6.12
N PRO A 119 7.41 35.26 4.91
CA PRO A 119 6.16 34.69 4.46
C PRO A 119 5.83 33.34 5.11
N ASN A 120 4.57 32.96 5.02
CA ASN A 120 4.18 31.62 5.44
C ASN A 120 4.87 30.61 4.51
N ASN A 121 5.06 29.39 5.00
CA ASN A 121 5.55 28.28 4.21
C ASN A 121 6.96 28.52 3.78
N THR A 122 7.66 29.25 4.62
CA THR A 122 9.08 29.42 4.43
C THR A 122 9.79 28.10 4.73
N GLN A 123 10.73 27.78 3.84
CA GLN A 123 11.35 26.49 3.82
C GLN A 123 12.55 26.50 4.70
N TRP A 124 13.20 27.67 4.84
CA TRP A 124 14.47 27.77 5.59
C TRP A 124 14.85 29.22 5.88
N VAL A 125 15.24 29.47 7.14
CA VAL A 125 15.67 30.79 7.60
C VAL A 125 16.98 30.61 8.34
N THR A 126 17.97 31.44 8.04
CA THR A 126 19.23 31.44 8.80
C THR A 126 19.61 32.88 9.08
N TRP A 127 20.07 33.21 10.31
CA TRP A 127 20.79 34.48 10.60
C TRP A 127 22.18 34.47 10.01
N SER A 128 22.67 35.63 9.61
CA SER A 128 24.09 35.76 9.36
C SER A 128 24.83 35.35 10.63
N PRO A 129 26.11 35.04 10.52
CA PRO A 129 26.84 34.56 11.68
C PRO A 129 27.26 35.72 12.60
N VAL A 130 27.18 36.93 12.05
CA VAL A 130 27.40 38.14 12.80
C VAL A 130 26.25 39.14 12.49
N GLY A 131 25.88 39.93 13.51
CA GLY A 131 24.89 40.96 13.30
C GLY A 131 23.52 40.32 13.33
N HIS A 132 22.67 40.75 12.40
CA HIS A 132 21.27 40.34 12.35
C HIS A 132 20.68 40.32 10.93
N LYS A 133 21.49 40.13 9.88
CA LYS A 133 20.93 39.80 8.56
C LYS A 133 20.27 38.42 8.62
N LEU A 134 19.28 38.23 7.74
CA LEU A 134 18.59 36.96 7.53
C LEU A 134 18.66 36.52 6.11
N ALA A 135 18.67 35.23 5.87
CA ALA A 135 18.47 34.75 4.56
C ALA A 135 17.38 33.70 4.72
N TYR A 136 16.44 33.68 3.78
CA TYR A 136 15.43 32.64 3.81
C TYR A 136 15.08 32.16 2.45
N VAL A 137 14.48 30.96 2.39
CA VAL A 137 14.07 30.35 1.15
C VAL A 137 12.55 30.20 1.18
N TRP A 138 11.88 30.68 0.15
CA TRP A 138 10.46 30.63 0.06
C TRP A 138 10.18 30.31 -1.41
N ASN A 139 9.37 29.29 -1.67
CA ASN A 139 9.06 28.87 -3.03
C ASN A 139 10.27 28.52 -3.90
N ASN A 140 11.30 27.99 -3.24
CA ASN A 140 12.54 27.48 -3.89
C ASN A 140 13.50 28.59 -4.32
N ASP A 141 13.22 29.82 -3.83
CA ASP A 141 14.07 31.00 -4.02
C ASP A 141 14.60 31.61 -2.75
N ILE A 142 15.78 32.25 -2.85
CA ILE A 142 16.50 32.85 -1.72
C ILE A 142 16.21 34.34 -1.68
N TYR A 143 15.98 34.83 -0.46
CA TYR A 143 15.69 36.24 -0.14
C TYR A 143 16.63 36.63 0.99
N VAL A 144 17.17 37.85 0.95
CA VAL A 144 18.01 38.34 2.01
C VAL A 144 17.40 39.61 2.60
N LYS A 145 17.31 39.67 3.93
CA LYS A 145 16.89 40.87 4.70
C LYS A 145 18.09 41.41 5.46
N ILE A 146 18.47 42.64 5.16
CA ILE A 146 19.58 43.28 5.83
C ILE A 146 19.16 43.73 7.21
N GLU A 147 17.93 44.24 7.29
CA GLU A 147 17.32 44.58 8.57
C GLU A 147 15.97 43.91 8.67
N PRO A 148 15.63 43.38 9.84
CA PRO A 148 14.42 42.57 10.00
C PRO A 148 13.12 43.34 9.78
N ASN A 149 13.10 44.66 9.88
CA ASN A 149 11.88 45.43 9.55
C ASN A 149 11.85 46.02 8.13
N LEU A 150 12.75 45.57 7.26
CA LEU A 150 12.92 46.14 5.94
C LEU A 150 12.59 45.15 4.89
N PRO A 151 12.26 45.60 3.68
CA PRO A 151 11.86 44.70 2.58
C PRO A 151 13.00 43.81 2.14
N SER A 152 12.70 42.55 1.79
CA SER A 152 13.75 41.63 1.42
C SER A 152 14.24 41.85 -0.02
N TYR A 153 15.47 41.45 -0.23
CA TYR A 153 16.05 41.37 -1.55
C TYR A 153 15.92 39.96 -2.12
N ARG A 154 15.34 39.83 -3.30
CA ARG A 154 15.22 38.53 -3.94
C ARG A 154 16.51 38.20 -4.64
N ILE A 155 17.06 37.03 -4.38
CA ILE A 155 18.35 36.68 -4.93
C ILE A 155 18.19 35.79 -6.17
N THR A 156 17.29 34.81 -6.13
CA THR A 156 17.07 33.94 -7.27
C THR A 156 15.63 34.07 -7.79
N TRP A 157 15.48 33.83 -9.10
CA TRP A 157 14.22 33.94 -9.84
C TRP A 157 13.87 32.58 -10.49
N THR A 158 14.69 31.56 -10.33
CA THR A 158 14.52 30.26 -11.03
C THR A 158 13.85 29.14 -10.20
N GLY A 159 13.55 29.42 -8.94
CA GLY A 159 13.01 28.36 -8.10
C GLY A 159 11.71 27.82 -8.68
N LYS A 160 11.58 26.51 -8.65
CA LYS A 160 10.45 25.82 -9.25
C LYS A 160 10.21 24.47 -8.49
N GLU A 161 9.05 24.40 -7.88
CA GLU A 161 8.66 23.23 -7.13
C GLU A 161 8.93 21.96 -7.85
N ASP A 162 9.67 21.10 -7.15
CA ASP A 162 10.01 19.77 -7.62
C ASP A 162 11.10 19.76 -8.70
N ILE A 163 11.62 20.92 -9.08
CA ILE A 163 12.49 20.95 -10.22
C ILE A 163 13.78 21.74 -9.98
N ILE A 164 13.66 23.01 -9.61
CA ILE A 164 14.80 23.86 -9.31
C ILE A 164 14.74 24.26 -7.83
N TYR A 165 15.83 23.99 -7.10
CA TYR A 165 15.94 24.27 -5.68
C TYR A 165 17.10 25.18 -5.47
N ASN A 166 16.86 26.39 -4.97
CA ASN A 166 17.90 27.38 -4.70
C ASN A 166 18.03 27.47 -3.22
N GLY A 167 19.16 27.08 -2.68
CA GLY A 167 19.45 27.31 -1.25
C GLY A 167 18.93 26.27 -0.28
N ILE A 168 18.24 25.27 -0.86
CA ILE A 168 17.76 24.11 -0.15
C ILE A 168 18.04 22.88 -0.99
N THR A 169 18.09 21.75 -0.35
CA THR A 169 18.46 20.54 -1.04
C THR A 169 17.21 19.79 -1.58
N ASP A 170 17.39 18.95 -2.58
CA ASP A 170 16.36 17.97 -2.96
C ASP A 170 16.45 16.73 -2.06
N TRP A 171 15.57 15.78 -2.35
CA TRP A 171 15.45 14.59 -1.45
C TRP A 171 16.82 13.92 -1.19
N VAL A 172 17.54 13.59 -2.22
CA VAL A 172 18.70 12.73 -2.05
C VAL A 172 19.91 13.49 -1.49
N TYR A 173 19.95 14.81 -1.74
CA TYR A 173 21.03 15.66 -1.15
C TYR A 173 20.71 15.88 0.31
N GLU A 174 19.45 16.11 0.64
CA GLU A 174 19.09 16.13 2.05
C GLU A 174 19.48 14.86 2.85
N GLU A 175 19.14 13.70 2.28
CA GLU A 175 19.32 12.47 2.99
C GLU A 175 20.73 11.90 2.95
N GLU A 176 21.41 11.97 1.82
CA GLU A 176 22.60 11.21 1.57
C GLU A 176 23.88 12.05 1.50
N VAL A 177 23.80 13.38 1.38
CA VAL A 177 25.02 14.22 1.13
C VAL A 177 25.24 15.21 2.27
N PHE A 178 24.30 16.14 2.47
CA PHE A 178 24.44 17.16 3.49
C PHE A 178 23.75 16.87 4.82
N SER A 179 22.85 15.90 4.88
CA SER A 179 22.12 15.70 6.11
C SER A 179 21.53 16.97 6.64
N ALA A 180 20.93 17.73 5.72
CA ALA A 180 20.39 19.03 6.06
C ALA A 180 19.55 19.42 4.89
N TYR A 181 18.51 20.21 5.16
CA TYR A 181 17.66 20.87 4.13
C TYR A 181 18.37 22.11 3.55
N SER A 182 19.15 22.75 4.40
CA SER A 182 19.76 23.99 4.07
C SER A 182 20.88 23.81 3.05
N ALA A 183 20.96 24.71 2.07
CA ALA A 183 22.14 24.71 1.20
C ALA A 183 22.51 26.17 0.94
N LEU A 184 22.73 26.87 2.06
CA LEU A 184 23.05 28.30 2.17
C LEU A 184 24.23 28.36 3.12
N TRP A 185 25.33 29.05 2.77
CA TRP A 185 26.44 29.22 3.73
C TRP A 185 26.92 30.64 3.69
N TRP A 186 26.59 31.35 4.76
CA TRP A 186 27.17 32.71 5.07
C TRP A 186 28.71 32.73 5.26
N SER A 187 29.40 33.71 4.74
CA SER A 187 30.83 33.85 5.06
C SER A 187 30.97 34.20 6.54
N PRO A 188 32.13 33.99 7.17
CA PRO A 188 32.25 34.21 8.63
C PRO A 188 31.76 35.59 9.06
N ASN A 189 32.01 36.56 8.19
CA ASN A 189 31.60 37.97 8.30
C ASN A 189 30.14 38.28 8.12
N GLY A 190 29.49 37.47 7.29
CA GLY A 190 28.18 37.78 6.74
C GLY A 190 28.21 38.63 5.49
N THR A 191 29.38 38.84 4.88
CA THR A 191 29.43 39.67 3.65
C THR A 191 28.87 38.90 2.42
N PHE A 192 29.33 37.66 2.26
CA PHE A 192 28.95 36.83 1.14
C PHE A 192 27.98 35.73 1.58
N LEU A 193 27.07 35.41 0.72
CA LEU A 193 26.25 34.24 0.88
C LEU A 193 26.46 33.27 -0.27
N ALA A 194 26.97 32.10 0.05
CA ALA A 194 27.09 31.01 -0.90
C ALA A 194 25.86 30.10 -0.87
N TYR A 195 25.48 29.62 -2.06
CA TYR A 195 24.44 28.65 -2.10
C TYR A 195 24.56 27.71 -3.26
N ALA A 196 23.87 26.61 -3.14
CA ALA A 196 23.84 25.61 -4.16
C ALA A 196 22.44 25.65 -4.78
N GLN A 197 22.40 25.25 -6.07
CA GLN A 197 21.18 25.09 -6.82
C GLN A 197 21.14 23.66 -7.33
N PHE A 198 20.03 22.98 -7.03
CA PHE A 198 19.73 21.64 -7.52
C PHE A 198 18.67 21.66 -8.59
N ASN A 199 18.91 20.79 -9.56
CA ASN A 199 18.08 20.66 -10.78
C ASN A 199 17.68 19.22 -10.91
N ASP A 200 16.39 18.97 -10.65
CA ASP A 200 15.82 17.64 -10.69
C ASP A 200 14.98 17.34 -11.93
N THR A 201 15.08 18.14 -12.95
CA THR A 201 14.23 18.05 -14.17
C THR A 201 13.93 16.63 -14.69
N GLU A 202 14.96 15.78 -14.74
CA GLU A 202 14.82 14.42 -15.29
C GLU A 202 15.03 13.31 -14.29
N VAL A 203 15.00 13.65 -13.03
CA VAL A 203 15.09 12.64 -12.02
C VAL A 203 13.70 11.96 -11.96
N PRO A 204 13.61 10.64 -12.09
CA PRO A 204 12.27 10.00 -11.98
C PRO A 204 11.64 10.19 -10.62
N LEU A 205 10.34 10.04 -10.58
CA LEU A 205 9.57 10.30 -9.37
C LEU A 205 9.14 9.01 -8.77
N ILE A 206 9.30 8.86 -7.47
CA ILE A 206 8.57 7.81 -6.74
C ILE A 206 7.24 8.42 -6.44
N GLU A 207 6.19 7.58 -6.53
CA GLU A 207 4.83 7.89 -6.32
C GLU A 207 4.30 6.88 -5.36
N TYR A 208 3.58 7.35 -4.34
CA TYR A 208 2.86 6.47 -3.40
C TYR A 208 1.64 7.15 -2.80
N SER A 209 0.77 6.37 -2.16
CA SER A 209 -0.55 6.86 -1.84
C SER A 209 -0.45 7.43 -0.45
N PHE A 210 -1.12 8.55 -0.17
CA PHE A 210 -1.18 9.03 1.23
C PHE A 210 -2.66 9.05 1.53
N TYR A 211 -3.09 8.27 2.51
CA TYR A 211 -4.53 8.18 2.81
C TYR A 211 -5.11 9.33 3.65
N SER A 212 -4.29 9.93 4.48
CA SER A 212 -4.66 11.08 5.30
C SER A 212 -5.77 10.73 6.33
N ASP A 213 -6.49 11.74 6.83
CA ASP A 213 -7.56 11.56 7.73
C ASP A 213 -8.68 10.87 6.95
N GLU A 214 -9.45 10.16 7.72
CA GLU A 214 -10.58 9.38 7.28
C GLU A 214 -11.58 10.20 6.52
N SER A 215 -11.58 11.53 6.76
CA SER A 215 -12.45 12.54 6.03
C SER A 215 -12.06 12.75 4.54
N LEU A 216 -10.84 12.35 4.18
CA LEU A 216 -10.39 12.47 2.79
C LEU A 216 -10.97 11.26 1.98
N GLN A 217 -11.86 11.55 1.07
CA GLN A 217 -12.61 10.56 0.34
C GLN A 217 -11.75 9.85 -0.71
N TYR A 218 -10.86 10.60 -1.37
CA TYR A 218 -9.87 10.07 -2.31
C TYR A 218 -8.43 10.25 -1.86
N PRO A 219 -7.64 9.18 -1.83
CA PRO A 219 -6.28 9.32 -1.37
C PRO A 219 -5.45 10.17 -2.32
N LYS A 220 -4.40 10.73 -1.75
CA LYS A 220 -3.48 11.59 -2.44
C LYS A 220 -2.29 10.78 -2.92
N THR A 221 -1.85 11.05 -4.13
CA THR A 221 -0.59 10.54 -4.63
C THR A 221 0.52 11.54 -4.38
N VAL A 222 1.49 11.12 -3.60
CA VAL A 222 2.67 11.92 -3.30
C VAL A 222 3.66 11.54 -4.37
N ARG A 223 4.28 12.54 -4.98
CA ARG A 223 5.33 12.31 -6.00
C ARG A 223 6.63 13.00 -5.63
N VAL A 224 7.74 12.30 -5.54
CA VAL A 224 9.01 12.85 -5.13
C VAL A 224 10.10 12.49 -6.13
N PRO A 225 10.86 13.47 -6.61
CA PRO A 225 12.04 13.11 -7.38
C PRO A 225 12.99 12.36 -6.47
N TYR A 226 13.35 11.16 -6.89
CA TYR A 226 14.10 10.25 -6.11
C TYR A 226 14.90 9.38 -7.13
N PRO A 227 16.22 9.58 -7.27
CA PRO A 227 16.99 8.71 -8.20
C PRO A 227 17.28 7.39 -7.52
N LYS A 228 16.67 6.32 -8.03
CA LYS A 228 17.02 4.95 -7.57
C LYS A 228 18.30 4.54 -8.22
N ALA A 229 18.88 3.41 -7.83
CA ALA A 229 20.27 3.10 -8.22
C ALA A 229 20.41 2.93 -9.73
N GLY A 230 21.38 3.69 -10.28
CA GLY A 230 21.55 3.74 -11.70
C GLY A 230 20.80 4.75 -12.48
N ALA A 231 19.90 5.51 -11.86
CA ALA A 231 19.00 6.44 -12.59
C ALA A 231 19.61 7.84 -12.83
N VAL A 232 18.90 8.73 -13.53
CA VAL A 232 19.36 10.10 -13.74
C VAL A 232 19.35 10.84 -12.38
N ASN A 233 20.46 11.46 -12.02
CA ASN A 233 20.63 12.20 -10.76
C ASN A 233 20.41 13.66 -10.91
N PRO A 234 20.15 14.37 -9.83
CA PRO A 234 20.04 15.84 -9.92
C PRO A 234 21.39 16.43 -10.32
N THR A 235 21.41 17.59 -10.94
CA THR A 235 22.68 18.27 -11.18
C THR A 235 22.75 19.40 -10.20
N VAL A 236 23.96 19.92 -10.00
CA VAL A 236 24.22 20.97 -9.02
C VAL A 236 25.06 22.10 -9.67
N LYS A 237 24.73 23.33 -9.27
CA LYS A 237 25.53 24.52 -9.46
C LYS A 237 25.79 25.19 -8.09
N PHE A 238 26.82 26.02 -8.08
CA PHE A 238 27.23 26.69 -6.89
C PHE A 238 27.44 28.19 -7.16
N PHE A 239 27.00 29.06 -6.26
CA PHE A 239 27.01 30.51 -6.52
C PHE A 239 27.37 31.27 -5.25
N VAL A 240 28.01 32.44 -5.42
CA VAL A 240 28.26 33.36 -4.33
C VAL A 240 27.72 34.78 -4.63
N VAL A 241 26.99 35.36 -3.67
CA VAL A 241 26.47 36.71 -3.74
C VAL A 241 27.05 37.58 -2.68
N ASN A 242 27.45 38.78 -3.06
CA ASN A 242 27.82 39.79 -2.10
C ASN A 242 26.59 40.49 -1.55
N THR A 243 26.27 40.26 -0.26
CA THR A 243 25.08 40.89 0.37
C THR A 243 25.31 42.32 0.94
N ASP A 244 26.48 42.93 0.73
CA ASP A 244 26.71 44.32 1.16
C ASP A 244 26.60 45.29 -0.03
N SER A 245 26.32 44.75 -1.22
CA SER A 245 26.15 45.58 -2.42
C SER A 245 24.84 45.35 -3.17
N LEU A 246 23.76 45.05 -2.43
CA LEU A 246 22.46 44.78 -3.06
C LEU A 246 21.66 46.08 -3.36
N SER A 247 20.93 46.06 -4.46
CA SER A 247 20.12 47.19 -4.91
C SER A 247 18.62 46.86 -4.96
N SER A 248 17.82 47.85 -4.54
CA SER A 248 16.36 47.83 -4.64
C SER A 248 15.94 47.77 -6.12
N VAL A 249 16.67 48.47 -6.98
CA VAL A 249 16.28 48.58 -8.39
C VAL A 249 16.97 47.55 -9.31
N THR A 250 18.24 47.21 -9.02
CA THR A 250 18.97 46.26 -9.88
C THR A 250 19.00 44.82 -9.29
N ASN A 251 18.54 43.84 -10.06
CA ASN A 251 18.63 42.41 -9.66
C ASN A 251 20.03 42.04 -9.17
N ALA A 252 20.04 41.20 -8.12
CA ALA A 252 21.24 40.72 -7.45
C ALA A 252 22.15 39.91 -8.37
N THR A 253 23.44 40.19 -8.34
CA THR A 253 24.40 39.41 -9.11
C THR A 253 24.97 38.20 -8.29
N SER A 254 24.69 36.98 -8.74
CA SER A 254 25.29 35.82 -8.14
C SER A 254 26.46 35.38 -9.04
N ILE A 255 27.65 35.26 -8.49
CA ILE A 255 28.80 34.71 -9.22
C ILE A 255 28.83 33.18 -9.09
N GLN A 256 28.82 32.50 -10.23
CA GLN A 256 28.96 31.05 -10.25
C GLN A 256 30.39 30.63 -9.98
N ILE A 257 30.54 29.54 -9.23
CA ILE A 257 31.83 28.86 -9.10
C ILE A 257 31.68 27.48 -9.77
N THR A 258 32.35 27.22 -10.90
CA THR A 258 32.21 25.89 -11.50
C THR A 258 33.08 24.81 -10.88
N ALA A 259 32.67 23.58 -11.11
CA ALA A 259 33.31 22.41 -10.56
C ALA A 259 34.55 22.16 -11.42
N PRO A 260 35.61 21.56 -10.90
CA PRO A 260 36.82 21.36 -11.70
C PRO A 260 36.59 20.52 -12.95
N ALA A 261 37.39 20.73 -14.00
CA ALA A 261 37.50 19.82 -15.17
C ALA A 261 37.44 18.31 -14.93
N SER A 262 38.13 17.85 -13.90
CA SER A 262 38.13 16.42 -13.51
C SER A 262 36.75 15.94 -13.00
N MET A 263 35.90 16.86 -12.56
CA MET A 263 34.52 16.52 -12.17
C MET A 263 33.48 16.60 -13.32
N LEU A 264 33.63 17.67 -14.10
CA LEU A 264 32.67 18.05 -15.12
C LEU A 264 32.58 17.10 -16.33
N ILE A 265 33.49 16.13 -16.41
CA ILE A 265 33.43 15.11 -17.51
C ILE A 265 32.38 14.02 -17.25
N GLY A 266 31.71 14.07 -16.10
CA GLY A 266 30.67 13.10 -15.78
C GLY A 266 29.79 13.55 -14.66
N ASP A 267 28.89 12.67 -14.26
CA ASP A 267 28.06 12.93 -13.13
C ASP A 267 28.95 13.07 -11.90
N HIS A 268 28.62 13.99 -10.99
CA HIS A 268 29.40 14.32 -9.78
C HIS A 268 28.41 14.94 -8.79
N TYR A 269 28.85 15.09 -7.55
CA TYR A 269 28.12 15.73 -6.47
C TYR A 269 29.03 16.82 -5.84
N LEU A 270 28.39 17.83 -5.27
CA LEU A 270 29.00 18.76 -4.38
C LEU A 270 28.82 18.11 -3.08
N CYS A 271 29.88 17.76 -2.42
CA CYS A 271 29.78 17.02 -1.16
C CYS A 271 30.19 17.77 0.10
N ASP A 272 30.80 18.97 -0.04
CA ASP A 272 31.19 19.77 1.16
C ASP A 272 31.49 21.25 0.80
N VAL A 273 31.03 22.19 1.63
CA VAL A 273 31.28 23.59 1.48
C VAL A 273 31.78 24.19 2.82
N THR A 274 32.97 24.78 2.86
CA THR A 274 33.52 25.31 4.12
C THR A 274 34.20 26.65 3.86
N TRP A 275 33.75 27.74 4.50
CA TRP A 275 34.50 28.99 4.36
C TRP A 275 35.86 28.86 5.06
N ALA A 276 36.92 29.42 4.46
CA ALA A 276 38.30 29.36 5.05
C ALA A 276 38.65 30.72 5.63
N THR A 277 38.28 31.78 4.94
CA THR A 277 38.45 33.12 5.45
C THR A 277 37.24 33.95 4.97
N GLN A 278 37.35 35.28 5.09
CA GLN A 278 36.30 36.22 4.67
C GLN A 278 36.22 36.26 3.16
N GLU A 279 37.30 35.83 2.50
CA GLU A 279 37.31 35.80 1.03
C GLU A 279 37.82 34.51 0.41
N ARG A 280 37.78 33.42 1.15
CA ARG A 280 38.16 32.12 0.60
C ARG A 280 37.21 30.98 0.98
N ILE A 281 36.74 30.26 -0.02
CA ILE A 281 35.84 29.13 0.18
C ILE A 281 36.50 27.87 -0.27
N SER A 282 36.29 26.77 0.46
CA SER A 282 36.67 25.48 -0.05
C SER A 282 35.42 24.64 -0.36
N LEU A 283 35.50 23.95 -1.50
CA LEU A 283 34.48 23.08 -2.05
C LEU A 283 35.08 21.70 -2.24
N GLN A 284 34.40 20.66 -1.80
CA GLN A 284 34.74 19.31 -2.18
C GLN A 284 33.70 18.76 -3.13
N TRP A 285 34.16 18.12 -4.20
CA TRP A 285 33.37 17.52 -5.14
C TRP A 285 33.70 16.03 -5.17
N LEU A 286 32.72 15.23 -5.58
CA LEU A 286 32.83 13.79 -5.60
C LEU A 286 32.34 13.28 -6.96
N ARG A 287 33.04 12.37 -7.59
CA ARG A 287 32.51 11.71 -8.79
C ARG A 287 31.38 10.75 -8.43
N ARG A 288 30.47 10.54 -9.36
CA ARG A 288 29.40 9.59 -9.16
C ARG A 288 29.93 8.15 -8.89
N ILE A 289 31.06 7.81 -9.46
CA ILE A 289 31.86 6.72 -8.89
C ILE A 289 32.68 7.26 -7.71
N GLN A 290 32.18 6.98 -6.50
CA GLN A 290 32.55 7.68 -5.29
C GLN A 290 33.90 7.27 -4.66
N ASN A 291 34.83 7.00 -5.56
CA ASN A 291 36.17 6.64 -5.11
C ASN A 291 37.20 7.74 -5.34
N TYR A 292 36.71 8.92 -5.76
CA TYR A 292 37.52 10.02 -6.23
C TYR A 292 36.92 11.37 -5.93
N SER A 293 37.64 12.16 -5.12
CA SER A 293 37.22 13.55 -4.85
C SER A 293 38.34 14.56 -4.99
N VAL A 294 37.88 15.79 -5.15
CA VAL A 294 38.71 16.96 -5.37
C VAL A 294 38.21 18.08 -4.45
N MET A 295 39.12 18.66 -3.68
CA MET A 295 38.87 19.89 -2.98
C MET A 295 39.39 21.05 -3.81
N ASP A 296 38.60 22.11 -3.95
CA ASP A 296 38.95 23.35 -4.62
C ASP A 296 39.03 24.42 -3.55
N ILE A 297 40.01 25.31 -3.70
CA ILE A 297 40.09 26.48 -2.87
C ILE A 297 39.83 27.70 -3.76
N CYS A 298 38.88 28.54 -3.39
CA CYS A 298 38.50 29.62 -4.26
C CYS A 298 38.59 30.91 -3.58
N ASP A 299 39.39 31.78 -4.19
CA ASP A 299 39.72 33.06 -3.63
C ASP A 299 38.93 34.11 -4.38
N TYR A 300 38.35 35.04 -3.64
CA TYR A 300 37.69 36.20 -4.24
C TYR A 300 38.71 37.20 -4.88
N ASP A 301 38.39 37.70 -6.08
CA ASP A 301 39.18 38.70 -6.81
C ASP A 301 38.57 40.12 -6.78
N GLU A 302 39.06 40.94 -5.84
CA GLU A 302 38.57 42.30 -5.59
C GLU A 302 38.40 43.10 -6.86
N SER A 303 39.24 42.81 -7.87
CA SER A 303 39.32 43.61 -9.09
C SER A 303 38.21 43.28 -10.10
N SER A 304 37.91 42.01 -10.25
CA SER A 304 36.88 41.61 -11.19
C SER A 304 35.54 41.37 -10.46
N GLY A 305 35.61 41.08 -9.16
CA GLY A 305 34.42 40.76 -8.37
C GLY A 305 34.03 39.32 -8.59
N ARG A 306 34.99 38.54 -9.07
CA ARG A 306 34.78 37.13 -9.35
C ARG A 306 35.58 36.22 -8.40
N TRP A 307 35.31 34.92 -8.49
CA TRP A 307 35.97 33.92 -7.63
C TRP A 307 36.83 33.06 -8.48
N ASN A 308 38.13 32.99 -8.16
CA ASN A 308 39.09 32.21 -8.97
C ASN A 308 39.54 30.99 -8.17
N CYS A 309 39.60 29.84 -8.82
CA CYS A 309 39.99 28.57 -8.18
C CYS A 309 41.23 28.01 -8.86
N LEU A 310 42.44 28.36 -8.39
CA LEU A 310 43.67 27.84 -9.00
C LEU A 310 43.80 26.32 -8.93
N VAL A 311 43.97 25.70 -10.11
CA VAL A 311 44.21 24.25 -10.23
C VAL A 311 45.34 23.66 -9.32
N ALA A 312 46.30 24.50 -8.97
CA ALA A 312 47.39 24.14 -8.06
C ALA A 312 47.01 24.07 -6.58
N ARG A 313 45.81 24.51 -6.25
CA ARG A 313 45.32 24.40 -4.89
C ARG A 313 44.41 23.19 -4.69
N GLN A 314 44.13 22.49 -5.76
CA GLN A 314 43.27 21.32 -5.74
C GLN A 314 43.94 20.17 -5.06
N HIS A 315 43.24 19.64 -4.08
CA HIS A 315 43.68 18.48 -3.39
C HIS A 315 42.77 17.30 -3.83
N ILE A 316 43.37 16.15 -4.11
CA ILE A 316 42.68 14.96 -4.49
C ILE A 316 42.70 13.99 -3.34
N GLU A 317 41.55 13.40 -3.06
CA GLU A 317 41.42 12.32 -2.10
C GLU A 317 40.67 11.19 -2.80
N MET A 318 41.36 10.08 -2.97
CA MET A 318 40.80 8.98 -3.69
C MET A 318 41.03 7.70 -2.90
N SER A 319 40.23 6.68 -3.18
CA SER A 319 40.47 5.39 -2.55
C SER A 319 40.74 4.33 -3.62
N THR A 320 41.72 3.49 -3.33
CA THR A 320 41.92 2.30 -4.10
C THR A 320 41.21 1.03 -3.55
N THR A 321 40.63 1.02 -2.34
CA THR A 321 40.01 -0.22 -1.83
C THR A 321 38.49 -0.17 -1.61
N GLY A 322 37.93 1.02 -1.75
CA GLY A 322 36.58 1.30 -1.41
C GLY A 322 36.18 2.66 -1.89
N TRP A 323 35.45 3.37 -1.05
CA TRP A 323 34.90 4.66 -1.37
C TRP A 323 35.63 5.70 -0.55
N VAL A 324 35.34 6.98 -0.79
CA VAL A 324 35.94 8.07 0.01
C VAL A 324 35.16 8.56 1.25
N GLY A 325 35.82 8.56 2.40
CA GLY A 325 35.24 8.95 3.65
C GLY A 325 34.50 7.77 4.23
N ARG A 326 33.93 8.00 5.42
CA ARG A 326 33.07 7.02 6.04
C ARG A 326 31.75 6.97 5.26
N PHE A 327 31.08 8.13 5.14
CA PHE A 327 29.90 8.40 4.33
C PHE A 327 30.13 9.42 3.24
N ARG A 328 30.98 10.36 3.51
CA ARG A 328 31.38 11.31 2.54
C ARG A 328 32.78 11.78 2.96
N PRO A 329 33.44 12.53 2.07
CA PRO A 329 34.73 13.14 2.48
C PRO A 329 34.56 13.98 3.76
N SER A 330 35.49 13.79 4.67
CA SER A 330 35.55 14.60 5.85
C SER A 330 35.87 16.03 5.52
N GLU A 331 35.40 16.90 6.38
CA GLU A 331 35.54 18.34 6.24
C GLU A 331 36.87 18.85 6.82
N PRO A 332 37.40 19.87 6.17
CA PRO A 332 38.63 20.50 6.58
C PRO A 332 38.38 21.50 7.68
N HIS A 333 39.37 21.65 8.55
CA HIS A 333 39.41 22.66 9.59
C HIS A 333 40.60 23.58 9.39
N PHE A 334 40.30 24.79 8.98
CA PHE A 334 41.25 25.80 8.63
C PHE A 334 41.85 26.53 9.80
N THR A 335 43.14 26.81 9.65
CA THR A 335 43.87 27.70 10.51
C THR A 335 43.31 29.08 10.29
N LEU A 336 43.30 29.91 11.34
CA LEU A 336 42.70 31.24 11.32
C LEU A 336 43.08 32.05 10.09
N ASP A 337 44.35 31.91 9.68
CA ASP A 337 44.92 32.50 8.46
C ASP A 337 44.34 31.91 7.16
N GLY A 338 43.75 30.72 7.21
CA GLY A 338 43.23 30.19 5.97
C GLY A 338 44.24 29.62 5.00
N ASN A 339 45.50 29.52 5.40
CA ASN A 339 46.52 28.99 4.50
C ASN A 339 46.80 27.50 4.72
N SER A 340 46.15 26.92 5.70
CA SER A 340 46.34 25.50 5.90
C SER A 340 45.18 24.97 6.68
N PHE A 341 45.13 23.66 6.75
CA PHE A 341 43.98 22.97 7.34
C PHE A 341 44.28 21.56 7.78
N TYR A 342 43.40 21.08 8.64
CA TYR A 342 43.49 19.74 9.15
C TYR A 342 42.26 18.93 8.72
N LYS A 343 42.45 17.65 8.41
CA LYS A 343 41.39 16.81 7.82
C LYS A 343 41.69 15.39 8.23
N ILE A 344 40.65 14.58 8.41
CA ILE A 344 40.84 13.16 8.71
C ILE A 344 40.85 12.45 7.41
N ILE A 345 41.84 11.55 7.25
CA ILE A 345 42.07 10.79 6.01
C ILE A 345 42.51 9.43 6.44
N SER A 346 42.23 8.47 5.58
CA SER A 346 42.69 7.11 5.77
C SER A 346 44.20 7.03 5.47
N ASN A 347 45.02 6.48 6.37
CA ASN A 347 46.47 6.46 6.14
C ASN A 347 46.91 5.22 5.36
N GLU A 348 48.21 5.07 5.16
CA GLU A 348 48.78 3.97 4.40
C GLU A 348 48.31 2.62 4.92
N GLU A 349 48.00 2.48 6.20
CA GLU A 349 47.56 1.16 6.69
C GLU A 349 46.02 0.97 6.79
N GLY A 350 45.20 1.93 6.34
CA GLY A 350 43.74 1.84 6.51
C GLY A 350 43.05 2.57 7.67
N TYR A 351 43.83 3.30 8.46
CA TYR A 351 43.29 3.96 9.66
C TYR A 351 43.12 5.43 9.45
N ARG A 352 42.01 5.96 9.93
CA ARG A 352 41.60 7.33 9.74
C ARG A 352 42.22 8.24 10.78
N HIS A 353 43.22 9.01 10.30
CA HIS A 353 44.00 9.94 11.11
C HIS A 353 44.02 11.36 10.59
N ILE A 354 44.49 12.27 11.42
CA ILE A 354 44.40 13.69 11.15
C ILE A 354 45.63 13.98 10.36
N CYS A 355 45.39 14.67 9.24
CA CYS A 355 46.42 15.07 8.31
C CYS A 355 46.49 16.61 8.23
N TYR A 356 47.69 17.13 8.19
CA TYR A 356 47.96 18.58 8.07
C TYR A 356 48.30 18.90 6.64
N PHE A 357 47.58 19.87 6.08
CA PHE A 357 47.76 20.28 4.69
C PHE A 357 48.09 21.76 4.61
N GLN A 358 49.07 22.12 3.81
CA GLN A 358 49.31 23.56 3.54
C GLN A 358 48.94 23.88 2.10
N ILE A 359 48.27 24.99 1.90
CA ILE A 359 47.40 25.20 0.72
C ILE A 359 48.04 25.15 -0.66
N ASP A 360 49.22 25.71 -0.85
CA ASP A 360 49.85 25.65 -2.21
C ASP A 360 51.03 24.65 -2.22
N LYS A 361 50.86 23.51 -1.54
CA LYS A 361 51.92 22.50 -1.39
C LYS A 361 51.30 21.13 -1.45
N LYS A 362 52.11 20.15 -1.83
CA LYS A 362 51.61 18.88 -2.33
C LYS A 362 51.01 17.97 -1.28
N ASP A 363 51.86 17.60 -0.35
CA ASP A 363 51.61 16.39 0.35
C ASP A 363 50.62 16.59 1.49
N CYS A 364 50.80 15.87 2.57
CA CYS A 364 50.11 16.23 3.78
C CYS A 364 50.94 15.52 4.82
N THR A 365 50.81 15.97 6.05
CA THR A 365 51.59 15.42 7.15
C THR A 365 50.62 14.84 8.11
N PHE A 366 50.73 13.54 8.30
CA PHE A 366 50.01 12.87 9.32
C PHE A 366 50.49 13.22 10.75
N ILE A 367 49.56 13.71 11.58
CA ILE A 367 49.93 14.10 12.93
C ILE A 367 49.47 13.11 14.00
N THR A 368 48.57 12.22 13.68
CA THR A 368 48.29 11.05 14.52
C THR A 368 48.57 9.76 13.74
N LYS A 369 48.80 8.69 14.49
CA LYS A 369 48.83 7.33 13.93
C LYS A 369 48.50 6.22 14.96
N GLY A 370 48.26 5.00 14.47
CA GLY A 370 48.01 3.88 15.37
C GLY A 370 46.90 3.02 14.89
N THR A 371 46.72 1.89 15.54
CA THR A 371 45.71 0.96 15.20
C THR A 371 44.34 1.35 15.87
N TRP A 372 43.88 2.58 15.60
CA TRP A 372 42.62 3.15 16.11
C TRP A 372 42.25 4.31 15.17
N GLU A 373 41.06 4.91 15.33
CA GLU A 373 40.65 5.97 14.48
C GLU A 373 40.29 7.27 15.18
N VAL A 374 40.63 8.37 14.54
CA VAL A 374 40.07 9.68 14.87
C VAL A 374 38.63 9.74 14.42
N ILE A 375 37.74 10.14 15.31
CA ILE A 375 36.30 10.17 14.96
C ILE A 375 35.99 11.49 14.33
N GLY A 376 36.40 12.55 14.98
CA GLY A 376 36.26 13.88 14.45
C GLY A 376 37.18 14.88 15.17
N ILE A 377 37.51 15.93 14.45
CA ILE A 377 38.20 17.03 14.99
C ILE A 377 37.15 18.01 15.51
N GLU A 378 37.34 18.48 16.71
CA GLU A 378 36.34 19.26 17.42
C GLU A 378 36.69 20.76 17.58
N ALA A 379 37.99 21.06 17.62
CA ALA A 379 38.40 22.44 17.71
C ALA A 379 39.89 22.59 17.40
N LEU A 380 40.22 23.80 16.96
CA LEU A 380 41.53 24.16 16.49
C LEU A 380 41.78 25.55 17.02
N THR A 381 42.86 25.68 17.78
CA THR A 381 43.33 26.97 18.25
C THR A 381 44.77 27.09 17.74
N SER A 382 45.43 28.21 18.05
CA SER A 382 46.79 28.37 17.57
C SER A 382 47.77 27.34 18.13
N ASP A 383 47.48 26.74 19.31
CA ASP A 383 48.45 25.80 19.97
C ASP A 383 48.08 24.32 19.96
N TYR A 384 46.77 24.03 19.89
CA TYR A 384 46.25 22.69 20.07
C TYR A 384 45.17 22.38 19.06
N LEU A 385 45.08 21.12 18.67
CA LEU A 385 43.94 20.57 17.96
C LEU A 385 43.31 19.60 18.95
N TYR A 386 42.00 19.76 19.13
CA TYR A 386 41.15 18.89 20.01
C TYR A 386 40.38 17.94 19.16
N TYR A 387 40.60 16.66 19.38
CA TYR A 387 39.88 15.67 18.64
C TYR A 387 39.30 14.55 19.49
N ILE A 388 38.36 13.84 18.89
CA ILE A 388 37.70 12.72 19.52
C ILE A 388 38.18 11.49 18.78
N SER A 389 38.60 10.48 19.57
CA SER A 389 38.98 9.16 19.07
C SER A 389 38.58 7.99 19.97
N ASN A 390 38.78 6.78 19.44
CA ASN A 390 38.59 5.56 20.21
C ASN A 390 39.89 4.84 20.57
N GLU A 391 40.95 5.60 20.75
CA GLU A 391 42.25 4.98 21.11
C GLU A 391 42.22 4.29 22.46
N TYR A 392 41.53 4.91 23.43
CA TYR A 392 41.64 4.47 24.85
C TYR A 392 41.35 2.99 25.06
N LYS A 393 42.28 2.30 25.70
CA LYS A 393 42.12 0.90 25.95
C LYS A 393 41.86 0.02 24.72
N GLY A 394 42.20 0.52 23.52
CA GLY A 394 41.92 -0.19 22.26
C GLY A 394 40.46 -0.61 22.09
N MET A 395 39.51 0.11 22.68
CA MET A 395 38.06 -0.17 22.49
C MET A 395 37.42 0.63 21.35
N PRO A 396 37.20 0.02 20.22
CA PRO A 396 36.63 0.77 19.09
C PRO A 396 35.28 1.48 19.40
N GLY A 397 34.61 1.01 20.46
CA GLY A 397 33.31 1.55 20.80
C GLY A 397 33.28 2.54 21.95
N GLY A 398 34.48 2.98 22.36
CA GLY A 398 34.67 4.04 23.37
C GLY A 398 35.03 5.30 22.63
N ARG A 399 34.84 6.45 23.27
CA ARG A 399 35.10 7.75 22.66
C ARG A 399 35.59 8.68 23.72
N ASN A 400 36.68 9.39 23.41
CA ASN A 400 37.36 10.30 24.33
C ASN A 400 37.89 11.51 23.62
N LEU A 401 37.93 12.64 24.35
CA LEU A 401 38.50 13.87 23.85
C LEU A 401 39.98 13.94 24.11
N TYR A 402 40.76 14.34 23.10
CA TYR A 402 42.20 14.50 23.21
C TYR A 402 42.66 15.86 22.69
N LYS A 403 43.84 16.32 23.12
CA LYS A 403 44.47 17.45 22.47
C LYS A 403 45.89 17.11 22.06
N ILE A 404 46.25 17.67 20.91
CA ILE A 404 47.57 17.52 20.39
C ILE A 404 48.20 18.87 20.24
N GLN A 405 49.45 18.98 20.74
CA GLN A 405 50.18 20.18 20.69
C GLN A 405 50.71 20.34 19.30
N LEU A 406 50.37 21.45 18.69
CA LEU A 406 50.68 21.70 17.30
C LEU A 406 52.18 21.95 17.04
N SER A 407 52.91 22.44 18.03
CA SER A 407 54.40 22.50 18.06
C SER A 407 55.17 21.19 18.36
N ASP A 408 54.47 20.16 18.82
CA ASP A 408 55.09 18.85 18.99
C ASP A 408 54.04 17.72 19.08
N TYR A 409 53.85 17.05 17.92
CA TYR A 409 52.86 15.99 17.70
C TYR A 409 52.93 14.80 18.66
N THR A 410 54.08 14.56 19.26
CA THR A 410 54.22 13.48 20.23
C THR A 410 53.54 13.84 21.57
N LYS A 411 53.23 15.12 21.75
CA LYS A 411 52.58 15.54 22.99
C LYS A 411 51.04 15.54 22.83
N VAL A 412 50.46 14.37 23.05
CA VAL A 412 49.03 14.16 23.13
C VAL A 412 48.49 13.98 24.55
N THR A 413 47.52 14.78 24.91
CA THR A 413 46.91 14.63 26.23
C THR A 413 45.43 14.18 26.14
N CYS A 414 45.14 13.03 26.75
CA CYS A 414 43.73 12.62 26.91
C CYS A 414 43.09 13.48 27.98
N LEU A 415 41.99 14.07 27.60
CA LEU A 415 41.42 15.08 28.43
C LEU A 415 40.24 14.54 29.12
N SER A 416 39.78 13.34 28.78
CA SER A 416 38.52 12.81 29.31
C SER A 416 38.64 11.41 29.88
N CYS A 417 39.57 10.62 29.39
CA CYS A 417 39.80 9.20 29.79
C CYS A 417 39.64 8.88 31.27
N GLU A 418 40.14 9.75 32.14
CA GLU A 418 40.21 9.40 33.56
C GLU A 418 39.41 10.36 34.41
N LEU A 419 38.56 11.15 33.79
CA LEU A 419 37.68 11.98 34.60
C LEU A 419 36.82 11.09 35.51
N ASN A 420 36.26 9.99 34.95
CA ASN A 420 35.46 9.01 35.73
C ASN A 420 35.38 7.69 34.98
N PRO A 421 36.47 6.91 35.03
CA PRO A 421 36.63 5.73 34.19
C PRO A 421 35.59 4.60 34.25
N GLU A 422 35.01 4.26 35.40
CA GLU A 422 33.99 3.18 35.41
C GLU A 422 32.68 3.60 34.79
N ARG A 423 32.31 4.85 35.01
CA ARG A 423 31.06 5.37 34.63
C ARG A 423 31.03 5.94 33.20
N CYS A 424 32.21 6.43 32.75
CA CYS A 424 32.37 7.24 31.55
C CYS A 424 33.42 6.81 30.52
N GLN A 425 32.98 6.43 29.32
CA GLN A 425 33.86 5.91 28.27
C GLN A 425 33.41 6.32 26.89
N TYR A 426 32.43 7.21 26.80
CA TYR A 426 31.88 7.58 25.52
C TYR A 426 31.51 9.06 25.58
N TYR A 427 32.43 9.89 25.17
CA TYR A 427 32.28 11.35 25.26
C TYR A 427 31.97 12.05 23.95
N SER A 428 31.18 13.11 23.97
CA SER A 428 31.19 14.09 22.89
C SER A 428 31.45 15.40 23.56
N VAL A 429 31.52 16.47 22.80
CA VAL A 429 32.00 17.71 23.33
C VAL A 429 31.39 18.87 22.56
N SER A 430 31.34 20.02 23.18
CA SER A 430 30.87 21.20 22.54
C SER A 430 31.73 22.36 23.03
N PHE A 431 32.50 22.94 22.12
CA PHE A 431 33.44 24.02 22.38
C PHE A 431 32.78 25.35 22.27
N SER A 432 33.13 26.29 23.12
CA SER A 432 32.69 27.66 22.94
C SER A 432 33.40 28.28 21.74
N LYS A 433 33.06 29.50 21.39
CA LYS A 433 33.71 30.20 20.27
C LYS A 433 35.16 30.53 20.63
N GLU A 434 36.09 30.14 19.78
CA GLU A 434 37.50 30.28 20.14
C GLU A 434 37.95 29.23 21.16
N ALA A 435 37.07 28.31 21.55
CA ALA A 435 37.45 27.10 22.28
C ALA A 435 38.04 27.40 23.61
N LYS A 436 37.66 28.54 24.16
CA LYS A 436 38.03 28.87 25.52
C LYS A 436 37.47 27.88 26.56
N TYR A 437 36.24 27.42 26.33
CA TYR A 437 35.59 26.46 27.22
C TYR A 437 34.96 25.30 26.46
N TYR A 438 34.82 24.18 27.14
CA TYR A 438 34.10 23.08 26.55
C TYR A 438 33.19 22.28 27.51
N GLN A 439 32.01 21.92 26.96
CA GLN A 439 31.13 21.02 27.62
C GLN A 439 31.50 19.63 27.22
N LEU A 440 31.81 18.75 28.18
CA LEU A 440 31.89 17.33 27.88
C LEU A 440 30.55 16.63 28.18
N ARG A 441 30.16 15.70 27.31
CA ARG A 441 28.93 14.92 27.52
C ARG A 441 29.28 13.43 27.46
N CYS A 442 29.20 12.68 28.57
CA CYS A 442 29.35 11.22 28.44
C CYS A 442 27.99 10.57 28.45
N SER A 443 27.92 9.57 27.59
CA SER A 443 26.70 8.81 27.33
C SER A 443 26.75 7.41 27.82
N GLY A 444 27.85 7.00 28.43
CA GLY A 444 27.90 5.63 28.93
C GLY A 444 29.27 5.21 29.31
N PRO A 445 29.42 4.03 29.91
CA PRO A 445 28.31 3.10 30.17
C PRO A 445 27.44 3.38 31.42
N GLY A 446 27.85 4.31 32.31
CA GLY A 446 26.96 4.74 33.45
C GLY A 446 25.93 5.72 32.91
N LEU A 447 25.16 6.32 33.79
CA LEU A 447 24.21 7.32 33.33
C LEU A 447 24.94 8.56 32.78
N PRO A 448 24.36 9.20 31.79
CA PRO A 448 25.00 10.40 31.26
C PRO A 448 25.34 11.47 32.28
N LEU A 449 26.43 12.15 32.00
CA LEU A 449 27.03 13.12 32.89
C LEU A 449 27.54 14.25 32.00
N TYR A 450 27.14 15.44 32.35
CA TYR A 450 27.41 16.65 31.62
C TYR A 450 28.30 17.60 32.42
N THR A 451 29.47 17.98 31.88
CA THR A 451 30.44 18.84 32.68
C THR A 451 31.03 20.01 31.87
N LEU A 452 31.38 21.07 32.58
CA LEU A 452 31.96 22.24 31.94
C LEU A 452 33.40 22.31 32.34
N HIS A 453 34.23 22.70 31.37
CA HIS A 453 35.67 22.70 31.52
C HIS A 453 36.26 23.92 30.86
N SER A 454 37.41 24.32 31.36
CA SER A 454 38.15 25.44 30.78
C SER A 454 39.39 24.96 30.06
N SER A 455 39.62 25.49 28.87
CA SER A 455 40.66 24.97 28.01
C SER A 455 42.06 25.39 28.41
N VAL A 456 42.21 26.52 29.08
CA VAL A 456 43.57 27.01 29.53
C VAL A 456 44.46 25.98 30.24
N ASN A 457 44.04 25.44 31.38
CA ASN A 457 44.77 24.36 32.06
C ASN A 457 43.91 23.10 32.20
N ASP A 458 42.89 22.98 31.38
CA ASP A 458 41.99 21.85 31.44
C ASP A 458 41.41 21.54 32.81
N LYS A 459 41.05 22.59 33.56
CA LYS A 459 40.34 22.43 34.84
C LYS A 459 38.81 22.21 34.66
N GLY A 460 38.29 21.22 35.37
CA GLY A 460 36.85 21.07 35.66
C GLY A 460 36.36 22.31 36.38
N LEU A 461 35.23 22.81 35.98
CA LEU A 461 34.69 23.99 36.57
C LEU A 461 33.45 23.60 37.40
N ARG A 462 32.62 22.71 36.82
CA ARG A 462 31.21 22.60 37.18
C ARG A 462 30.62 21.29 36.59
N VAL A 463 29.97 20.49 37.42
CA VAL A 463 29.05 19.47 36.95
C VAL A 463 27.78 20.21 36.52
N LEU A 464 27.27 19.90 35.30
CA LEU A 464 26.05 20.54 34.79
C LEU A 464 24.78 19.75 35.14
N GLU A 465 24.84 18.46 34.85
CA GLU A 465 23.71 17.57 35.03
C GLU A 465 24.32 16.18 35.29
N ASP A 466 24.01 15.58 36.41
CA ASP A 466 24.59 14.28 36.76
C ASP A 466 23.56 13.11 36.73
N ASN A 467 22.31 13.42 36.41
CA ASN A 467 21.26 12.40 36.34
C ASN A 467 21.10 11.60 37.63
N SER A 468 21.32 12.26 38.77
CA SER A 468 21.12 11.64 40.09
C SER A 468 19.69 11.22 40.30
N ALA A 469 18.73 12.04 39.84
CA ALA A 469 17.32 11.67 39.95
C ALA A 469 17.04 10.27 39.36
N LEU A 470 17.49 10.06 38.11
CA LEU A 470 17.33 8.79 37.37
C LEU A 470 18.13 7.67 38.04
N ASP A 471 19.35 7.93 38.44
CA ASP A 471 20.07 6.96 39.26
C ASP A 471 19.24 6.38 40.38
N LYS A 472 18.58 7.24 41.14
CA LYS A 472 17.84 6.80 42.31
C LYS A 472 16.66 5.89 41.89
N MET A 473 15.85 6.32 40.92
CA MET A 473 14.79 5.49 40.39
C MET A 473 15.24 4.10 39.90
N LEU A 474 16.39 4.03 39.25
CA LEU A 474 16.82 2.77 38.66
C LEU A 474 17.39 1.80 39.71
N GLN A 475 17.87 2.31 40.84
CA GLN A 475 18.22 1.46 41.97
C GLN A 475 16.98 0.63 42.38
N ASN A 476 15.80 1.21 42.10
CA ASN A 476 14.46 0.61 42.33
C ASN A 476 13.89 -0.29 41.21
N VAL A 477 14.68 -0.56 40.20
CA VAL A 477 14.23 -1.41 39.10
C VAL A 477 15.26 -2.50 38.96
N GLN A 478 14.81 -3.68 38.57
CA GLN A 478 15.71 -4.78 38.26
C GLN A 478 16.27 -4.59 36.84
N MET A 479 17.41 -3.90 36.76
CA MET A 479 18.01 -3.47 35.52
C MET A 479 18.97 -4.50 34.99
N PRO A 480 18.98 -4.66 33.68
CA PRO A 480 19.87 -5.62 33.04
C PRO A 480 21.28 -5.04 33.04
N SER A 481 22.28 -5.86 32.71
CA SER A 481 23.66 -5.39 32.52
C SER A 481 24.13 -5.47 31.07
N LYS A 482 25.16 -4.72 30.76
CA LYS A 482 25.74 -4.81 29.45
C LYS A 482 27.08 -5.45 29.61
N LYS A 483 27.35 -6.49 28.81
CA LYS A 483 28.71 -7.04 28.55
C LYS A 483 29.20 -6.55 27.15
N LEU A 484 30.37 -5.98 27.12
CA LEU A 484 31.02 -5.55 25.91
C LEU A 484 32.36 -6.30 25.79
N ASP A 485 32.53 -7.04 24.71
CA ASP A 485 33.70 -7.87 24.57
C ASP A 485 33.90 -8.19 23.11
N PHE A 486 34.79 -9.12 22.82
CA PHE A 486 35.16 -9.43 21.45
C PHE A 486 35.31 -10.94 21.27
N ILE A 487 35.12 -11.41 20.05
CA ILE A 487 35.42 -12.75 19.64
C ILE A 487 36.36 -12.64 18.47
N ILE A 488 36.87 -13.76 18.00
CA ILE A 488 37.75 -13.81 16.85
C ILE A 488 37.11 -14.61 15.74
N LEU A 489 36.97 -13.95 14.58
CA LEU A 489 36.83 -14.59 13.27
C LEU A 489 38.22 -14.40 12.56
N ASN A 490 38.92 -15.51 12.30
CA ASN A 490 39.98 -15.51 11.30
C ASN A 490 41.10 -14.59 11.72
N GLU A 491 41.55 -14.79 12.94
CA GLU A 491 42.71 -14.05 13.45
C GLU A 491 42.48 -12.51 13.61
N THR A 492 41.24 -12.05 13.37
CA THR A 492 40.83 -10.63 13.65
C THR A 492 39.79 -10.57 14.81
N LYS A 493 39.86 -9.49 15.60
CA LYS A 493 38.92 -9.18 16.70
C LYS A 493 37.64 -8.51 16.23
N PHE A 494 36.50 -9.09 16.57
CA PHE A 494 35.22 -8.45 16.32
C PHE A 494 34.41 -8.23 17.60
N TRP A 495 33.91 -7.04 17.80
CA TRP A 495 33.29 -6.66 19.05
C TRP A 495 31.77 -6.97 19.08
N TYR A 496 31.29 -7.31 20.27
CA TYR A 496 29.90 -7.59 20.44
C TYR A 496 29.49 -7.06 21.80
N GLN A 497 28.21 -6.73 21.91
CA GLN A 497 27.57 -6.40 23.16
C GLN A 497 26.43 -7.36 23.42
N MET A 498 26.19 -7.58 24.72
CA MET A 498 25.15 -8.43 25.22
C MET A 498 24.37 -7.63 26.27
N ILE A 499 23.04 -7.58 26.14
CA ILE A 499 22.22 -7.11 27.25
C ILE A 499 21.75 -8.34 28.02
N LEU A 500 22.12 -8.44 29.28
CA LEU A 500 21.92 -9.63 30.08
C LEU A 500 20.82 -9.30 31.09
N PRO A 501 19.93 -10.27 31.27
CA PRO A 501 18.92 -10.17 32.31
C PRO A 501 19.50 -9.97 33.73
N PRO A 502 18.74 -9.33 34.58
CA PRO A 502 19.16 -9.13 35.95
C PRO A 502 19.18 -10.51 36.72
N HIS A 503 20.16 -10.68 37.61
CA HIS A 503 20.34 -11.94 38.29
C HIS A 503 20.76 -13.01 37.29
N PHE A 504 21.70 -12.63 36.41
CA PHE A 504 22.16 -13.50 35.34
C PHE A 504 22.80 -14.73 35.96
N ASP A 505 22.38 -15.90 35.49
CA ASP A 505 22.93 -17.16 35.91
C ASP A 505 23.48 -17.92 34.69
N LYS A 506 24.81 -17.94 34.55
CA LYS A 506 25.44 -18.58 33.38
C LYS A 506 25.24 -20.13 33.34
N SER A 507 24.71 -20.72 34.40
CA SER A 507 24.36 -22.13 34.35
C SER A 507 22.93 -22.36 33.86
N LYS A 508 22.27 -21.31 33.40
CA LYS A 508 20.93 -21.47 32.84
C LYS A 508 20.97 -21.07 31.37
N LYS A 509 20.11 -21.69 30.55
CA LYS A 509 20.03 -21.33 29.13
C LYS A 509 18.98 -20.24 28.88
N TYR A 510 19.44 -19.14 28.29
CA TYR A 510 18.57 -18.00 27.93
C TYR A 510 18.24 -17.94 26.46
N PRO A 511 17.04 -17.52 26.09
CA PRO A 511 16.76 -17.18 24.69
C PRO A 511 17.58 -15.95 24.24
N LEU A 512 18.08 -15.97 23.01
CA LEU A 512 18.85 -14.83 22.46
C LEU A 512 18.15 -14.15 21.29
N LEU A 513 17.98 -12.84 21.39
CA LEU A 513 17.60 -12.02 20.28
C LEU A 513 18.83 -11.24 19.77
N LEU A 514 19.24 -11.51 18.52
CA LEU A 514 20.24 -10.74 17.83
C LEU A 514 19.63 -9.48 17.18
N ASP A 515 20.13 -8.32 17.64
CA ASP A 515 19.74 -7.02 17.16
C ASP A 515 20.79 -6.56 16.13
N VAL A 516 20.33 -6.35 14.89
CA VAL A 516 21.17 -6.14 13.76
C VAL A 516 20.94 -4.81 13.06
N TYR A 517 22.04 -4.13 12.76
CA TYR A 517 22.12 -3.09 11.74
C TYR A 517 23.06 -3.53 10.60
N ALA A 518 24.37 -3.48 10.86
CA ALA A 518 25.44 -4.07 10.02
C ALA A 518 25.58 -3.35 8.70
N GLY A 519 25.01 -2.17 8.58
CA GLY A 519 25.28 -1.37 7.41
C GLY A 519 26.75 -0.93 7.43
N PRO A 520 27.26 -0.52 6.26
CA PRO A 520 28.63 -0.04 6.14
C PRO A 520 29.01 1.13 7.06
N CYS A 521 30.10 0.94 7.83
CA CYS A 521 30.49 1.91 8.88
C CYS A 521 29.50 2.01 10.05
N SER A 522 28.78 0.94 10.30
CA SER A 522 27.95 0.95 11.43
C SER A 522 28.81 0.44 12.58
N GLN A 523 28.29 0.68 13.76
CA GLN A 523 28.79 0.16 14.99
C GLN A 523 27.63 -0.05 15.94
N LYS A 524 27.45 -1.28 16.41
CA LYS A 524 26.33 -1.59 17.31
C LYS A 524 26.78 -2.11 18.70
N ALA A 525 28.08 -2.28 18.87
CA ALA A 525 28.68 -2.63 20.13
C ALA A 525 29.47 -1.42 20.60
N ASP A 526 29.04 -0.82 21.71
CA ASP A 526 29.66 0.38 22.22
C ASP A 526 29.39 0.56 23.72
N THR A 527 29.94 1.66 24.24
CA THR A 527 29.82 1.92 25.69
C THR A 527 28.68 2.88 25.99
N VAL A 528 27.76 3.11 25.07
CA VAL A 528 26.61 3.94 25.37
C VAL A 528 25.54 3.26 26.21
N PHE A 529 25.00 4.06 27.16
CA PHE A 529 23.91 3.69 28.00
C PHE A 529 22.54 4.00 27.38
N ARG A 530 21.72 2.96 27.22
CA ARG A 530 20.42 3.14 26.57
C ARG A 530 19.31 2.46 27.35
N LEU A 531 18.17 3.15 27.38
CA LEU A 531 16.87 2.60 27.81
C LEU A 531 15.96 2.40 26.62
N ASN A 532 15.81 1.15 26.25
CA ASN A 532 15.13 0.86 24.99
C ASN A 532 14.37 -0.45 25.05
N TRP A 533 14.10 -1.00 23.88
CA TRP A 533 13.32 -2.23 23.80
C TRP A 533 14.06 -3.43 24.34
N ALA A 534 15.35 -3.51 24.04
CA ALA A 534 16.21 -4.53 24.59
C ALA A 534 16.27 -4.52 26.13
N THR A 535 16.18 -3.34 26.75
CA THR A 535 16.19 -3.20 28.20
C THR A 535 15.00 -3.99 28.74
N TYR A 536 13.82 -3.68 28.22
CA TYR A 536 12.57 -4.40 28.56
C TYR A 536 12.68 -5.90 28.31
N LEU A 537 13.18 -6.28 27.15
CA LEU A 537 13.27 -7.69 26.82
C LEU A 537 14.15 -8.43 27.79
N ALA A 538 15.23 -7.80 28.23
CA ALA A 538 16.17 -8.46 29.18
C ALA A 538 15.64 -8.44 30.61
N SER A 539 15.09 -7.29 31.04
CA SER A 539 14.60 -7.06 32.42
C SER A 539 13.32 -7.81 32.77
N THR A 540 12.36 -7.79 31.85
CA THR A 540 11.08 -8.43 32.14
C THR A 540 10.98 -9.86 31.60
N GLU A 541 11.44 -10.05 30.37
CA GLU A 541 11.26 -11.29 29.65
C GLU A 541 12.45 -12.20 29.72
N ASN A 542 13.54 -11.73 30.34
CA ASN A 542 14.77 -12.52 30.51
C ASN A 542 15.29 -13.09 29.22
N ILE A 543 15.31 -12.23 28.20
CA ILE A 543 15.95 -12.53 26.94
C ILE A 543 17.32 -11.82 26.85
N ILE A 544 18.35 -12.51 26.39
CA ILE A 544 19.61 -11.85 26.15
C ILE A 544 19.45 -11.20 24.81
N VAL A 545 19.68 -9.90 24.73
CA VAL A 545 19.82 -9.20 23.48
C VAL A 545 21.32 -8.89 23.12
N ALA A 546 21.73 -9.40 21.97
CA ALA A 546 23.07 -9.26 21.48
C ALA A 546 23.16 -8.47 20.15
N SER A 547 24.33 -7.83 19.97
CA SER A 547 24.59 -7.05 18.82
C SER A 547 26.04 -7.30 18.58
N PHE A 548 26.40 -7.49 17.29
CA PHE A 548 27.73 -7.90 16.79
C PHE A 548 28.24 -6.98 15.63
N ASP A 549 29.49 -6.51 15.74
CA ASP A 549 30.08 -5.67 14.67
C ASP A 549 31.05 -6.46 13.82
N GLY A 550 30.66 -6.89 12.63
CA GLY A 550 31.56 -7.67 11.76
C GLY A 550 32.21 -6.89 10.62
N ARG A 551 32.43 -7.59 9.50
CA ARG A 551 32.94 -6.93 8.32
C ARG A 551 31.97 -5.96 7.77
N GLY A 552 32.49 -4.79 7.43
CA GLY A 552 31.66 -3.70 7.00
C GLY A 552 31.57 -2.66 8.09
N SER A 553 31.75 -3.09 9.34
CA SER A 553 31.52 -2.18 10.46
C SER A 553 32.57 -1.10 10.56
N GLY A 554 32.29 -0.06 11.31
CA GLY A 554 33.20 1.08 11.35
C GLY A 554 34.19 1.22 12.51
N TYR A 555 35.07 2.20 12.33
CA TYR A 555 35.88 2.73 13.43
C TYR A 555 36.98 1.81 13.85
N GLN A 556 37.31 0.85 12.99
CA GLN A 556 38.40 -0.14 13.19
C GLN A 556 39.20 -0.26 11.90
N GLY A 557 39.22 0.79 11.08
CA GLY A 557 40.04 0.71 9.87
C GLY A 557 39.25 0.33 8.64
N ASP A 558 39.85 0.61 7.47
CA ASP A 558 39.33 0.28 6.17
C ASP A 558 39.35 -1.20 5.80
N LYS A 559 40.28 -1.97 6.35
CA LYS A 559 40.34 -3.37 6.01
C LYS A 559 39.04 -4.07 6.38
N ILE A 560 38.54 -3.76 7.56
CA ILE A 560 37.26 -4.23 8.02
C ILE A 560 36.11 -3.48 7.28
N MET A 561 36.21 -2.16 7.21
CA MET A 561 35.11 -1.36 6.70
C MET A 561 34.83 -1.67 5.22
N HIS A 562 35.88 -1.86 4.44
CA HIS A 562 35.82 -1.99 2.96
C HIS A 562 35.75 -3.44 2.49
N ALA A 563 35.69 -4.39 3.43
CA ALA A 563 35.57 -5.79 3.06
C ALA A 563 34.29 -6.03 2.29
N ILE A 564 33.38 -5.09 2.40
CA ILE A 564 32.02 -5.29 1.97
C ILE A 564 31.84 -4.61 0.64
N ASN A 565 32.91 -4.01 0.12
CA ASN A 565 32.85 -3.14 -1.05
C ASN A 565 32.37 -3.86 -2.26
N ARG A 566 31.46 -3.26 -3.01
CA ARG A 566 30.85 -3.87 -4.23
C ARG A 566 30.15 -5.20 -3.96
N ARG A 567 29.85 -5.43 -2.68
CA ARG A 567 29.49 -6.74 -2.22
C ARG A 567 28.52 -6.68 -1.06
N LEU A 568 27.59 -5.75 -1.04
CA LEU A 568 26.60 -5.75 0.07
C LEU A 568 25.78 -7.07 0.08
N GLY A 569 25.37 -7.52 1.23
CA GLY A 569 24.57 -8.77 1.28
C GLY A 569 25.42 -10.04 1.44
N THR A 570 26.69 -9.89 1.75
CA THR A 570 27.55 -11.06 1.82
C THR A 570 28.14 -11.12 3.19
N PHE A 571 29.34 -10.56 3.36
CA PHE A 571 30.16 -10.80 4.58
C PHE A 571 29.50 -10.31 5.84
N GLU A 572 28.75 -9.23 5.68
CA GLU A 572 28.04 -8.65 6.80
C GLU A 572 26.90 -9.56 7.22
N VAL A 573 26.39 -10.37 6.30
CA VAL A 573 25.29 -11.30 6.63
C VAL A 573 25.85 -12.58 7.27
N GLU A 574 26.88 -13.14 6.61
CA GLU A 574 27.64 -14.32 7.13
C GLU A 574 28.15 -14.12 8.52
N ASP A 575 28.76 -12.96 8.73
CA ASP A 575 29.34 -12.60 10.05
C ASP A 575 28.35 -12.63 11.19
N GLN A 576 27.09 -12.19 10.92
CA GLN A 576 25.97 -12.32 11.87
C GLN A 576 25.56 -13.76 12.17
N ILE A 577 25.51 -14.58 11.15
CA ILE A 577 25.23 -15.99 11.34
C ILE A 577 26.36 -16.69 12.18
N GLU A 578 27.59 -16.30 11.91
CA GLU A 578 28.73 -16.84 12.62
C GLU A 578 28.74 -16.38 14.08
N ALA A 579 28.38 -15.12 14.33
CA ALA A 579 28.35 -14.55 15.68
C ALA A 579 27.31 -15.32 16.50
N ALA A 580 26.14 -15.51 15.88
CA ALA A 580 25.09 -16.30 16.46
C ALA A 580 25.55 -17.73 16.87
N ARG A 581 26.22 -18.47 15.96
CA ARG A 581 26.77 -19.80 16.26
C ARG A 581 27.73 -19.79 17.44
N GLN A 582 28.49 -18.70 17.56
CA GLN A 582 29.42 -18.58 18.67
C GLN A 582 28.75 -18.15 19.96
N PHE A 583 27.70 -17.35 19.86
CA PHE A 583 26.86 -17.13 21.04
C PHE A 583 26.22 -18.44 21.55
N SER A 584 25.79 -19.31 20.62
CA SER A 584 25.11 -20.56 21.00
C SER A 584 26.02 -21.63 21.56
N LYS A 585 27.34 -21.41 21.52
CA LYS A 585 28.31 -22.37 21.96
C LYS A 585 28.76 -22.02 23.40
N MET A 586 28.86 -20.72 23.68
CA MET A 586 28.77 -20.22 25.09
C MET A 586 27.52 -20.87 25.70
N GLY A 587 27.62 -21.31 26.94
CA GLY A 587 26.68 -22.30 27.44
C GLY A 587 25.45 -21.74 28.11
N PHE A 588 25.29 -20.43 28.12
CA PHE A 588 24.09 -19.85 28.76
C PHE A 588 22.98 -19.42 27.75
N VAL A 589 23.11 -19.86 26.51
CA VAL A 589 22.16 -19.49 25.49
C VAL A 589 21.44 -20.76 25.10
N ASP A 590 20.11 -20.70 25.01
CA ASP A 590 19.29 -21.76 24.43
C ASP A 590 19.30 -21.72 22.90
N ASN A 591 19.91 -22.74 22.29
CA ASN A 591 20.16 -22.69 20.86
C ASN A 591 18.92 -23.06 20.02
N LYS A 592 17.86 -23.54 20.66
CA LYS A 592 16.56 -23.69 20.05
C LYS A 592 15.72 -22.41 20.17
N ARG A 593 16.23 -21.38 20.80
CA ARG A 593 15.51 -20.10 20.82
C ARG A 593 16.44 -18.92 20.48
N ILE A 594 16.89 -18.86 19.24
CA ILE A 594 17.62 -17.66 18.75
C ILE A 594 16.78 -16.96 17.71
N ALA A 595 16.57 -15.67 17.91
CA ALA A 595 15.85 -14.86 16.94
C ALA A 595 16.74 -13.72 16.52
N ILE A 596 16.28 -13.02 15.51
CA ILE A 596 16.96 -11.93 14.87
C ILE A 596 15.98 -10.79 14.52
N TRP A 597 16.46 -9.57 14.60
CA TRP A 597 15.60 -8.51 14.18
C TRP A 597 16.43 -7.30 13.79
N GLY A 598 15.86 -6.49 12.91
CA GLY A 598 16.52 -5.26 12.48
C GLY A 598 15.59 -4.31 11.70
N TRP A 599 16.02 -3.08 11.64
CA TRP A 599 15.30 -1.99 10.99
C TRP A 599 16.24 -1.42 9.93
N SER A 600 15.64 -1.07 8.79
CA SER A 600 16.27 -0.40 7.62
C SER A 600 17.27 -1.35 7.01
N TYR A 601 18.55 -1.05 7.20
CA TYR A 601 19.58 -1.91 6.69
C TYR A 601 19.55 -3.18 7.48
N GLY A 602 19.27 -3.06 8.77
CA GLY A 602 19.18 -4.25 9.62
C GLY A 602 18.03 -5.19 9.23
N GLY A 603 17.01 -4.64 8.61
CA GLY A 603 15.85 -5.46 8.12
C GLY A 603 16.22 -6.17 6.85
N TYR A 604 17.00 -5.54 6.00
CA TYR A 604 17.66 -6.25 4.87
C TYR A 604 18.59 -7.35 5.40
N VAL A 605 19.38 -7.06 6.42
CA VAL A 605 20.30 -8.13 6.94
C VAL A 605 19.56 -9.31 7.59
N THR A 606 18.61 -8.99 8.48
CA THR A 606 17.65 -9.97 9.04
C THR A 606 16.98 -10.86 7.97
N SER A 607 16.45 -10.27 6.88
CA SER A 607 15.84 -11.10 5.85
C SER A 607 16.82 -11.98 5.10
N MET A 608 18.02 -11.45 4.82
CA MET A 608 19.01 -12.23 4.15
C MET A 608 19.50 -13.39 5.03
N VAL A 609 19.63 -13.14 6.32
CA VAL A 609 19.93 -14.21 7.31
C VAL A 609 18.80 -15.29 7.46
N LEU A 610 17.57 -14.85 7.64
CA LEU A 610 16.48 -15.81 7.65
C LEU A 610 16.40 -16.61 6.36
N GLY A 611 16.66 -15.96 5.21
CA GLY A 611 16.62 -16.62 3.92
C GLY A 611 17.91 -17.38 3.57
N SER A 612 18.81 -17.57 4.57
CA SER A 612 20.13 -18.18 4.25
C SER A 612 20.11 -19.68 4.34
N GLY A 613 19.15 -20.23 5.04
CA GLY A 613 19.07 -21.69 5.20
C GLY A 613 20.04 -22.25 6.24
N SER A 614 20.55 -21.36 7.10
CA SER A 614 21.55 -21.71 8.06
C SER A 614 21.11 -22.64 9.23
N GLY A 615 19.84 -22.60 9.56
CA GLY A 615 19.23 -23.42 10.61
C GLY A 615 19.40 -22.87 12.02
N VAL A 616 20.03 -21.71 12.13
CA VAL A 616 20.41 -21.17 13.42
C VAL A 616 19.27 -20.43 14.09
N PHE A 617 18.42 -19.79 13.29
CA PHE A 617 17.44 -18.83 13.79
C PHE A 617 16.04 -19.38 13.69
N LYS A 618 15.28 -19.25 14.75
CA LYS A 618 13.88 -19.75 14.75
C LYS A 618 12.96 -18.77 14.04
N CYS A 619 13.26 -17.52 14.21
CA CYS A 619 12.37 -16.49 13.84
C CYS A 619 13.01 -15.10 13.79
N GLY A 620 12.32 -14.18 13.13
CA GLY A 620 12.88 -12.89 12.94
C GLY A 620 11.87 -11.88 12.49
N ILE A 621 12.21 -10.61 12.75
CA ILE A 621 11.40 -9.45 12.40
C ILE A 621 12.26 -8.50 11.57
N ALA A 622 11.78 -8.20 10.34
CA ALA A 622 12.33 -7.19 9.45
C ALA A 622 11.41 -5.95 9.35
N VAL A 623 11.93 -4.79 9.77
CA VAL A 623 11.11 -3.56 9.71
C VAL A 623 11.72 -2.66 8.66
N ALA A 624 10.88 -2.22 7.77
CA ALA A 624 11.24 -1.37 6.67
C ALA A 624 12.48 -1.72 5.94
N PRO A 625 12.64 -2.97 5.53
CA PRO A 625 13.85 -3.44 4.93
C PRO A 625 14.04 -2.99 3.49
N VAL A 626 15.29 -2.88 3.09
CA VAL A 626 15.60 -2.99 1.71
C VAL A 626 15.52 -4.48 1.29
N SER A 627 15.11 -4.72 0.05
CA SER A 627 15.03 -6.09 -0.46
C SER A 627 15.89 -6.28 -1.72
N ARG A 628 16.20 -5.21 -2.43
CA ARG A 628 16.90 -5.24 -3.68
C ARG A 628 17.53 -3.84 -3.80
N TRP A 629 18.82 -3.74 -4.14
CA TRP A 629 19.51 -2.46 -4.07
C TRP A 629 19.11 -1.44 -5.20
N GLU A 630 18.61 -1.94 -6.35
CA GLU A 630 18.06 -1.11 -7.38
C GLU A 630 16.88 -0.27 -6.96
N TYR A 631 16.23 -0.66 -5.91
CA TYR A 631 15.17 0.12 -5.38
C TYR A 631 15.58 1.27 -4.50
N TYR A 632 16.81 1.28 -3.98
CA TYR A 632 17.18 2.29 -2.99
C TYR A 632 17.84 3.44 -3.76
N ASP A 633 18.11 4.59 -3.14
CA ASP A 633 18.66 5.71 -3.85
C ASP A 633 20.10 5.54 -4.37
N SER A 634 20.40 6.31 -5.42
CA SER A 634 21.69 6.18 -6.10
C SER A 634 22.84 6.59 -5.23
N VAL A 635 22.68 7.64 -4.47
CA VAL A 635 23.86 8.15 -3.79
C VAL A 635 24.39 7.16 -2.80
N TYR A 636 23.55 6.59 -1.96
CA TYR A 636 24.01 5.63 -0.96
C TYR A 636 24.34 4.31 -1.61
N THR A 637 23.45 3.86 -2.49
CA THR A 637 23.68 2.52 -3.05
C THR A 637 24.99 2.42 -3.83
N GLU A 638 25.15 3.35 -4.77
CA GLU A 638 26.26 3.33 -5.73
C GLU A 638 27.63 3.53 -5.07
N ARG A 639 27.63 4.11 -3.87
CA ARG A 639 28.79 4.24 -3.00
C ARG A 639 29.42 2.92 -2.66
N TYR A 640 28.55 1.96 -2.26
CA TYR A 640 28.93 0.60 -1.82
C TYR A 640 28.89 -0.41 -2.97
N MET A 641 28.05 -0.14 -3.94
CA MET A 641 27.70 -1.15 -4.97
C MET A 641 28.08 -0.89 -6.46
N GLY A 642 28.60 0.30 -6.76
CA GLY A 642 28.81 0.72 -8.13
C GLY A 642 27.46 0.81 -8.81
N LEU A 643 27.47 0.67 -10.12
CA LEU A 643 26.26 0.85 -10.95
C LEU A 643 25.68 -0.49 -11.29
N PRO A 644 24.35 -0.61 -11.35
CA PRO A 644 23.70 -1.86 -11.82
C PRO A 644 23.66 -1.98 -13.37
N THR A 645 24.84 -2.03 -13.96
CA THR A 645 25.05 -2.31 -15.35
C THR A 645 25.98 -3.53 -15.50
N PRO A 646 25.91 -4.23 -16.65
CA PRO A 646 26.80 -5.38 -16.96
C PRO A 646 28.24 -5.00 -17.17
N GLU A 647 28.51 -3.73 -17.45
CA GLU A 647 29.88 -3.30 -17.49
C GLU A 647 30.40 -3.08 -16.08
N ASP A 648 29.50 -2.94 -15.08
CA ASP A 648 29.92 -2.56 -13.71
C ASP A 648 29.51 -3.70 -12.73
N ASN A 649 28.42 -3.59 -11.99
CA ASN A 649 28.21 -4.59 -10.91
C ASN A 649 26.80 -5.21 -10.86
N LEU A 650 26.11 -5.23 -12.03
CA LEU A 650 24.82 -5.83 -12.12
C LEU A 650 24.67 -7.24 -11.54
N ASP A 651 25.64 -8.10 -11.75
CA ASP A 651 25.55 -9.44 -11.23
C ASP A 651 25.44 -9.47 -9.70
N HIS A 652 26.19 -8.68 -8.96
CA HIS A 652 25.96 -8.76 -7.50
C HIS A 652 24.69 -7.99 -7.06
N TYR A 653 24.21 -7.04 -7.83
CA TYR A 653 22.92 -6.48 -7.55
C TYR A 653 21.87 -7.60 -7.58
N ARG A 654 21.97 -8.50 -8.54
CA ARG A 654 20.95 -9.57 -8.79
C ARG A 654 21.06 -10.77 -7.85
N ASN A 655 22.25 -11.02 -7.35
CA ASN A 655 22.55 -12.08 -6.41
C ASN A 655 22.30 -11.61 -4.98
N SER A 656 21.98 -10.32 -4.74
CA SER A 656 21.90 -9.78 -3.33
C SER A 656 20.52 -9.39 -2.80
N THR A 657 19.52 -9.94 -3.48
CA THR A 657 18.15 -9.68 -3.16
C THR A 657 17.63 -10.66 -2.15
N VAL A 658 16.71 -10.14 -1.36
CA VAL A 658 15.91 -10.95 -0.47
C VAL A 658 15.03 -11.95 -1.24
N MET A 659 14.40 -11.47 -2.27
CA MET A 659 13.48 -12.29 -3.09
C MET A 659 14.05 -13.59 -3.62
N SER A 660 15.32 -13.59 -4.01
CA SER A 660 15.94 -14.78 -4.53
C SER A 660 16.07 -15.87 -3.46
N ARG A 661 16.01 -15.50 -2.16
CA ARG A 661 16.09 -16.45 -1.08
C ARG A 661 14.71 -16.92 -0.54
N ALA A 662 13.64 -16.65 -1.26
CA ALA A 662 12.30 -16.91 -0.73
C ALA A 662 12.07 -18.35 -0.25
N GLU A 663 12.40 -19.35 -1.07
CA GLU A 663 12.18 -20.75 -0.62
C GLU A 663 12.72 -21.04 0.81
N ASN A 664 13.83 -20.43 1.15
CA ASN A 664 14.44 -20.76 2.41
C ASN A 664 13.62 -20.27 3.62
N PHE A 665 12.68 -19.37 3.42
CA PHE A 665 11.91 -18.87 4.56
C PHE A 665 10.94 -19.92 5.05
N LYS A 666 10.83 -21.05 4.40
CA LYS A 666 9.87 -22.05 4.91
C LYS A 666 10.40 -22.68 6.20
N GLN A 667 11.69 -22.47 6.54
CA GLN A 667 12.33 -23.04 7.75
C GLN A 667 12.13 -22.13 8.99
N VAL A 668 11.60 -20.91 8.81
CA VAL A 668 11.58 -19.87 9.89
C VAL A 668 10.20 -19.16 10.05
N GLU A 669 9.95 -18.52 11.18
CA GLU A 669 8.76 -17.69 11.38
C GLU A 669 9.23 -16.25 11.18
N TYR A 670 8.64 -15.56 10.23
CA TYR A 670 9.10 -14.24 9.77
C TYR A 670 7.99 -13.25 9.94
N LEU A 671 8.33 -12.07 10.45
CA LEU A 671 7.39 -11.01 10.60
C LEU A 671 7.96 -9.80 9.86
N LEU A 672 7.18 -9.31 8.90
CA LEU A 672 7.61 -8.26 8.00
C LEU A 672 6.73 -7.03 8.18
N ILE A 673 7.31 -5.86 8.38
CA ILE A 673 6.63 -4.63 8.76
C ILE A 673 7.12 -3.45 7.95
N HIS A 674 6.19 -2.60 7.52
CA HIS A 674 6.59 -1.40 6.72
C HIS A 674 5.52 -0.35 6.82
N GLY A 675 5.91 0.92 6.86
CA GLY A 675 4.98 2.04 6.73
C GLY A 675 4.72 2.34 5.29
N THR A 676 3.48 2.68 4.97
CA THR A 676 3.08 2.92 3.58
C THR A 676 3.50 4.27 2.98
N ALA A 677 3.79 5.25 3.81
CA ALA A 677 4.30 6.52 3.35
C ALA A 677 5.81 6.63 3.55
N ASP A 678 6.49 5.51 3.51
CA ASP A 678 7.94 5.55 3.62
C ASP A 678 8.58 6.12 2.31
N ASP A 679 9.15 7.31 2.43
CA ASP A 679 9.74 8.05 1.31
C ASP A 679 11.18 7.68 1.09
N ASN A 680 11.76 6.95 2.06
CA ASN A 680 13.15 6.59 2.06
C ASN A 680 13.36 5.17 1.55
N VAL A 681 12.93 4.17 2.33
CA VAL A 681 12.85 2.80 1.88
C VAL A 681 11.40 2.56 1.47
N HIS A 682 11.14 2.49 0.17
CA HIS A 682 9.76 2.52 -0.30
C HIS A 682 9.00 1.29 0.07
N PHE A 683 7.70 1.44 0.31
CA PHE A 683 6.89 0.27 0.62
C PHE A 683 7.11 -0.82 -0.44
N GLN A 684 7.27 -0.40 -1.71
CA GLN A 684 7.67 -1.29 -2.82
C GLN A 684 8.63 -2.42 -2.41
N GLN A 685 9.62 -2.10 -1.58
CA GLN A 685 10.60 -3.09 -1.16
C GLN A 685 10.02 -4.29 -0.45
N SER A 686 9.06 -4.03 0.46
CA SER A 686 8.40 -5.10 1.22
C SER A 686 7.28 -5.76 0.45
N ALA A 687 6.64 -5.00 -0.39
CA ALA A 687 5.67 -5.53 -1.33
C ALA A 687 6.27 -6.57 -2.22
N GLN A 688 7.47 -6.37 -2.69
CA GLN A 688 8.14 -7.36 -3.52
C GLN A 688 8.62 -8.59 -2.74
N ILE A 689 9.02 -8.39 -1.48
CA ILE A 689 9.32 -9.54 -0.59
C ILE A 689 8.09 -10.41 -0.37
N SER A 690 6.96 -9.81 0.11
CA SER A 690 5.75 -10.53 0.31
C SER A 690 5.33 -11.27 -0.92
N LYS A 691 5.34 -10.60 -2.08
CA LYS A 691 4.94 -11.22 -3.30
C LYS A 691 5.85 -12.44 -3.59
N ALA A 692 7.16 -12.36 -3.37
CA ALA A 692 8.03 -13.55 -3.63
C ALA A 692 7.74 -14.74 -2.71
N LEU A 693 7.45 -14.44 -1.44
CA LEU A 693 7.11 -15.47 -0.49
C LEU A 693 5.75 -16.16 -0.80
N VAL A 694 4.74 -15.41 -1.14
CA VAL A 694 3.50 -16.00 -1.63
C VAL A 694 3.69 -16.86 -2.89
N ASP A 695 4.46 -16.37 -3.87
CA ASP A 695 4.65 -17.14 -5.10
C ASP A 695 5.25 -18.50 -4.85
N VAL A 696 5.92 -18.63 -3.71
CA VAL A 696 6.63 -19.82 -3.36
C VAL A 696 5.94 -20.59 -2.19
N GLY A 697 4.72 -20.22 -1.81
CA GLY A 697 4.02 -20.89 -0.73
C GLY A 697 4.65 -20.78 0.64
N VAL A 698 5.33 -19.71 0.99
CA VAL A 698 5.81 -19.59 2.35
C VAL A 698 4.85 -18.82 3.18
N ASP A 699 4.47 -19.33 4.36
CA ASP A 699 3.61 -18.50 5.21
C ASP A 699 4.47 -17.58 6.08
N PHE A 700 3.93 -16.40 6.38
CA PHE A 700 4.60 -15.44 7.23
C PHE A 700 3.58 -14.46 7.80
N GLN A 701 4.01 -13.60 8.67
CA GLN A 701 3.20 -12.53 9.20
C GLN A 701 3.66 -11.21 8.64
N ALA A 702 2.73 -10.31 8.52
CA ALA A 702 2.94 -8.95 7.96
C ALA A 702 2.25 -7.88 8.81
N MET A 703 2.70 -6.65 8.71
CA MET A 703 1.91 -5.57 9.22
C MET A 703 2.32 -4.33 8.37
N TRP A 704 1.35 -3.66 7.81
CA TRP A 704 1.62 -2.35 7.24
C TRP A 704 1.25 -1.28 8.28
N TYR A 705 1.81 -0.10 8.20
CA TYR A 705 1.39 1.01 9.06
C TYR A 705 0.99 2.18 8.13
N THR A 706 -0.27 2.43 8.06
CA THR A 706 -0.77 3.46 7.21
C THR A 706 -0.21 4.82 7.54
N ASP A 707 0.30 5.47 6.51
CA ASP A 707 0.75 6.84 6.55
C ASP A 707 1.99 7.09 7.40
N GLU A 708 2.69 6.03 7.80
CA GLU A 708 3.90 6.22 8.62
C GLU A 708 5.08 6.14 7.71
N ASP A 709 6.19 6.76 8.11
CA ASP A 709 7.36 6.77 7.27
C ASP A 709 8.41 5.82 7.78
N HIS A 710 9.65 6.07 7.49
CA HIS A 710 10.68 5.15 7.88
C HIS A 710 10.97 5.02 9.38
N GLY A 711 10.75 6.04 10.18
CA GLY A 711 10.94 5.91 11.61
C GLY A 711 9.72 5.34 12.30
N ILE A 712 8.61 5.23 11.59
CA ILE A 712 7.34 4.78 12.18
C ILE A 712 7.16 5.39 13.56
N ALA A 713 7.29 6.70 13.57
CA ALA A 713 7.62 7.42 14.79
C ALA A 713 6.41 8.12 15.42
N SER A 714 5.29 8.27 14.73
CA SER A 714 4.14 8.84 15.41
C SER A 714 3.93 8.03 16.65
N SER A 715 3.41 8.60 17.74
CA SER A 715 3.57 7.93 19.00
C SER A 715 2.60 6.75 19.14
N THR A 716 1.37 6.82 18.62
CA THR A 716 0.58 5.58 18.62
C THR A 716 1.15 4.42 17.77
N ALA A 717 1.82 4.72 16.67
CA ALA A 717 2.40 3.67 15.83
C ALA A 717 3.61 3.06 16.44
N HIS A 718 4.44 3.92 17.04
CA HIS A 718 5.61 3.50 17.78
C HIS A 718 5.22 2.53 18.87
N GLN A 719 4.20 2.86 19.63
CA GLN A 719 3.67 1.98 20.65
C GLN A 719 3.08 0.67 20.11
N HIS A 720 2.44 0.74 18.95
CA HIS A 720 1.73 -0.41 18.45
C HIS A 720 2.72 -1.37 17.85
N ILE A 721 3.73 -0.87 17.17
CA ILE A 721 4.71 -1.77 16.56
C ILE A 721 5.57 -2.51 17.60
N TYR A 722 6.05 -1.80 18.61
CA TYR A 722 6.82 -2.46 19.66
C TYR A 722 5.98 -3.46 20.46
N THR A 723 4.71 -3.18 20.60
CA THR A 723 3.79 -4.09 21.20
C THR A 723 3.62 -5.31 20.26
N HIS A 724 3.37 -5.06 18.98
CA HIS A 724 3.11 -6.16 18.02
C HIS A 724 4.36 -7.05 17.99
N MET A 725 5.54 -6.43 17.91
CA MET A 725 6.79 -7.18 17.93
C MET A 725 7.04 -7.98 19.21
N SER A 726 6.69 -7.43 20.37
CA SER A 726 6.87 -8.13 21.64
C SER A 726 5.98 -9.36 21.74
N HIS A 727 4.75 -9.30 21.24
CA HIS A 727 3.92 -10.51 21.20
C HIS A 727 4.55 -11.57 20.29
N PHE A 728 5.03 -11.16 19.12
CA PHE A 728 5.61 -12.12 18.17
C PHE A 728 6.82 -12.83 18.79
N ILE A 729 7.69 -12.04 19.42
CA ILE A 729 8.87 -12.60 20.10
C ILE A 729 8.49 -13.55 21.26
N LYS A 730 7.58 -13.11 22.11
CA LYS A 730 7.08 -13.95 23.19
C LYS A 730 6.54 -15.29 22.71
N GLN A 731 5.69 -15.27 21.68
CA GLN A 731 5.15 -16.49 21.08
C GLN A 731 6.26 -17.37 20.46
N CYS A 732 7.21 -16.77 19.76
CA CYS A 732 8.19 -17.58 19.09
C CYS A 732 9.09 -18.28 20.13
N PHE A 733 9.18 -17.70 21.33
CA PHE A 733 10.08 -18.18 22.41
C PHE A 733 9.31 -18.99 23.49
N SER A 734 8.05 -19.34 23.21
CA SER A 734 7.07 -19.86 24.18
C SER A 734 7.13 -19.12 25.53
N LEU A 735 7.18 -17.78 25.51
CA LEU A 735 7.12 -16.97 26.70
C LEU A 735 5.67 -16.63 27.06
N PRO A 736 5.25 -16.78 28.33
CA PRO A 736 3.89 -16.34 28.74
C PRO A 736 3.75 -14.78 28.71
N SER B 9 -15.28 -42.83 7.85
CA SER B 9 -14.47 -43.97 7.36
C SER B 9 -13.04 -43.55 6.82
N ARG B 10 -12.97 -42.81 5.71
CA ARG B 10 -11.72 -42.78 4.94
C ARG B 10 -10.72 -41.64 5.26
N LYS B 11 -10.08 -41.11 4.23
CA LYS B 11 -9.49 -39.78 4.35
C LYS B 11 -10.60 -38.74 4.51
N THR B 12 -10.21 -37.62 5.09
CA THR B 12 -11.05 -36.51 5.17
C THR B 12 -10.68 -35.59 4.00
N TYR B 13 -11.54 -34.59 3.78
CA TYR B 13 -11.36 -33.51 2.80
C TYR B 13 -10.47 -32.42 3.36
N THR B 14 -9.28 -32.30 2.81
CA THR B 14 -8.22 -31.50 3.43
C THR B 14 -8.08 -30.22 2.73
N LEU B 15 -7.22 -29.35 3.27
CA LEU B 15 -7.08 -27.97 2.69
C LEU B 15 -6.43 -27.95 1.30
N THR B 16 -5.56 -28.90 1.09
CA THR B 16 -4.92 -29.20 -0.17
C THR B 16 -5.90 -29.72 -1.19
N ASP B 17 -6.98 -30.39 -0.78
CA ASP B 17 -7.85 -31.05 -1.73
C ASP B 17 -8.55 -29.96 -2.25
N TYR B 18 -8.92 -29.01 -1.37
CA TYR B 18 -9.60 -27.76 -1.82
C TYR B 18 -8.70 -26.82 -2.72
N LEU B 19 -7.56 -26.42 -2.17
CA LEU B 19 -6.57 -25.63 -2.85
C LEU B 19 -6.10 -26.23 -4.15
N LYS B 20 -5.76 -27.54 -4.19
CA LYS B 20 -5.33 -28.16 -5.48
C LYS B 20 -6.48 -28.75 -6.39
N ASN B 21 -7.73 -28.59 -6.03
CA ASN B 21 -8.81 -29.04 -6.93
C ASN B 21 -8.79 -30.53 -7.20
N THR B 22 -8.57 -31.26 -6.12
CA THR B 22 -8.48 -32.69 -6.19
C THR B 22 -9.77 -33.36 -6.64
N TYR B 23 -10.90 -32.85 -6.17
CA TYR B 23 -12.18 -33.43 -6.42
C TYR B 23 -12.96 -32.41 -7.25
N ARG B 24 -13.06 -32.64 -8.54
CA ARG B 24 -13.55 -31.71 -9.54
C ARG B 24 -15.02 -31.98 -10.00
N LEU B 25 -15.90 -30.99 -9.83
CA LEU B 25 -17.25 -30.99 -10.43
C LEU B 25 -17.13 -30.90 -11.95
N LYS B 26 -17.76 -31.82 -12.66
CA LYS B 26 -17.77 -31.72 -14.09
C LYS B 26 -19.05 -30.95 -14.47
N LEU B 27 -18.96 -30.33 -15.63
CA LEU B 27 -19.99 -29.38 -16.11
C LEU B 27 -20.47 -29.86 -17.48
N TYR B 28 -21.52 -29.29 -18.01
CA TYR B 28 -21.89 -29.54 -19.39
C TYR B 28 -22.26 -28.20 -19.99
N SER B 29 -21.25 -27.58 -20.53
CA SER B 29 -21.46 -26.23 -21.03
C SER B 29 -21.75 -26.24 -22.52
N LEU B 30 -22.95 -25.84 -22.91
CA LEU B 30 -23.33 -25.86 -24.31
C LEU B 30 -23.74 -24.50 -24.84
N ARG B 31 -23.75 -24.36 -26.14
CA ARG B 31 -24.22 -23.13 -26.71
C ARG B 31 -25.24 -23.44 -27.81
N TRP B 32 -26.47 -23.02 -27.61
CA TRP B 32 -27.44 -23.25 -28.63
C TRP B 32 -27.13 -22.49 -29.92
N ILE B 33 -27.22 -23.09 -31.12
CA ILE B 33 -26.95 -22.40 -32.38
C ILE B 33 -28.20 -22.31 -33.26
N SER B 34 -29.31 -22.84 -32.74
CA SER B 34 -30.53 -22.90 -33.51
C SER B 34 -31.62 -23.41 -32.58
N ASP B 35 -32.75 -23.74 -33.11
CA ASP B 35 -33.75 -24.26 -32.26
C ASP B 35 -33.62 -25.75 -31.96
N HIS B 36 -32.67 -26.45 -32.60
CA HIS B 36 -32.47 -27.85 -32.33
C HIS B 36 -31.06 -28.40 -32.18
N GLU B 37 -30.06 -27.56 -32.32
CA GLU B 37 -28.70 -27.97 -32.26
C GLU B 37 -27.89 -27.14 -31.31
N TYR B 38 -26.90 -27.73 -30.66
CA TYR B 38 -25.93 -26.93 -29.93
C TYR B 38 -24.48 -27.32 -30.23
N LEU B 39 -23.58 -26.40 -29.87
CA LEU B 39 -22.17 -26.64 -29.82
C LEU B 39 -21.72 -27.16 -28.45
N TYR B 40 -20.79 -28.09 -28.49
CA TYR B 40 -20.22 -28.55 -27.28
C TYR B 40 -18.73 -29.00 -27.52
N LYS B 41 -17.85 -28.77 -26.52
CA LYS B 41 -16.44 -29.19 -26.62
C LYS B 41 -16.22 -30.44 -25.82
N GLN B 42 -15.87 -31.53 -26.52
CA GLN B 42 -15.49 -32.81 -26.00
C GLN B 42 -14.01 -33.08 -26.31
N GLU B 43 -13.11 -32.67 -25.40
CA GLU B 43 -11.63 -32.88 -25.51
C GLU B 43 -11.07 -32.41 -26.86
N ASN B 44 -10.90 -31.10 -26.99
CA ASN B 44 -10.23 -30.65 -28.18
C ASN B 44 -10.89 -31.19 -29.56
N ASN B 45 -12.23 -31.22 -29.55
CA ASN B 45 -13.02 -31.11 -30.76
C ASN B 45 -14.27 -30.21 -30.44
N ILE B 46 -14.67 -29.36 -31.34
CA ILE B 46 -15.97 -28.71 -31.13
C ILE B 46 -16.99 -29.59 -31.81
N LEU B 47 -17.97 -30.01 -31.07
CA LEU B 47 -19.02 -30.86 -31.66
C LEU B 47 -20.29 -30.08 -31.74
N VAL B 48 -21.05 -30.40 -32.78
CA VAL B 48 -22.45 -30.05 -32.83
C VAL B 48 -23.37 -31.21 -32.58
N PHE B 49 -24.31 -30.98 -31.68
CA PHE B 49 -25.26 -31.97 -31.30
C PHE B 49 -26.64 -31.68 -31.79
N ASN B 50 -27.36 -32.72 -32.14
CA ASN B 50 -28.79 -32.63 -32.56
C ASN B 50 -29.63 -33.00 -31.34
N ALA B 51 -30.41 -32.03 -30.87
CA ALA B 51 -31.13 -32.18 -29.61
C ALA B 51 -32.12 -33.31 -29.60
N GLU B 52 -32.81 -33.55 -30.69
CA GLU B 52 -33.91 -34.47 -30.71
C GLU B 52 -33.40 -35.92 -30.57
N TYR B 53 -32.30 -36.25 -31.27
CA TYR B 53 -31.82 -37.61 -31.42
C TYR B 53 -30.47 -37.86 -30.76
N GLY B 54 -29.73 -36.80 -30.54
CA GLY B 54 -28.52 -36.78 -29.77
C GLY B 54 -27.35 -37.26 -30.61
N ASN B 55 -27.54 -37.50 -31.91
CA ASN B 55 -26.41 -37.62 -32.78
C ASN B 55 -25.49 -36.34 -32.87
N SER B 56 -24.19 -36.53 -33.11
CA SER B 56 -23.28 -35.42 -33.20
C SER B 56 -22.31 -35.55 -34.36
N SER B 57 -21.65 -34.46 -34.66
CA SER B 57 -20.56 -34.40 -35.64
C SER B 57 -19.46 -33.44 -35.27
N VAL B 58 -18.19 -33.73 -35.51
CA VAL B 58 -17.16 -32.78 -35.18
C VAL B 58 -17.33 -31.62 -36.12
N PHE B 59 -17.40 -30.45 -35.53
CA PHE B 59 -17.48 -29.23 -36.27
C PHE B 59 -16.12 -28.72 -36.60
N LEU B 60 -15.23 -28.75 -35.64
CA LEU B 60 -13.88 -28.34 -35.85
C LEU B 60 -12.94 -29.08 -34.92
N GLU B 61 -11.85 -29.62 -35.46
CA GLU B 61 -10.74 -30.19 -34.62
C GLU B 61 -9.85 -29.12 -34.09
N ASN B 62 -9.32 -29.29 -32.87
CA ASN B 62 -8.36 -28.32 -32.35
C ASN B 62 -7.04 -28.35 -33.14
N SER B 63 -6.70 -29.55 -33.62
CA SER B 63 -5.50 -29.77 -34.48
C SER B 63 -5.47 -28.76 -35.65
N THR B 64 -6.66 -28.28 -36.05
CA THR B 64 -6.77 -27.22 -37.03
C THR B 64 -5.78 -26.06 -36.77
N PHE B 65 -5.61 -25.67 -35.49
CA PHE B 65 -4.74 -24.55 -35.10
C PHE B 65 -3.38 -24.95 -34.42
N ASP B 66 -2.87 -26.13 -34.76
CA ASP B 66 -1.62 -26.63 -34.18
C ASP B 66 -0.41 -25.74 -34.48
N GLU B 67 -0.36 -25.17 -35.68
CA GLU B 67 0.63 -24.17 -36.08
C GLU B 67 0.10 -22.68 -36.12
N PHE B 68 -0.94 -22.38 -35.36
CA PHE B 68 -1.38 -20.99 -35.21
C PHE B 68 -0.31 -20.10 -34.48
N GLY B 69 0.49 -20.69 -33.62
CA GLY B 69 1.60 -19.94 -33.00
C GLY B 69 1.21 -18.99 -31.87
N HIS B 70 -0.03 -19.10 -31.41
CA HIS B 70 -0.48 -18.41 -30.21
C HIS B 70 -1.46 -19.32 -29.52
N SER B 71 -1.44 -19.24 -28.21
CA SER B 71 -2.37 -19.97 -27.38
C SER B 71 -3.78 -19.33 -27.49
N ILE B 72 -4.77 -20.10 -27.90
CA ILE B 72 -6.07 -19.57 -28.12
C ILE B 72 -6.82 -19.64 -26.83
N ASN B 73 -7.26 -18.45 -26.39
CA ASN B 73 -7.97 -18.25 -25.14
C ASN B 73 -9.45 -18.55 -25.22
N ASP B 74 -10.09 -18.21 -26.34
CA ASP B 74 -11.53 -18.37 -26.46
C ASP B 74 -11.79 -18.23 -27.95
N TYR B 75 -12.99 -18.57 -28.40
CA TYR B 75 -13.36 -18.53 -29.78
C TYR B 75 -14.85 -18.21 -29.84
N SER B 76 -15.34 -17.85 -31.02
CA SER B 76 -16.73 -17.48 -31.19
C SER B 76 -17.04 -17.70 -32.65
N ILE B 77 -17.94 -18.62 -32.90
CA ILE B 77 -18.25 -19.03 -34.25
C ILE B 77 -19.29 -18.09 -34.71
N SER B 78 -19.23 -17.59 -35.95
CA SER B 78 -20.29 -16.71 -36.45
C SER B 78 -21.59 -17.47 -36.53
N PRO B 79 -22.70 -16.78 -36.39
CA PRO B 79 -23.98 -17.40 -36.35
C PRO B 79 -24.25 -18.30 -37.51
N ASP B 80 -23.88 -17.88 -38.72
CA ASP B 80 -24.13 -18.65 -39.96
C ASP B 80 -23.02 -19.76 -40.17
N GLY B 81 -22.20 -20.02 -39.17
CA GLY B 81 -21.19 -21.05 -39.30
C GLY B 81 -20.04 -20.74 -40.23
N GLN B 82 -20.07 -19.60 -40.94
CA GLN B 82 -18.99 -19.36 -41.92
C GLN B 82 -17.58 -19.06 -41.39
N PHE B 83 -17.51 -18.46 -40.20
CA PHE B 83 -16.25 -18.05 -39.65
C PHE B 83 -16.18 -18.34 -38.20
N ILE B 84 -14.94 -18.42 -37.72
CA ILE B 84 -14.70 -18.39 -36.32
C ILE B 84 -13.65 -17.29 -35.92
N LEU B 85 -13.98 -16.54 -34.89
CA LEU B 85 -13.11 -15.66 -34.22
C LEU B 85 -12.24 -16.36 -33.21
N LEU B 86 -10.95 -16.14 -33.32
CA LEU B 86 -9.97 -16.66 -32.39
C LEU B 86 -9.45 -15.51 -31.55
N GLU B 87 -9.66 -15.63 -30.25
CA GLU B 87 -9.12 -14.71 -29.29
C GLU B 87 -7.87 -15.21 -28.68
N TYR B 88 -6.83 -14.40 -28.75
CA TYR B 88 -5.56 -14.67 -28.07
C TYR B 88 -4.98 -13.35 -27.50
N ASN B 89 -3.82 -13.44 -26.89
CA ASN B 89 -3.17 -12.31 -26.21
C ASN B 89 -4.12 -11.63 -25.24
N TYR B 90 -4.85 -12.45 -24.49
CA TYR B 90 -5.84 -12.01 -23.49
C TYR B 90 -5.22 -11.31 -22.29
N VAL B 91 -5.67 -10.07 -22.02
CA VAL B 91 -5.21 -9.24 -20.87
C VAL B 91 -6.50 -8.70 -20.13
N LYS B 92 -6.71 -9.26 -18.92
CA LYS B 92 -7.75 -8.98 -18.02
C LYS B 92 -7.64 -7.57 -17.53
N GLN B 93 -8.73 -6.77 -17.68
CA GLN B 93 -8.81 -5.45 -17.06
C GLN B 93 -9.62 -5.63 -15.74
N TRP B 94 -10.92 -5.41 -15.73
CA TRP B 94 -11.63 -5.49 -14.44
C TRP B 94 -12.44 -6.75 -14.33
N ARG B 95 -13.64 -6.68 -13.75
CA ARG B 95 -14.38 -7.93 -13.53
C ARG B 95 -14.80 -8.52 -14.89
N HIS B 96 -15.29 -7.73 -15.81
CA HIS B 96 -15.69 -8.29 -17.15
C HIS B 96 -14.84 -7.85 -18.36
N SER B 97 -14.13 -6.72 -18.25
CA SER B 97 -13.32 -6.19 -19.30
C SER B 97 -11.98 -6.83 -19.40
N TYR B 98 -11.48 -6.81 -20.62
CA TYR B 98 -10.16 -7.27 -20.97
C TYR B 98 -9.88 -6.73 -22.37
N THR B 99 -8.63 -6.80 -22.81
CA THR B 99 -8.28 -6.55 -24.24
C THR B 99 -7.68 -7.84 -24.73
N ALA B 100 -7.58 -7.96 -26.09
CA ALA B 100 -7.04 -9.13 -26.76
C ALA B 100 -6.79 -8.81 -28.22
N SER B 101 -6.20 -9.83 -28.87
CA SER B 101 -6.00 -9.85 -30.30
C SER B 101 -6.95 -10.89 -30.84
N TYR B 102 -7.23 -10.76 -32.12
CA TYR B 102 -8.23 -11.50 -32.81
C TYR B 102 -7.82 -11.77 -34.25
N ASP B 103 -7.90 -13.03 -34.65
CA ASP B 103 -7.79 -13.49 -36.05
C ASP B 103 -9.12 -14.10 -36.46
N ILE B 104 -9.51 -13.97 -37.70
CA ILE B 104 -10.69 -14.60 -38.19
C ILE B 104 -10.28 -15.74 -39.12
N TYR B 105 -10.82 -16.94 -38.88
CA TYR B 105 -10.53 -18.10 -39.70
C TYR B 105 -11.79 -18.45 -40.53
N ASP B 106 -11.64 -18.57 -41.84
CA ASP B 106 -12.75 -18.86 -42.78
C ASP B 106 -12.96 -20.38 -42.90
N LEU B 107 -14.12 -20.85 -42.48
CA LEU B 107 -14.37 -22.27 -42.23
C LEU B 107 -14.65 -23.04 -43.52
N ASN B 108 -15.19 -22.39 -44.54
CA ASN B 108 -15.29 -22.98 -45.86
C ASN B 108 -13.93 -23.08 -46.53
N LYS B 109 -13.23 -21.96 -46.63
CA LYS B 109 -11.94 -21.98 -47.31
C LYS B 109 -10.85 -22.60 -46.41
N ARG B 110 -11.17 -22.81 -45.13
CA ARG B 110 -10.26 -23.51 -44.20
C ARG B 110 -8.94 -22.71 -44.16
N GLN B 111 -9.03 -21.43 -43.83
CA GLN B 111 -7.92 -20.47 -43.99
C GLN B 111 -8.11 -19.22 -43.17
N LEU B 112 -7.03 -18.75 -42.58
CA LEU B 112 -7.02 -17.46 -41.83
C LEU B 112 -7.11 -16.24 -42.72
N ILE B 113 -7.93 -15.29 -42.32
CA ILE B 113 -8.07 -14.03 -43.04
C ILE B 113 -6.87 -13.17 -42.75
N THR B 114 -6.13 -12.77 -43.78
CA THR B 114 -4.85 -12.09 -43.57
C THR B 114 -4.91 -10.59 -43.89
N GLU B 115 -6.01 -10.15 -44.48
CA GLU B 115 -6.18 -8.76 -44.82
C GLU B 115 -7.14 -8.10 -43.84
N GLU B 116 -6.89 -6.84 -43.54
CA GLU B 116 -7.86 -6.01 -42.82
C GLU B 116 -8.25 -6.63 -41.45
N ARG B 117 -7.25 -7.07 -40.76
CA ARG B 117 -7.43 -7.71 -39.51
C ARG B 117 -7.82 -6.78 -38.37
N ILE B 118 -8.50 -7.32 -37.37
CA ILE B 118 -8.97 -6.52 -36.26
C ILE B 118 -7.69 -6.20 -35.55
N PRO B 119 -7.54 -4.94 -35.13
CA PRO B 119 -6.26 -4.50 -34.49
C PRO B 119 -5.98 -5.23 -33.18
N ASN B 120 -4.73 -5.19 -32.82
CA ASN B 120 -4.32 -5.63 -31.50
C ASN B 120 -4.83 -4.61 -30.47
N ASN B 121 -5.02 -5.06 -29.23
CA ASN B 121 -5.57 -4.25 -28.11
C ASN B 121 -7.01 -3.83 -28.38
N THR B 122 -7.70 -4.73 -29.06
CA THR B 122 -9.15 -4.63 -29.22
C THR B 122 -9.86 -4.89 -27.92
N GLN B 123 -10.80 -3.97 -27.64
CA GLN B 123 -11.46 -3.91 -26.33
C GLN B 123 -12.70 -4.80 -26.29
N TRP B 124 -13.32 -4.98 -27.44
CA TRP B 124 -14.56 -5.78 -27.57
C TRP B 124 -14.89 -6.06 -29.04
N VAL B 125 -15.31 -7.30 -29.32
CA VAL B 125 -15.77 -7.78 -30.60
C VAL B 125 -17.05 -8.56 -30.45
N THR B 126 -18.05 -8.29 -31.30
CA THR B 126 -19.26 -9.09 -31.37
C THR B 126 -19.56 -9.39 -32.81
N TRP B 127 -19.91 -10.63 -33.11
CA TRP B 127 -20.72 -10.96 -34.31
C TRP B 127 -22.13 -10.30 -34.22
N SER B 128 -22.70 -9.87 -35.35
CA SER B 128 -24.13 -9.60 -35.46
C SER B 128 -24.83 -10.93 -35.22
N PRO B 129 -26.10 -10.82 -34.91
CA PRO B 129 -26.85 -11.95 -34.35
C PRO B 129 -27.29 -12.89 -35.49
N VAL B 130 -27.28 -12.34 -36.70
CA VAL B 130 -27.39 -13.15 -37.93
C VAL B 130 -26.26 -12.85 -38.95
N GLY B 131 -25.84 -13.84 -39.67
CA GLY B 131 -24.89 -13.61 -40.71
C GLY B 131 -23.49 -13.65 -40.09
N HIS B 132 -22.68 -12.69 -40.49
CA HIS B 132 -21.31 -12.62 -40.07
C HIS B 132 -20.79 -11.15 -40.14
N LYS B 133 -21.62 -10.14 -39.99
CA LYS B 133 -21.07 -8.81 -39.62
C LYS B 133 -20.35 -8.91 -38.24
N LEU B 134 -19.40 -8.01 -38.02
CA LEU B 134 -18.66 -7.84 -36.79
C LEU B 134 -18.75 -6.37 -36.38
N ALA B 135 -18.79 -6.14 -35.07
CA ALA B 135 -18.54 -4.80 -34.58
C ALA B 135 -17.47 -4.94 -33.52
N TYR B 136 -16.58 -3.95 -33.47
CA TYR B 136 -15.59 -3.96 -32.45
C TYR B 136 -15.32 -2.58 -31.96
N VAL B 137 -14.69 -2.52 -30.80
CA VAL B 137 -14.23 -1.28 -30.20
C VAL B 137 -12.69 -1.35 -30.03
N TRP B 138 -12.06 -0.29 -30.47
CA TRP B 138 -10.59 -0.18 -30.47
C TRP B 138 -10.30 1.28 -30.19
N ASN B 139 -9.45 1.60 -29.22
CA ASN B 139 -9.24 2.95 -28.74
C ASN B 139 -10.48 3.77 -28.43
N ASN B 140 -11.49 3.10 -27.90
CA ASN B 140 -12.78 3.67 -27.39
C ASN B 140 -13.71 4.13 -28.47
N ASP B 141 -13.44 3.65 -29.69
CA ASP B 141 -14.31 3.93 -30.82
C ASP B 141 -14.83 2.64 -31.42
N ILE B 142 -16.03 2.71 -32.04
CA ILE B 142 -16.68 1.54 -32.70
C ILE B 142 -16.33 1.51 -34.19
N TYR B 143 -16.05 0.29 -34.65
CA TYR B 143 -15.80 -0.08 -36.07
C TYR B 143 -16.74 -1.26 -36.42
N VAL B 144 -17.28 -1.22 -37.65
CA VAL B 144 -18.11 -2.28 -38.25
C VAL B 144 -17.44 -2.89 -39.52
N LYS B 145 -17.31 -4.19 -39.55
CA LYS B 145 -16.92 -4.97 -40.74
C LYS B 145 -18.17 -5.71 -41.25
N ILE B 146 -18.58 -5.40 -42.45
CA ILE B 146 -19.65 -6.08 -43.07
C ILE B 146 -19.15 -7.39 -43.58
N GLU B 147 -17.93 -7.47 -44.08
CA GLU B 147 -17.33 -8.81 -44.30
C GLU B 147 -15.98 -8.95 -43.61
N PRO B 148 -15.63 -10.17 -43.15
CA PRO B 148 -14.43 -10.33 -42.43
C PRO B 148 -13.18 -9.92 -43.16
N ASN B 149 -13.11 -10.07 -44.47
CA ASN B 149 -11.85 -9.70 -45.14
C ASN B 149 -11.81 -8.25 -45.65
N LEU B 150 -12.85 -7.47 -45.34
CA LEU B 150 -12.97 -6.13 -45.95
C LEU B 150 -12.66 -5.10 -44.90
N PRO B 151 -12.35 -3.90 -45.36
CA PRO B 151 -11.97 -2.83 -44.44
C PRO B 151 -13.14 -2.32 -43.55
N SER B 152 -12.76 -1.92 -42.35
CA SER B 152 -13.75 -1.44 -41.39
C SER B 152 -14.30 -0.06 -41.73
N TYR B 153 -15.56 0.15 -41.35
CA TYR B 153 -16.19 1.41 -41.24
C TYR B 153 -16.06 1.86 -39.83
N ARG B 154 -15.49 3.06 -39.67
CA ARG B 154 -15.40 3.68 -38.39
C ARG B 154 -16.70 4.37 -38.09
N ILE B 155 -17.28 4.05 -36.93
CA ILE B 155 -18.53 4.65 -36.54
C ILE B 155 -18.37 5.91 -35.65
N THR B 156 -17.45 5.91 -34.71
CA THR B 156 -17.34 7.09 -33.83
C THR B 156 -15.90 7.54 -33.88
N TRP B 157 -15.73 8.85 -33.63
CA TRP B 157 -14.51 9.62 -33.85
C TRP B 157 -14.08 10.28 -32.56
N THR B 158 -14.89 10.11 -31.50
CA THR B 158 -14.74 10.87 -30.25
C THR B 158 -14.13 10.09 -29.11
N GLY B 159 -13.77 8.83 -29.32
CA GLY B 159 -13.22 8.06 -28.25
C GLY B 159 -11.92 8.62 -27.70
N LYS B 160 -11.76 8.54 -26.38
CA LYS B 160 -10.58 9.09 -25.71
C LYS B 160 -10.39 8.38 -24.41
N GLU B 161 -9.23 7.73 -24.26
CA GLU B 161 -8.87 6.98 -23.05
C GLU B 161 -9.15 7.67 -21.77
N ASP B 162 -9.85 6.94 -20.90
CA ASP B 162 -10.30 7.39 -19.57
C ASP B 162 -11.33 8.54 -19.56
N ILE B 163 -11.84 8.94 -20.73
CA ILE B 163 -12.78 10.14 -20.80
C ILE B 163 -14.01 9.85 -21.62
N ILE B 164 -13.83 9.56 -22.91
CA ILE B 164 -14.96 9.22 -23.73
C ILE B 164 -15.01 7.73 -24.12
N TYR B 165 -16.10 7.01 -23.82
CA TYR B 165 -16.14 5.57 -24.10
C TYR B 165 -17.32 5.34 -25.07
N ASN B 166 -17.03 4.89 -26.30
CA ASN B 166 -18.10 4.51 -27.24
C ASN B 166 -18.24 2.99 -27.37
N GLY B 167 -19.42 2.44 -27.03
CA GLY B 167 -19.62 0.96 -27.21
C GLY B 167 -19.01 0.06 -26.18
N ILE B 168 -18.33 0.65 -25.20
CA ILE B 168 -17.91 -0.05 -24.05
C ILE B 168 -18.24 0.79 -22.80
N THR B 169 -18.29 0.16 -21.65
CA THR B 169 -18.55 0.89 -20.38
C THR B 169 -17.30 1.47 -19.71
N ASP B 170 -17.50 2.42 -18.84
CA ASP B 170 -16.50 2.82 -17.93
C ASP B 170 -16.55 1.88 -16.71
N TRP B 171 -15.64 2.13 -15.76
CA TRP B 171 -15.50 1.27 -14.56
C TRP B 171 -16.85 1.01 -13.86
N VAL B 172 -17.62 2.06 -13.52
CA VAL B 172 -18.82 1.86 -12.67
C VAL B 172 -20.04 1.30 -13.43
N TYR B 173 -20.07 1.55 -14.75
CA TYR B 173 -21.18 0.95 -15.58
C TYR B 173 -20.86 -0.50 -15.78
N GLU B 174 -19.61 -0.86 -15.93
CA GLU B 174 -19.27 -2.25 -15.97
C GLU B 174 -19.63 -3.01 -14.72
N GLU B 175 -19.19 -2.53 -13.56
CA GLU B 175 -19.36 -3.21 -12.32
C GLU B 175 -20.80 -3.18 -11.75
N GLU B 176 -21.48 -2.06 -11.80
CA GLU B 176 -22.72 -1.87 -11.11
C GLU B 176 -24.02 -1.81 -11.95
N VAL B 177 -23.95 -1.60 -13.27
CA VAL B 177 -25.18 -1.39 -14.03
C VAL B 177 -25.29 -2.60 -15.00
N PHE B 178 -24.36 -2.78 -15.92
CA PHE B 178 -24.61 -3.77 -16.93
C PHE B 178 -23.84 -5.06 -16.67
N SER B 179 -22.94 -5.09 -15.70
CA SER B 179 -22.16 -6.30 -15.50
C SER B 179 -21.58 -6.83 -16.78
N ALA B 180 -21.10 -5.94 -17.60
CA ALA B 180 -20.49 -6.27 -18.89
C ALA B 180 -19.62 -5.09 -19.26
N TYR B 181 -18.55 -5.30 -20.05
CA TYR B 181 -17.78 -4.28 -20.72
C TYR B 181 -18.46 -3.67 -21.98
N SER B 182 -19.29 -4.47 -22.61
CA SER B 182 -19.88 -4.17 -23.86
C SER B 182 -21.01 -3.16 -23.68
N ALA B 183 -21.14 -2.17 -24.55
CA ALA B 183 -22.32 -1.31 -24.53
C ALA B 183 -22.73 -1.02 -25.98
N LEU B 184 -22.88 -2.12 -26.72
CA LEU B 184 -23.22 -2.31 -28.17
C LEU B 184 -24.36 -3.31 -28.21
N TRP B 185 -25.44 -3.02 -28.90
CA TRP B 185 -26.55 -3.94 -29.07
C TRP B 185 -27.13 -3.92 -30.46
N TRP B 186 -26.89 -5.01 -31.12
CA TRP B 186 -27.36 -5.29 -32.46
C TRP B 186 -28.86 -5.53 -32.43
N SER B 187 -29.54 -5.02 -33.42
CA SER B 187 -30.92 -5.38 -33.62
C SER B 187 -31.02 -6.83 -34.03
N PRO B 188 -32.19 -7.46 -33.85
CA PRO B 188 -32.30 -8.98 -33.94
C PRO B 188 -31.84 -9.51 -35.29
N ASN B 189 -32.11 -8.69 -36.30
CA ASN B 189 -31.62 -8.82 -37.68
C ASN B 189 -30.15 -8.54 -38.01
N GLY B 190 -29.55 -7.67 -37.22
CA GLY B 190 -28.27 -7.13 -37.57
C GLY B 190 -28.29 -5.89 -38.42
N THR B 191 -29.42 -5.26 -38.60
CA THR B 191 -29.49 -4.09 -39.47
C THR B 191 -29.01 -2.85 -38.70
N PHE B 192 -29.47 -2.69 -37.45
CA PHE B 192 -29.14 -1.54 -36.65
C PHE B 192 -28.18 -1.96 -35.59
N LEU B 193 -27.29 -1.05 -35.26
CA LEU B 193 -26.46 -1.12 -34.08
C LEU B 193 -26.68 -0.02 -33.11
N ALA B 194 -27.22 -0.35 -31.96
CA ALA B 194 -27.33 0.58 -30.86
C ALA B 194 -26.12 0.58 -29.96
N TYR B 195 -25.77 1.77 -29.51
CA TYR B 195 -24.65 1.86 -28.59
C TYR B 195 -24.78 3.02 -27.59
N ALA B 196 -24.14 2.85 -26.45
CA ALA B 196 -24.00 3.93 -25.51
C ALA B 196 -22.63 4.59 -25.54
N GLN B 197 -22.69 5.86 -25.20
CA GLN B 197 -21.48 6.64 -25.01
C GLN B 197 -21.38 7.19 -23.62
N PHE B 198 -20.27 6.91 -22.93
CA PHE B 198 -20.02 7.48 -21.61
C PHE B 198 -18.99 8.53 -21.61
N ASN B 199 -19.11 9.44 -20.68
CA ASN B 199 -18.24 10.63 -20.54
C ASN B 199 -17.88 10.77 -19.08
N ASP B 200 -16.62 10.48 -18.77
CA ASP B 200 -16.09 10.50 -17.43
C ASP B 200 -15.23 11.74 -17.20
N THR B 201 -15.31 12.73 -18.08
CA THR B 201 -14.54 13.95 -17.95
C THR B 201 -14.25 14.49 -16.54
N GLU B 202 -15.27 14.65 -15.71
CA GLU B 202 -15.09 15.22 -14.38
C GLU B 202 -15.25 14.19 -13.25
N VAL B 203 -15.16 12.91 -13.57
CA VAL B 203 -15.32 11.88 -12.56
C VAL B 203 -13.94 11.83 -11.95
N PRO B 204 -13.85 11.91 -10.64
CA PRO B 204 -12.54 11.83 -9.92
C PRO B 204 -11.86 10.49 -10.12
N LEU B 205 -10.55 10.48 -10.03
CA LEU B 205 -9.69 9.28 -10.24
C LEU B 205 -9.21 8.71 -8.97
N ILE B 206 -9.36 7.39 -8.80
CA ILE B 206 -8.70 6.63 -7.79
C ILE B 206 -7.33 6.31 -8.36
N GLU B 207 -6.34 6.35 -7.50
CA GLU B 207 -4.96 6.18 -7.87
C GLU B 207 -4.40 5.24 -6.87
N TYR B 208 -3.63 4.27 -7.34
CA TYR B 208 -3.00 3.39 -6.42
C TYR B 208 -1.84 2.82 -7.18
N SER B 209 -0.90 2.30 -6.41
CA SER B 209 0.38 1.80 -6.93
C SER B 209 0.27 0.36 -7.38
N PHE B 210 0.92 0.05 -8.49
CA PHE B 210 1.02 -1.33 -8.94
C PHE B 210 2.53 -1.57 -8.94
N TYR B 211 2.99 -2.61 -8.26
CA TYR B 211 4.39 -2.86 -8.06
C TYR B 211 5.03 -3.67 -9.23
N SER B 212 4.30 -4.61 -9.76
CA SER B 212 4.64 -5.40 -10.93
C SER B 212 5.71 -6.42 -10.66
N ASP B 213 6.42 -6.83 -11.71
CA ASP B 213 7.48 -7.77 -11.46
C ASP B 213 8.58 -6.96 -10.79
N GLU B 214 9.44 -7.71 -10.12
CA GLU B 214 10.53 -7.23 -9.34
C GLU B 214 11.55 -6.41 -10.17
N SER B 215 11.52 -6.63 -11.52
CA SER B 215 12.35 -5.91 -12.49
C SER B 215 11.85 -4.42 -12.73
N LEU B 216 10.63 -4.11 -12.34
CA LEU B 216 10.16 -2.70 -12.46
C LEU B 216 10.79 -1.90 -11.25
N GLN B 217 11.69 -0.98 -11.56
CA GLN B 217 12.44 -0.24 -10.59
C GLN B 217 11.52 0.78 -9.83
N TYR B 218 10.66 1.41 -10.59
CA TYR B 218 9.70 2.41 -10.06
C TYR B 218 8.28 1.95 -10.23
N PRO B 219 7.50 1.96 -9.16
CA PRO B 219 6.17 1.51 -9.25
C PRO B 219 5.29 2.32 -10.20
N LYS B 220 4.30 1.65 -10.76
CA LYS B 220 3.38 2.32 -11.65
C LYS B 220 2.20 2.89 -10.81
N THR B 221 1.73 4.10 -11.06
CA THR B 221 0.44 4.54 -10.52
C THR B 221 -0.69 4.31 -11.56
N VAL B 222 -1.64 3.48 -11.18
CA VAL B 222 -2.83 3.21 -11.90
C VAL B 222 -3.84 4.27 -11.51
N ARG B 223 -4.40 4.96 -12.48
CA ARG B 223 -5.49 5.93 -12.19
C ARG B 223 -6.83 5.52 -12.85
N VAL B 224 -7.93 5.46 -12.15
CA VAL B 224 -9.17 5.04 -12.76
C VAL B 224 -10.31 5.98 -12.38
N PRO B 225 -11.02 6.43 -13.38
CA PRO B 225 -12.24 7.28 -13.14
C PRO B 225 -13.23 6.41 -12.42
N TYR B 226 -13.57 6.83 -11.23
CA TYR B 226 -14.28 6.05 -10.23
C TYR B 226 -15.03 7.06 -9.30
N PRO B 227 -16.36 7.13 -9.40
CA PRO B 227 -17.18 8.01 -8.54
C PRO B 227 -17.45 7.35 -7.23
N LYS B 228 -16.78 7.82 -6.17
CA LYS B 228 -17.11 7.42 -4.80
C LYS B 228 -18.47 8.07 -4.45
N ALA B 229 -19.13 7.62 -3.37
CA ALA B 229 -20.51 8.05 -2.98
C ALA B 229 -20.68 9.55 -2.87
N GLY B 230 -21.63 10.11 -3.60
CA GLY B 230 -21.83 11.55 -3.68
C GLY B 230 -20.99 12.33 -4.72
N ALA B 231 -20.07 11.68 -5.39
CA ALA B 231 -19.16 12.39 -6.35
C ALA B 231 -19.80 12.59 -7.71
N VAL B 232 -19.14 13.35 -8.57
CA VAL B 232 -19.65 13.53 -9.92
C VAL B 232 -19.66 12.21 -10.70
N ASN B 233 -20.81 11.82 -11.27
CA ASN B 233 -20.92 10.55 -12.00
C ASN B 233 -20.65 10.72 -13.50
N PRO B 234 -20.32 9.66 -14.25
CA PRO B 234 -20.27 9.76 -15.66
C PRO B 234 -21.63 10.12 -16.29
N THR B 235 -21.58 10.74 -17.49
CA THR B 235 -22.83 10.91 -18.18
C THR B 235 -22.86 9.93 -19.38
N VAL B 236 -24.04 9.81 -19.95
CA VAL B 236 -24.46 8.76 -20.89
C VAL B 236 -25.29 9.35 -22.01
N LYS B 237 -24.99 8.90 -23.21
CA LYS B 237 -25.76 9.09 -24.38
C LYS B 237 -25.96 7.78 -25.05
N PHE B 238 -27.07 7.71 -25.79
CA PHE B 238 -27.47 6.56 -26.56
C PHE B 238 -27.66 6.87 -28.04
N PHE B 239 -27.16 5.97 -28.90
CA PHE B 239 -27.18 6.15 -30.37
C PHE B 239 -27.53 4.89 -31.11
N VAL B 240 -28.16 5.03 -32.26
CA VAL B 240 -28.42 3.98 -33.21
C VAL B 240 -27.91 4.31 -34.62
N VAL B 241 -27.07 3.41 -35.19
CA VAL B 241 -26.67 3.53 -36.59
C VAL B 241 -27.25 2.36 -37.39
N ASN B 242 -27.64 2.66 -38.61
CA ASN B 242 -28.05 1.64 -39.62
C ASN B 242 -26.80 1.14 -40.38
N THR B 243 -26.49 -0.10 -40.13
CA THR B 243 -25.27 -0.60 -40.72
C THR B 243 -25.38 -1.17 -42.13
N ASP B 244 -26.51 -0.96 -42.77
CA ASP B 244 -26.82 -1.49 -44.13
C ASP B 244 -26.72 -0.32 -45.13
N SER B 245 -26.50 0.88 -44.63
CA SER B 245 -26.27 2.04 -45.48
C SER B 245 -24.97 2.77 -45.13
N LEU B 246 -23.91 2.02 -44.84
CA LEU B 246 -22.60 2.66 -44.62
C LEU B 246 -21.88 3.04 -45.94
N SER B 247 -21.18 4.17 -45.93
CA SER B 247 -20.33 4.59 -47.05
C SER B 247 -18.81 4.57 -46.72
N SER B 248 -18.03 4.21 -47.74
CA SER B 248 -16.55 4.33 -47.66
C SER B 248 -16.18 5.81 -47.60
N VAL B 249 -16.92 6.66 -48.32
CA VAL B 249 -16.57 8.08 -48.43
C VAL B 249 -17.22 9.01 -47.38
N THR B 250 -18.49 8.74 -47.08
CA THR B 250 -19.23 9.54 -46.11
C THR B 250 -19.20 8.96 -44.69
N ASN B 251 -18.72 9.75 -43.72
CA ASN B 251 -18.80 9.36 -42.28
C ASN B 251 -20.23 8.89 -41.86
N ALA B 252 -20.30 7.81 -41.08
CA ALA B 252 -21.53 7.21 -40.60
C ALA B 252 -22.40 8.15 -39.83
N THR B 253 -23.70 8.03 -40.01
CA THR B 253 -24.67 8.85 -39.23
C THR B 253 -25.28 8.08 -38.07
N SER B 254 -25.03 8.56 -36.86
CA SER B 254 -25.56 7.92 -35.68
C SER B 254 -26.77 8.76 -35.17
N ILE B 255 -27.96 8.19 -35.13
CA ILE B 255 -29.14 8.87 -34.52
C ILE B 255 -29.17 8.73 -33.00
N GLN B 256 -29.07 9.86 -32.34
CA GLN B 256 -29.25 9.95 -30.90
C GLN B 256 -30.69 9.71 -30.41
N ILE B 257 -30.80 8.89 -29.36
CA ILE B 257 -32.06 8.73 -28.70
C ILE B 257 -31.95 9.33 -27.33
N THR B 258 -32.63 10.44 -27.16
CA THR B 258 -32.55 11.17 -25.91
C THR B 258 -33.37 10.58 -24.70
N ALA B 259 -32.93 10.88 -23.49
CA ALA B 259 -33.58 10.30 -22.32
C ALA B 259 -34.84 11.11 -22.16
N PRO B 260 -35.84 10.58 -21.47
CA PRO B 260 -37.06 11.32 -21.29
C PRO B 260 -36.86 12.53 -20.39
N ALA B 261 -37.66 13.59 -20.59
CA ALA B 261 -37.67 14.77 -19.70
C ALA B 261 -37.61 14.51 -18.18
N SER B 262 -38.36 13.53 -17.68
CA SER B 262 -38.35 13.16 -16.24
C SER B 262 -36.94 12.74 -15.70
N MET B 263 -36.07 12.25 -16.60
CA MET B 263 -34.67 11.93 -16.28
C MET B 263 -33.66 13.10 -16.49
N LEU B 264 -33.88 13.85 -17.56
CA LEU B 264 -32.92 14.93 -17.94
C LEU B 264 -32.80 16.05 -16.94
N ILE B 265 -33.67 16.11 -15.93
CA ILE B 265 -33.65 17.18 -14.93
C ILE B 265 -32.64 16.99 -13.78
N GLY B 266 -31.94 15.85 -13.79
CA GLY B 266 -30.85 15.59 -12.87
C GLY B 266 -29.98 14.46 -13.36
N ASP B 267 -29.09 14.00 -12.48
CA ASP B 267 -28.28 12.86 -12.78
C ASP B 267 -29.20 11.63 -12.99
N HIS B 268 -28.81 10.74 -13.89
CA HIS B 268 -29.56 9.57 -14.19
C HIS B 268 -28.64 8.55 -14.80
N TYR B 269 -29.13 7.32 -14.89
CA TYR B 269 -28.41 6.20 -15.46
C TYR B 269 -29.20 5.57 -16.62
N LEU B 270 -28.54 5.08 -17.67
CA LEU B 270 -29.17 4.11 -18.59
C LEU B 270 -29.01 2.72 -18.00
N CYS B 271 -30.10 2.04 -17.68
CA CYS B 271 -29.92 0.85 -16.88
C CYS B 271 -30.35 -0.42 -17.57
N ASP B 272 -30.91 -0.33 -18.78
CA ASP B 272 -31.28 -1.50 -19.56
C ASP B 272 -31.65 -1.09 -21.02
N VAL B 273 -31.18 -1.90 -21.98
CA VAL B 273 -31.45 -1.73 -23.40
C VAL B 273 -31.90 -3.10 -23.97
N THR B 274 -33.10 -3.14 -24.56
CA THR B 274 -33.64 -4.41 -25.10
C THR B 274 -34.36 -4.13 -26.45
N TRP B 275 -33.89 -4.81 -27.51
CA TRP B 275 -34.61 -4.82 -28.80
C TRP B 275 -35.97 -5.55 -28.67
N ALA B 276 -37.01 -4.94 -29.17
CA ALA B 276 -38.38 -5.48 -29.08
C ALA B 276 -38.68 -6.17 -30.40
N THR B 277 -38.44 -5.47 -31.52
CA THR B 277 -38.52 -6.03 -32.87
C THR B 277 -37.38 -5.47 -33.74
N GLN B 278 -37.49 -5.60 -35.07
CA GLN B 278 -36.48 -5.08 -36.01
C GLN B 278 -36.37 -3.59 -36.04
N GLU B 279 -37.44 -2.90 -35.64
CA GLU B 279 -37.49 -1.46 -35.61
C GLU B 279 -38.05 -0.81 -34.32
N ARG B 280 -38.02 -1.51 -33.18
CA ARG B 280 -38.41 -0.86 -31.90
C ARG B 280 -37.49 -1.34 -30.79
N ILE B 281 -36.95 -0.40 -29.99
CA ILE B 281 -35.93 -0.60 -28.93
C ILE B 281 -36.64 -0.15 -27.68
N SER B 282 -36.45 -0.91 -26.62
CA SER B 282 -36.80 -0.30 -25.35
C SER B 282 -35.55 0.04 -24.56
N LEU B 283 -35.66 1.16 -23.87
CA LEU B 283 -34.62 1.61 -22.93
C LEU B 283 -35.25 1.96 -21.58
N GLN B 284 -34.62 1.49 -20.50
CA GLN B 284 -34.95 1.85 -19.11
C GLN B 284 -33.88 2.80 -18.54
N TRP B 285 -34.35 3.90 -17.94
CA TRP B 285 -33.49 4.86 -17.33
C TRP B 285 -33.76 4.87 -15.86
N LEU B 286 -32.80 5.32 -15.08
CA LEU B 286 -33.00 5.36 -13.66
C LEU B 286 -32.49 6.68 -13.18
N ARG B 287 -33.18 7.34 -12.27
CA ARG B 287 -32.63 8.44 -11.53
C ARG B 287 -31.50 8.09 -10.61
N ARG B 288 -30.68 9.11 -10.36
CA ARG B 288 -29.62 8.97 -9.40
C ARG B 288 -30.12 8.55 -8.01
N ILE B 289 -31.26 9.10 -7.60
CA ILE B 289 -32.03 8.50 -6.51
C ILE B 289 -32.78 7.30 -7.06
N GLN B 290 -32.28 6.10 -6.79
CA GLN B 290 -32.67 4.90 -7.49
C GLN B 290 -34.04 4.26 -7.09
N ASN B 291 -34.98 5.12 -6.92
CA ASN B 291 -36.39 5.01 -6.53
C ASN B 291 -37.41 5.04 -7.67
N TYR B 292 -36.91 5.42 -8.83
CA TYR B 292 -37.79 5.89 -9.89
C TYR B 292 -37.13 5.65 -11.24
N SER B 293 -37.71 4.73 -12.02
CA SER B 293 -37.23 4.41 -13.36
C SER B 293 -38.37 4.62 -14.35
N VAL B 294 -37.96 4.81 -15.58
CA VAL B 294 -38.79 5.06 -16.72
C VAL B 294 -38.34 4.14 -17.86
N MET B 295 -39.24 3.35 -18.35
CA MET B 295 -39.07 2.73 -19.65
C MET B 295 -39.59 3.55 -20.89
N ASP B 296 -38.76 3.68 -21.91
CA ASP B 296 -39.13 4.26 -23.17
C ASP B 296 -39.19 3.21 -24.25
N ILE B 297 -40.16 3.34 -25.13
CA ILE B 297 -40.27 2.51 -26.30
C ILE B 297 -40.03 3.33 -27.50
N CYS B 298 -39.02 2.94 -28.27
CA CYS B 298 -38.71 3.84 -29.45
C CYS B 298 -38.88 3.05 -30.70
N ASP B 299 -39.64 3.66 -31.58
CA ASP B 299 -39.95 3.13 -32.91
C ASP B 299 -39.23 3.95 -33.95
N TYR B 300 -38.67 3.24 -34.93
CA TYR B 300 -37.90 3.82 -36.04
C TYR B 300 -38.90 4.42 -37.07
N ASP B 301 -38.61 5.61 -37.56
CA ASP B 301 -39.44 6.27 -38.58
C ASP B 301 -38.79 6.18 -39.97
N GLU B 302 -39.28 5.28 -40.81
CA GLU B 302 -38.70 5.10 -42.15
C GLU B 302 -38.72 6.42 -42.97
N SER B 303 -39.59 7.37 -42.61
CA SER B 303 -39.69 8.58 -43.41
C SER B 303 -38.60 9.62 -43.06
N SER B 304 -38.24 9.74 -41.78
CA SER B 304 -37.21 10.72 -41.41
C SER B 304 -35.87 9.98 -41.20
N GLY B 305 -35.92 8.70 -40.93
CA GLY B 305 -34.69 7.98 -40.59
C GLY B 305 -34.27 8.23 -39.14
N ARG B 306 -35.26 8.69 -38.36
CA ARG B 306 -35.09 8.92 -36.93
C ARG B 306 -35.81 7.91 -36.07
N TRP B 307 -35.50 7.96 -34.78
CA TRP B 307 -36.17 7.16 -33.74
C TRP B 307 -37.02 8.11 -32.84
N ASN B 308 -38.32 7.83 -32.76
CA ASN B 308 -39.24 8.54 -31.89
C ASN B 308 -39.79 7.70 -30.75
N CYS B 309 -39.81 8.35 -29.59
CA CYS B 309 -40.18 7.73 -28.34
C CYS B 309 -41.42 8.38 -27.71
N LEU B 310 -42.60 7.92 -28.12
CA LEU B 310 -43.91 8.47 -27.67
C LEU B 310 -44.10 8.42 -26.13
N VAL B 311 -44.20 9.60 -25.52
CA VAL B 311 -44.44 9.81 -24.08
C VAL B 311 -45.57 8.96 -23.50
N ALA B 312 -46.51 8.54 -24.34
CA ALA B 312 -47.59 7.60 -23.99
C ALA B 312 -47.17 6.16 -23.86
N ARG B 313 -45.99 5.82 -24.35
CA ARG B 313 -45.52 4.42 -24.17
C ARG B 313 -44.58 4.26 -23.00
N GLN B 314 -44.29 5.35 -22.31
CA GLN B 314 -43.47 5.37 -21.12
C GLN B 314 -44.17 4.66 -20.03
N HIS B 315 -43.45 3.69 -19.46
CA HIS B 315 -43.77 3.00 -18.22
C HIS B 315 -42.87 3.42 -17.03
N ILE B 316 -43.51 3.64 -15.89
CA ILE B 316 -42.83 4.02 -14.71
C ILE B 316 -42.81 2.87 -13.67
N GLU B 317 -41.64 2.59 -13.14
CA GLU B 317 -41.53 1.66 -12.04
C GLU B 317 -40.85 2.48 -10.96
N MET B 318 -41.47 2.60 -9.81
CA MET B 318 -40.86 3.29 -8.73
C MET B 318 -41.00 2.43 -7.48
N SER B 319 -40.30 2.82 -6.42
CA SER B 319 -40.46 2.15 -5.13
C SER B 319 -40.73 3.17 -4.05
N THR B 320 -41.70 2.85 -3.20
CA THR B 320 -41.97 3.67 -2.01
C THR B 320 -41.19 3.16 -0.75
N THR B 321 -40.62 1.95 -0.77
CA THR B 321 -40.01 1.42 0.45
C THR B 321 -38.49 1.20 0.33
N GLY B 322 -37.98 1.33 -0.90
CA GLY B 322 -36.56 1.23 -1.11
C GLY B 322 -36.14 1.60 -2.51
N TRP B 323 -35.40 0.71 -3.15
CA TRP B 323 -34.92 1.02 -4.47
C TRP B 323 -35.78 0.21 -5.47
N VAL B 324 -35.48 0.38 -6.76
CA VAL B 324 -36.14 -0.33 -7.87
C VAL B 324 -35.36 -1.52 -8.32
N GLY B 325 -36.01 -2.69 -8.40
CA GLY B 325 -35.39 -3.99 -8.71
C GLY B 325 -34.58 -4.62 -7.57
N ARG B 326 -34.01 -5.82 -7.78
CA ARG B 326 -33.09 -6.40 -6.84
C ARG B 326 -31.72 -5.69 -6.79
N PHE B 327 -31.09 -5.53 -7.96
CA PHE B 327 -29.93 -4.64 -8.17
C PHE B 327 -30.16 -3.56 -9.23
N ARG B 328 -31.08 -3.80 -10.16
CA ARG B 328 -31.59 -2.70 -11.02
C ARG B 328 -32.85 -3.28 -11.55
N PRO B 329 -33.59 -2.42 -12.25
CA PRO B 329 -34.85 -2.83 -12.84
C PRO B 329 -34.74 -3.98 -13.76
N SER B 330 -35.63 -4.94 -13.56
CA SER B 330 -35.64 -6.14 -14.42
C SER B 330 -35.96 -5.79 -15.84
N GLU B 331 -35.49 -6.65 -16.69
CA GLU B 331 -35.66 -6.56 -18.12
C GLU B 331 -37.00 -7.13 -18.58
N PRO B 332 -37.52 -6.53 -19.65
CA PRO B 332 -38.72 -6.99 -20.23
C PRO B 332 -38.48 -8.05 -21.26
N HIS B 333 -39.41 -9.04 -21.34
CA HIS B 333 -39.50 -10.04 -22.38
C HIS B 333 -40.70 -9.74 -23.32
N PHE B 334 -40.42 -9.31 -24.56
CA PHE B 334 -41.47 -8.91 -25.54
C PHE B 334 -42.00 -10.11 -26.26
N THR B 335 -43.31 -10.10 -26.48
CA THR B 335 -43.92 -11.05 -27.37
C THR B 335 -43.39 -10.80 -28.79
N LEU B 336 -43.52 -11.80 -29.63
CA LEU B 336 -42.92 -11.83 -30.98
C LEU B 336 -43.28 -10.59 -31.74
N ASP B 337 -44.52 -10.17 -31.57
CA ASP B 337 -45.01 -8.95 -32.25
C ASP B 337 -44.51 -7.63 -31.63
N GLY B 338 -43.85 -7.70 -30.49
CA GLY B 338 -43.20 -6.45 -29.93
C GLY B 338 -44.16 -5.40 -29.37
N ASN B 339 -45.42 -5.80 -29.16
CA ASN B 339 -46.52 -4.89 -28.72
C ASN B 339 -46.87 -5.12 -27.22
N SER B 340 -46.29 -6.15 -26.64
CA SER B 340 -46.51 -6.35 -25.25
C SER B 340 -45.33 -7.09 -24.72
N PHE B 341 -45.24 -7.18 -23.41
CA PHE B 341 -44.07 -7.79 -22.77
C PHE B 341 -44.35 -8.16 -21.36
N TYR B 342 -43.48 -8.95 -20.81
CA TYR B 342 -43.56 -9.51 -19.46
C TYR B 342 -42.29 -9.10 -18.67
N LYS B 343 -42.50 -8.70 -17.43
CA LYS B 343 -41.45 -8.14 -16.59
C LYS B 343 -41.79 -8.53 -15.15
N ILE B 344 -40.79 -8.81 -14.38
CA ILE B 344 -40.98 -9.08 -12.99
C ILE B 344 -40.93 -7.80 -12.19
N ILE B 345 -41.72 -7.75 -11.15
CA ILE B 345 -42.02 -6.44 -10.52
C ILE B 345 -42.56 -6.80 -9.18
N SER B 346 -42.32 -5.92 -8.22
CA SER B 346 -42.82 -6.09 -6.83
C SER B 346 -44.29 -5.86 -6.82
N ASN B 347 -45.04 -6.78 -6.23
CA ASN B 347 -46.51 -6.70 -6.17
C ASN B 347 -46.91 -5.92 -4.91
N GLU B 348 -48.14 -5.57 -4.78
CA GLU B 348 -48.67 -4.79 -3.69
C GLU B 348 -48.28 -5.38 -2.29
N GLU B 349 -47.85 -6.64 -2.17
CA GLU B 349 -47.50 -7.21 -0.88
C GLU B 349 -45.95 -7.29 -0.65
N GLY B 350 -45.16 -6.82 -1.62
CA GLY B 350 -43.75 -6.86 -1.54
C GLY B 350 -43.11 -7.99 -2.28
N TYR B 351 -43.84 -8.75 -3.07
CA TYR B 351 -43.29 -9.95 -3.66
C TYR B 351 -43.17 -9.81 -5.17
N ARG B 352 -42.00 -10.21 -5.66
CA ARG B 352 -41.58 -10.08 -7.04
C ARG B 352 -42.23 -11.19 -7.83
N HIS B 353 -43.21 -10.79 -8.61
CA HIS B 353 -44.02 -11.60 -9.55
C HIS B 353 -44.05 -11.00 -11.00
N ILE B 354 -44.56 -11.80 -11.98
CA ILE B 354 -44.41 -11.55 -13.43
C ILE B 354 -45.63 -10.78 -13.72
N CYS B 355 -45.47 -9.69 -14.45
CA CYS B 355 -46.50 -8.74 -14.74
C CYS B 355 -46.55 -8.55 -16.26
N TYR B 356 -47.72 -8.59 -16.81
CA TYR B 356 -48.00 -8.52 -18.24
C TYR B 356 -48.30 -7.10 -18.58
N PHE B 357 -47.58 -6.53 -19.53
CA PHE B 357 -47.92 -5.13 -19.98
C PHE B 357 -48.24 -5.06 -21.43
N GLN B 358 -49.19 -4.25 -21.82
CA GLN B 358 -49.46 -3.97 -23.22
C GLN B 358 -49.02 -2.54 -23.53
N ILE B 359 -48.27 -2.37 -24.62
CA ILE B 359 -47.39 -1.17 -24.87
C ILE B 359 -48.19 0.20 -24.87
N ASP B 360 -49.39 0.23 -25.39
CA ASP B 360 -50.11 1.56 -25.42
C ASP B 360 -51.17 1.67 -24.34
N LYS B 361 -50.96 1.00 -23.24
CA LYS B 361 -51.96 0.87 -22.18
C LYS B 361 -51.27 1.03 -20.82
N LYS B 362 -52.04 1.39 -19.81
CA LYS B 362 -51.51 1.92 -18.54
C LYS B 362 -51.10 0.85 -17.59
N ASP B 363 -51.96 -0.11 -17.39
CA ASP B 363 -51.80 -0.88 -16.20
C ASP B 363 -50.75 -2.00 -16.39
N CYS B 364 -50.99 -3.08 -15.67
CA CYS B 364 -50.00 -4.13 -15.66
C CYS B 364 -50.87 -5.17 -15.09
N THR B 365 -50.82 -6.38 -15.59
CA THR B 365 -51.55 -7.46 -15.03
C THR B 365 -50.58 -8.42 -14.45
N PHE B 366 -50.65 -8.66 -13.16
CA PHE B 366 -49.91 -9.77 -12.53
C PHE B 366 -50.44 -11.13 -12.92
N ILE B 367 -49.51 -12.02 -13.30
CA ILE B 367 -49.93 -13.33 -13.81
C ILE B 367 -49.47 -14.43 -12.80
N THR B 368 -48.50 -14.09 -11.93
CA THR B 368 -48.14 -14.94 -10.72
C THR B 368 -48.43 -14.18 -9.40
N LYS B 369 -48.65 -14.95 -8.35
CA LYS B 369 -48.72 -14.39 -7.01
C LYS B 369 -48.45 -15.44 -5.93
N GLY B 370 -48.32 -14.99 -4.68
CA GLY B 370 -47.95 -15.87 -3.56
C GLY B 370 -46.78 -15.33 -2.74
N THR B 371 -46.60 -15.97 -1.63
CA THR B 371 -45.60 -15.64 -0.66
C THR B 371 -44.25 -16.22 -1.06
N TRP B 372 -43.85 -16.00 -2.30
CA TRP B 372 -42.57 -16.51 -2.88
C TRP B 372 -42.18 -15.55 -4.01
N GLU B 373 -41.08 -15.77 -4.68
CA GLU B 373 -40.60 -14.84 -5.71
C GLU B 373 -40.16 -15.61 -6.98
N VAL B 374 -40.47 -14.98 -8.06
CA VAL B 374 -39.96 -15.30 -9.38
C VAL B 374 -38.51 -14.81 -9.52
N ILE B 375 -37.61 -15.73 -9.79
CA ILE B 375 -36.18 -15.43 -9.85
C ILE B 375 -35.83 -14.91 -11.19
N GLY B 376 -36.36 -15.49 -12.27
CA GLY B 376 -36.16 -14.94 -13.60
C GLY B 376 -37.12 -15.52 -14.62
N ILE B 377 -37.41 -14.75 -15.70
CA ILE B 377 -38.24 -15.23 -16.85
C ILE B 377 -37.23 -15.79 -17.86
N GLU B 378 -37.33 -17.07 -18.21
CA GLU B 378 -36.30 -17.84 -18.98
C GLU B 378 -36.71 -18.02 -20.48
N ALA B 379 -38.03 -18.05 -20.77
CA ALA B 379 -38.49 -18.13 -22.13
C ALA B 379 -39.95 -17.83 -22.26
N LEU B 380 -40.35 -17.47 -23.52
CA LEU B 380 -41.68 -17.05 -23.83
C LEU B 380 -41.88 -17.53 -25.26
N THR B 381 -42.96 -18.26 -25.41
CA THR B 381 -43.50 -18.74 -26.65
C THR B 381 -44.86 -18.13 -26.75
N SER B 382 -45.54 -18.40 -27.86
CA SER B 382 -46.93 -17.96 -28.00
C SER B 382 -47.84 -18.67 -26.94
N ASP B 383 -47.50 -19.85 -26.41
CA ASP B 383 -48.43 -20.43 -25.49
C ASP B 383 -48.03 -20.38 -24.01
N TYR B 384 -46.71 -20.43 -23.69
CA TYR B 384 -46.22 -20.53 -22.37
C TYR B 384 -45.23 -19.46 -22.07
N LEU B 385 -45.15 -19.00 -20.82
CA LEU B 385 -43.95 -18.34 -20.26
C LEU B 385 -43.34 -19.32 -19.25
N TYR B 386 -42.01 -19.52 -19.39
CA TYR B 386 -41.19 -20.35 -18.60
C TYR B 386 -40.38 -19.46 -17.63
N TYR B 387 -40.50 -19.69 -16.33
CA TYR B 387 -39.74 -18.96 -15.30
C TYR B 387 -39.11 -19.92 -14.26
N ILE B 388 -38.16 -19.41 -13.54
CA ILE B 388 -37.57 -19.97 -12.36
C ILE B 388 -38.06 -19.27 -11.09
N SER B 389 -38.44 -20.07 -10.10
CA SER B 389 -38.89 -19.54 -8.78
C SER B 389 -38.48 -20.36 -7.59
N ASN B 390 -38.68 -19.79 -6.39
CA ASN B 390 -38.51 -20.50 -5.11
C ASN B 390 -39.80 -20.88 -4.40
N GLU B 391 -40.86 -21.04 -5.17
CA GLU B 391 -42.09 -21.47 -4.69
C GLU B 391 -42.02 -22.85 -4.01
N TYR B 392 -41.43 -23.83 -4.66
CA TYR B 392 -41.51 -25.22 -4.19
C TYR B 392 -41.12 -25.38 -2.70
N LYS B 393 -41.99 -26.12 -1.99
CA LYS B 393 -41.99 -26.35 -0.54
C LYS B 393 -41.69 -25.08 0.33
N GLY B 394 -42.01 -23.88 -0.17
CA GLY B 394 -41.73 -22.73 0.60
C GLY B 394 -40.27 -22.46 0.97
N MET B 395 -39.30 -23.06 0.25
CA MET B 395 -37.87 -22.86 0.50
C MET B 395 -37.29 -21.74 -0.41
N PRO B 396 -37.00 -20.59 0.17
CA PRO B 396 -36.51 -19.46 -0.62
C PRO B 396 -35.16 -19.72 -1.21
N GLY B 397 -34.46 -20.74 -0.69
CA GLY B 397 -33.13 -21.07 -1.17
C GLY B 397 -33.12 -22.21 -2.18
N GLY B 398 -34.33 -22.66 -2.59
CA GLY B 398 -34.50 -23.65 -3.66
C GLY B 398 -34.88 -22.94 -4.95
N ARG B 399 -34.65 -23.57 -6.12
CA ARG B 399 -34.97 -22.90 -7.44
C ARG B 399 -35.48 -24.00 -8.38
N ASN B 400 -36.61 -23.80 -9.05
CA ASN B 400 -37.25 -24.75 -9.99
C ASN B 400 -37.83 -23.99 -11.17
N LEU B 401 -37.94 -24.69 -12.31
CA LEU B 401 -38.50 -24.26 -13.54
C LEU B 401 -39.95 -24.53 -13.56
N TYR B 402 -40.74 -23.49 -13.96
CA TYR B 402 -42.19 -23.70 -14.15
C TYR B 402 -42.60 -23.12 -15.51
N LYS B 403 -43.80 -23.43 -15.98
CA LYS B 403 -44.39 -22.79 -17.09
C LYS B 403 -45.87 -22.46 -16.73
N ILE B 404 -46.22 -21.32 -17.23
CA ILE B 404 -47.54 -20.83 -17.10
C ILE B 404 -48.16 -20.70 -18.49
N GLN B 405 -49.32 -21.33 -18.62
CA GLN B 405 -50.21 -21.25 -19.80
C GLN B 405 -50.80 -19.81 -19.96
N LEU B 406 -50.39 -19.18 -21.05
CA LEU B 406 -50.69 -17.76 -21.26
C LEU B 406 -52.20 -17.59 -21.46
N SER B 407 -52.94 -18.59 -21.95
CA SER B 407 -54.45 -18.52 -21.99
C SER B 407 -55.25 -18.86 -20.71
N ASP B 408 -54.54 -19.34 -19.69
CA ASP B 408 -55.10 -19.58 -18.36
C ASP B 408 -53.95 -19.61 -17.27
N TYR B 409 -53.75 -18.46 -16.65
CA TYR B 409 -52.75 -18.26 -15.62
C TYR B 409 -52.87 -19.18 -14.37
N THR B 410 -54.02 -19.83 -14.17
CA THR B 410 -54.15 -20.70 -13.05
C THR B 410 -53.41 -22.01 -13.38
N LYS B 411 -53.10 -22.27 -14.64
CA LYS B 411 -52.41 -23.51 -15.04
C LYS B 411 -50.88 -23.32 -15.13
N VAL B 412 -50.27 -23.55 -13.93
CA VAL B 412 -48.89 -23.51 -13.69
C VAL B 412 -48.40 -24.98 -13.47
N THR B 413 -47.47 -25.36 -14.30
CA THR B 413 -46.85 -26.61 -14.24
C THR B 413 -45.39 -26.47 -13.78
N CYS B 414 -45.04 -27.19 -12.71
CA CYS B 414 -43.71 -27.29 -12.27
C CYS B 414 -43.03 -28.38 -13.12
N LEU B 415 -41.92 -28.00 -13.75
CA LEU B 415 -41.33 -28.82 -14.72
C LEU B 415 -40.11 -29.46 -14.17
N SER B 416 -39.60 -29.11 -12.98
CA SER B 416 -38.36 -29.73 -12.47
C SER B 416 -38.43 -30.29 -11.03
N CYS B 417 -39.42 -29.88 -10.26
CA CYS B 417 -39.53 -30.20 -8.82
C CYS B 417 -39.42 -31.66 -8.51
N GLU B 418 -40.01 -32.51 -9.36
CA GLU B 418 -40.04 -33.91 -9.05
C GLU B 418 -39.13 -34.76 -9.95
N LEU B 419 -38.23 -34.17 -10.70
CA LEU B 419 -37.40 -35.02 -11.57
C LEU B 419 -36.55 -35.94 -10.70
N ASN B 420 -36.05 -35.40 -9.59
CA ASN B 420 -35.13 -36.14 -8.70
C ASN B 420 -35.06 -35.40 -7.33
N PRO B 421 -36.09 -35.51 -6.49
CA PRO B 421 -36.33 -34.49 -5.41
C PRO B 421 -35.33 -34.54 -4.22
N GLU B 422 -34.74 -35.68 -3.93
CA GLU B 422 -33.74 -35.82 -2.89
C GLU B 422 -32.41 -35.14 -3.28
N ARG B 423 -32.11 -35.29 -4.56
CA ARG B 423 -30.85 -34.89 -5.10
C ARG B 423 -30.85 -33.47 -5.65
N CYS B 424 -32.04 -33.01 -6.14
CA CYS B 424 -32.15 -31.81 -6.97
C CYS B 424 -33.23 -30.77 -6.59
N GLN B 425 -32.76 -29.62 -6.12
CA GLN B 425 -33.60 -28.63 -5.52
C GLN B 425 -33.19 -27.20 -5.88
N TYR B 426 -32.22 -27.03 -6.78
CA TYR B 426 -31.63 -25.69 -7.22
C TYR B 426 -31.32 -25.80 -8.69
N TYR B 427 -32.25 -25.40 -9.56
CA TYR B 427 -32.11 -25.53 -11.02
C TYR B 427 -31.86 -24.16 -11.71
N SER B 428 -31.05 -24.18 -12.77
CA SER B 428 -31.08 -23.21 -13.84
C SER B 428 -31.34 -23.92 -15.15
N VAL B 429 -31.54 -23.08 -16.17
CA VAL B 429 -32.05 -23.64 -17.43
C VAL B 429 -31.44 -22.91 -18.60
N SER B 430 -31.32 -23.52 -19.78
CA SER B 430 -30.86 -22.87 -21.01
C SER B 430 -31.74 -23.45 -22.10
N PHE B 431 -32.59 -22.58 -22.69
CA PHE B 431 -33.49 -22.86 -23.75
C PHE B 431 -32.89 -22.65 -25.16
N SER B 432 -33.22 -23.54 -26.04
CA SER B 432 -32.81 -23.46 -27.46
C SER B 432 -33.53 -22.23 -28.10
N LYS B 433 -33.12 -21.83 -29.30
CA LYS B 433 -33.75 -20.62 -29.96
C LYS B 433 -35.22 -20.96 -30.15
N GLU B 434 -36.15 -20.13 -29.72
CA GLU B 434 -37.58 -20.57 -29.90
C GLU B 434 -38.10 -21.63 -28.94
N ALA B 435 -37.19 -22.13 -28.07
CA ALA B 435 -37.61 -22.79 -26.86
C ALA B 435 -38.21 -24.16 -27.15
N LYS B 436 -37.79 -24.74 -28.25
CA LYS B 436 -38.16 -26.12 -28.56
C LYS B 436 -37.50 -27.14 -27.64
N TYR B 437 -36.26 -26.89 -27.19
CA TYR B 437 -35.56 -27.69 -26.16
C TYR B 437 -34.96 -26.88 -25.00
N TYR B 438 -34.62 -27.56 -23.92
CA TYR B 438 -34.01 -26.95 -22.74
C TYR B 438 -33.16 -27.91 -21.99
N GLN B 439 -31.97 -27.42 -21.64
CA GLN B 439 -31.08 -28.03 -20.72
C GLN B 439 -31.33 -27.54 -19.30
N LEU B 440 -31.66 -28.45 -18.41
CA LEU B 440 -31.70 -28.16 -16.97
C LEU B 440 -30.40 -28.51 -16.32
N ARG B 441 -29.99 -27.65 -15.39
CA ARG B 441 -28.79 -27.75 -14.63
C ARG B 441 -29.16 -27.74 -13.08
N CYS B 442 -29.03 -28.87 -12.35
CA CYS B 442 -29.24 -28.88 -10.87
C CYS B 442 -27.87 -28.75 -10.20
N SER B 443 -27.76 -27.84 -9.25
CA SER B 443 -26.50 -27.69 -8.60
C SER B 443 -26.59 -28.03 -7.15
N GLY B 444 -27.63 -28.72 -6.72
CA GLY B 444 -27.71 -29.06 -5.37
C GLY B 444 -28.99 -29.65 -4.96
N PRO B 445 -29.06 -30.27 -3.77
CA PRO B 445 -27.97 -30.43 -2.84
C PRO B 445 -27.13 -31.72 -2.99
N GLY B 446 -27.51 -32.58 -3.93
CA GLY B 446 -26.64 -33.64 -4.44
C GLY B 446 -25.63 -33.13 -5.45
N LEU B 447 -24.90 -34.04 -6.05
CA LEU B 447 -23.92 -33.61 -7.04
C LEU B 447 -24.67 -33.01 -8.21
N PRO B 448 -24.11 -31.98 -8.83
CA PRO B 448 -24.74 -31.40 -10.06
C PRO B 448 -25.06 -32.43 -11.15
N LEU B 449 -26.20 -32.19 -11.80
CA LEU B 449 -26.76 -33.07 -12.76
C LEU B 449 -27.30 -32.17 -13.94
N TYR B 450 -26.88 -32.53 -15.16
CA TYR B 450 -27.28 -31.84 -16.34
C TYR B 450 -28.11 -32.77 -17.25
N THR B 451 -29.20 -32.28 -17.78
CA THR B 451 -30.12 -33.07 -18.57
C THR B 451 -30.68 -32.29 -19.73
N LEU B 452 -31.11 -32.97 -20.78
CA LEU B 452 -31.83 -32.35 -21.89
C LEU B 452 -33.31 -32.81 -21.93
N HIS B 453 -34.18 -31.86 -22.34
CA HIS B 453 -35.61 -32.03 -22.33
C HIS B 453 -36.21 -31.38 -23.56
N SER B 454 -37.31 -31.93 -24.03
CA SER B 454 -38.09 -31.23 -25.12
C SER B 454 -39.28 -30.57 -24.56
N SER B 455 -39.62 -29.37 -25.07
CA SER B 455 -40.66 -28.60 -24.46
C SER B 455 -42.07 -29.08 -24.92
N VAL B 456 -42.16 -29.65 -26.13
CA VAL B 456 -43.51 -29.96 -26.71
C VAL B 456 -44.46 -30.73 -25.68
N ASN B 457 -43.96 -31.77 -25.03
CA ASN B 457 -44.68 -32.41 -23.92
C ASN B 457 -43.78 -32.61 -22.69
N ASP B 458 -42.74 -31.81 -22.58
CA ASP B 458 -41.84 -31.89 -21.42
C ASP B 458 -41.23 -33.27 -21.18
N LYS B 459 -40.89 -33.97 -22.26
CA LYS B 459 -40.18 -35.24 -22.17
C LYS B 459 -38.63 -35.10 -21.92
N GLY B 460 -38.15 -35.81 -20.90
CA GLY B 460 -36.73 -36.15 -20.72
C GLY B 460 -36.19 -36.81 -21.99
N LEU B 461 -35.06 -36.31 -22.47
CA LEU B 461 -34.44 -36.87 -23.66
C LEU B 461 -33.25 -37.72 -23.19
N ARG B 462 -32.43 -37.17 -22.29
CA ARG B 462 -30.99 -37.59 -22.12
C ARG B 462 -30.39 -36.95 -20.86
N VAL B 463 -29.66 -37.72 -20.10
CA VAL B 463 -28.77 -37.23 -19.08
C VAL B 463 -27.52 -36.81 -19.84
N LEU B 464 -27.02 -35.60 -19.62
CA LEU B 464 -25.86 -35.06 -20.31
C LEU B 464 -24.56 -35.30 -19.46
N GLU B 465 -24.64 -35.06 -18.14
CA GLU B 465 -23.52 -35.28 -17.22
C GLU B 465 -24.08 -35.56 -15.86
N ASP B 466 -23.67 -36.69 -15.24
CA ASP B 466 -24.21 -37.07 -13.95
C ASP B 466 -23.28 -36.97 -12.76
N ASN B 467 -22.01 -36.73 -13.03
CA ASN B 467 -21.01 -36.56 -12.04
C ASN B 467 -20.81 -37.82 -11.27
N SER B 468 -21.01 -38.96 -11.93
CA SER B 468 -20.74 -40.31 -11.30
C SER B 468 -19.29 -40.59 -10.91
N ALA B 469 -18.34 -40.18 -11.75
CA ALA B 469 -16.93 -40.19 -11.37
C ALA B 469 -16.71 -39.49 -9.98
N LEU B 470 -17.24 -38.31 -9.78
CA LEU B 470 -17.08 -37.62 -8.52
C LEU B 470 -17.77 -38.36 -7.39
N ASP B 471 -18.99 -38.77 -7.64
CA ASP B 471 -19.73 -39.55 -6.65
C ASP B 471 -18.87 -40.65 -6.08
N LYS B 472 -18.16 -41.32 -6.97
CA LYS B 472 -17.41 -42.46 -6.57
C LYS B 472 -16.21 -42.10 -5.67
N MET B 473 -15.54 -40.99 -5.98
CA MET B 473 -14.41 -40.56 -5.17
C MET B 473 -14.87 -40.09 -3.78
N LEU B 474 -16.05 -39.46 -3.71
CA LEU B 474 -16.57 -38.86 -2.45
C LEU B 474 -17.05 -39.96 -1.46
N GLN B 475 -17.65 -41.04 -1.97
CA GLN B 475 -17.93 -42.24 -1.10
C GLN B 475 -16.71 -42.58 -0.29
N ASN B 476 -15.55 -42.32 -0.88
CA ASN B 476 -14.19 -42.55 -0.31
C ASN B 476 -13.51 -41.53 0.64
N VAL B 477 -14.22 -40.45 0.91
CA VAL B 477 -13.80 -39.43 1.81
C VAL B 477 -14.93 -39.17 2.83
N GLN B 478 -14.57 -38.78 4.06
CA GLN B 478 -15.54 -38.41 5.10
C GLN B 478 -16.08 -36.99 4.83
N MET B 479 -17.23 -36.91 4.16
CA MET B 479 -17.78 -35.63 3.78
C MET B 479 -18.70 -35.06 4.86
N PRO B 480 -18.69 -33.76 5.01
CA PRO B 480 -19.60 -33.09 5.92
C PRO B 480 -21.01 -33.21 5.38
N SER B 481 -22.02 -32.92 6.19
CA SER B 481 -23.39 -32.73 5.67
C SER B 481 -23.88 -31.31 5.83
N LYS B 482 -24.95 -30.97 5.10
CA LYS B 482 -25.57 -29.66 5.17
C LYS B 482 -26.95 -29.81 5.85
N LYS B 483 -27.21 -29.01 6.87
CA LYS B 483 -28.59 -28.78 7.35
C LYS B 483 -28.99 -27.43 6.89
N LEU B 484 -30.21 -27.35 6.36
CA LEU B 484 -30.84 -26.14 5.90
C LEU B 484 -32.17 -25.97 6.61
N ASP B 485 -32.39 -24.85 7.29
CA ASP B 485 -33.56 -24.75 8.15
C ASP B 485 -33.80 -23.32 8.47
N PHE B 486 -34.67 -23.03 9.41
CA PHE B 486 -34.97 -21.65 9.75
C PHE B 486 -35.10 -21.48 11.22
N ILE B 487 -34.87 -20.26 11.70
CA ILE B 487 -35.20 -19.85 13.05
C ILE B 487 -36.17 -18.72 12.89
N ILE B 488 -36.68 -18.23 14.04
CA ILE B 488 -37.67 -17.12 14.12
C ILE B 488 -37.10 -15.99 14.94
N LEU B 489 -37.00 -14.84 14.30
CA LEU B 489 -36.77 -13.55 14.93
C LEU B 489 -38.06 -12.76 14.73
N ASN B 490 -38.79 -12.50 15.81
CA ASN B 490 -39.93 -11.58 15.81
C ASN B 490 -41.05 -12.04 14.90
N GLU B 491 -41.49 -13.27 15.09
CA GLU B 491 -42.58 -13.84 14.30
C GLU B 491 -42.31 -13.99 12.78
N THR B 492 -41.05 -13.83 12.38
CA THR B 492 -40.64 -14.07 10.98
C THR B 492 -39.61 -15.17 10.88
N LYS B 493 -39.65 -15.91 9.78
CA LYS B 493 -38.71 -17.00 9.53
C LYS B 493 -37.45 -16.52 8.84
N PHE B 494 -36.30 -16.86 9.40
CA PHE B 494 -35.02 -16.56 8.76
C PHE B 494 -34.21 -17.83 8.56
N TRP B 495 -33.76 -18.10 7.36
CA TRP B 495 -33.15 -19.34 7.04
C TRP B 495 -31.67 -19.30 7.28
N TYR B 496 -31.15 -20.47 7.66
CA TYR B 496 -29.75 -20.63 7.82
C TYR B 496 -29.30 -21.96 7.27
N GLN B 497 -28.00 -22.08 6.97
CA GLN B 497 -27.42 -23.38 6.66
C GLN B 497 -26.25 -23.68 7.59
N MET B 498 -26.07 -24.96 7.87
CA MET B 498 -24.93 -25.40 8.71
C MET B 498 -24.19 -26.51 7.95
N ILE B 499 -22.88 -26.39 7.90
CA ILE B 499 -22.06 -27.45 7.37
C ILE B 499 -21.46 -28.16 8.57
N LEU B 500 -21.82 -29.45 8.70
CA LEU B 500 -21.72 -30.18 9.94
C LEU B 500 -20.71 -31.29 9.70
N PRO B 501 -19.78 -31.42 10.60
CA PRO B 501 -18.73 -32.44 10.50
C PRO B 501 -19.22 -33.89 10.29
N PRO B 502 -18.49 -34.71 9.53
CA PRO B 502 -18.89 -36.12 9.38
C PRO B 502 -18.90 -36.79 10.76
N HIS B 503 -19.83 -37.69 10.98
CA HIS B 503 -20.08 -38.38 12.24
C HIS B 503 -20.54 -37.41 13.29
N PHE B 504 -21.40 -36.49 12.89
CA PHE B 504 -21.86 -35.44 13.78
C PHE B 504 -22.53 -36.00 14.97
N ASP B 505 -22.13 -35.50 16.14
CA ASP B 505 -22.66 -35.98 17.43
C ASP B 505 -23.25 -34.80 18.20
N LYS B 506 -24.58 -34.71 18.26
CA LYS B 506 -25.24 -33.62 18.91
C LYS B 506 -25.08 -33.54 20.43
N SER B 507 -24.44 -34.51 21.06
CA SER B 507 -24.11 -34.39 22.48
C SER B 507 -22.63 -33.89 22.69
N LYS B 508 -21.97 -33.45 21.61
CA LYS B 508 -20.62 -32.85 21.72
C LYS B 508 -20.67 -31.39 21.37
N LYS B 509 -19.76 -30.62 21.93
CA LYS B 509 -19.69 -29.20 21.63
C LYS B 509 -18.65 -28.89 20.55
N TYR B 510 -19.12 -28.25 19.47
CA TYR B 510 -18.28 -27.96 18.34
C TYR B 510 -18.01 -26.46 18.27
N PRO B 511 -16.82 -26.08 17.87
CA PRO B 511 -16.59 -24.68 17.56
C PRO B 511 -17.44 -24.39 16.33
N LEU B 512 -17.93 -23.14 16.27
CA LEU B 512 -18.66 -22.62 15.16
C LEU B 512 -18.03 -21.39 14.51
N LEU B 513 -17.96 -21.43 13.18
CA LEU B 513 -17.64 -20.32 12.31
C LEU B 513 -18.85 -19.86 11.60
N LEU B 514 -19.17 -18.60 11.79
CA LEU B 514 -20.19 -17.91 11.01
C LEU B 514 -19.59 -17.23 9.75
N ASP B 515 -20.01 -17.74 8.60
CA ASP B 515 -19.51 -17.33 7.30
C ASP B 515 -20.58 -16.33 6.84
N VAL B 516 -20.18 -15.05 6.68
CA VAL B 516 -21.16 -13.95 6.42
C VAL B 516 -20.90 -13.28 5.12
N TYR B 517 -22.00 -12.94 4.43
CA TYR B 517 -22.02 -11.96 3.41
C TYR B 517 -22.94 -10.83 3.81
N ALA B 518 -24.22 -11.06 3.69
CA ALA B 518 -25.25 -10.21 4.24
C ALA B 518 -25.55 -8.92 3.51
N GLY B 519 -25.04 -8.71 2.32
CA GLY B 519 -25.38 -7.51 1.58
C GLY B 519 -26.86 -7.58 1.14
N PRO B 520 -27.34 -6.46 0.65
CA PRO B 520 -28.69 -6.37 0.25
C PRO B 520 -28.95 -7.29 -0.91
N CYS B 521 -29.96 -8.14 -0.70
CA CYS B 521 -30.44 -9.17 -1.64
C CYS B 521 -29.48 -10.31 -1.67
N SER B 522 -28.76 -10.52 -0.58
CA SER B 522 -27.88 -11.63 -0.63
C SER B 522 -28.67 -12.86 -0.20
N GLN B 523 -28.15 -14.02 -0.50
CA GLN B 523 -28.70 -15.22 0.01
C GLN B 523 -27.54 -16.20 0.24
N LYS B 524 -27.35 -16.65 1.50
CA LYS B 524 -26.24 -17.53 1.84
C LYS B 524 -26.74 -18.92 2.36
N ALA B 525 -28.06 -19.06 2.51
CA ALA B 525 -28.63 -20.34 2.87
C ALA B 525 -29.36 -20.83 1.67
N ASP B 526 -28.87 -21.87 1.05
CA ASP B 526 -29.50 -22.38 -0.12
C ASP B 526 -29.19 -23.89 -0.29
N THR B 527 -29.67 -24.47 -1.40
CA THR B 527 -29.57 -25.86 -1.63
C THR B 527 -28.38 -26.21 -2.51
N VAL B 528 -27.52 -25.26 -2.83
CA VAL B 528 -26.41 -25.67 -3.72
C VAL B 528 -25.36 -26.47 -3.04
N PHE B 529 -24.78 -27.38 -3.81
CA PHE B 529 -23.70 -28.25 -3.35
C PHE B 529 -22.34 -27.63 -3.71
N ARG B 530 -21.46 -27.48 -2.72
CA ARG B 530 -20.21 -26.73 -2.89
C ARG B 530 -19.05 -27.53 -2.24
N LEU B 531 -17.91 -27.55 -2.92
CA LEU B 531 -16.67 -27.96 -2.38
C LEU B 531 -15.81 -26.70 -2.24
N ASN B 532 -15.61 -26.35 -0.97
CA ASN B 532 -15.03 -25.10 -0.61
C ASN B 532 -14.32 -25.17 0.75
N TRP B 533 -13.97 -24.02 1.30
CA TRP B 533 -13.09 -24.06 2.54
C TRP B 533 -13.84 -24.59 3.82
N ALA B 534 -15.09 -24.24 3.86
CA ALA B 534 -16.04 -24.76 4.83
C ALA B 534 -16.11 -26.33 4.87
N THR B 535 -16.03 -26.94 3.68
CA THR B 535 -15.98 -28.36 3.50
C THR B 535 -14.77 -28.93 4.25
N TYR B 536 -13.56 -28.37 3.99
CA TYR B 536 -12.40 -28.80 4.81
C TYR B 536 -12.52 -28.50 6.29
N LEU B 537 -12.97 -27.31 6.65
CA LEU B 537 -13.09 -26.94 8.07
C LEU B 537 -14.05 -27.88 8.82
N ALA B 538 -15.11 -28.34 8.15
CA ALA B 538 -16.01 -29.31 8.73
C ALA B 538 -15.40 -30.76 8.70
N SER B 539 -14.92 -31.18 7.53
CA SER B 539 -14.43 -32.54 7.35
C SER B 539 -13.11 -32.88 8.10
N THR B 540 -12.14 -31.94 8.08
CA THR B 540 -10.88 -32.24 8.72
C THR B 540 -10.77 -31.67 10.15
N GLU B 541 -11.23 -30.45 10.33
CA GLU B 541 -10.99 -29.65 11.55
C GLU B 541 -12.18 -29.79 12.52
N ASN B 542 -13.29 -30.36 12.01
CA ASN B 542 -14.49 -30.61 12.85
C ASN B 542 -15.09 -29.31 13.38
N ILE B 543 -15.14 -28.28 12.54
CA ILE B 543 -15.85 -27.01 12.84
C ILE B 543 -17.23 -26.90 12.16
N ILE B 544 -18.22 -26.36 12.86
CA ILE B 544 -19.49 -26.17 12.19
C ILE B 544 -19.36 -24.90 11.47
N VAL B 545 -19.60 -24.91 10.15
CA VAL B 545 -19.74 -23.63 9.46
C VAL B 545 -21.17 -23.19 9.16
N ALA B 546 -21.56 -22.04 9.63
CA ALA B 546 -22.93 -21.63 9.45
C ALA B 546 -23.03 -20.32 8.70
N SER B 547 -24.15 -20.16 8.00
CA SER B 547 -24.46 -18.91 7.32
C SER B 547 -25.96 -18.64 7.59
N PHE B 548 -26.30 -17.37 7.67
CA PHE B 548 -27.61 -16.94 8.09
C PHE B 548 -28.11 -15.86 7.17
N ASP B 549 -29.37 -15.98 6.77
CA ASP B 549 -30.00 -14.91 5.97
C ASP B 549 -30.97 -14.11 6.77
N GLY B 550 -30.50 -12.95 7.18
CA GLY B 550 -31.29 -11.95 7.93
C GLY B 550 -32.00 -10.85 7.14
N ARG B 551 -32.30 -9.78 7.86
CA ARG B 551 -32.88 -8.60 7.22
C ARG B 551 -31.92 -7.99 6.22
N GLY B 552 -32.46 -7.65 5.06
CA GLY B 552 -31.74 -7.17 3.88
C GLY B 552 -31.53 -8.32 2.90
N SER B 553 -31.71 -9.57 3.34
CA SER B 553 -31.50 -10.69 2.45
C SER B 553 -32.55 -10.80 1.38
N GLY B 554 -32.24 -11.49 0.27
CA GLY B 554 -33.20 -11.48 -0.85
C GLY B 554 -34.12 -12.68 -1.01
N TYR B 555 -35.03 -12.58 -1.97
CA TYR B 555 -35.78 -13.73 -2.53
C TYR B 555 -36.94 -14.12 -1.65
N GLN B 556 -37.28 -13.24 -0.70
CA GLN B 556 -38.30 -13.44 0.31
C GLN B 556 -39.17 -12.22 0.45
N GLY B 557 -39.21 -11.33 -0.52
CA GLY B 557 -40.08 -10.16 -0.36
C GLY B 557 -39.35 -8.91 0.08
N ASP B 558 -39.94 -7.77 -0.27
CA ASP B 558 -39.45 -6.49 0.08
C ASP B 558 -39.48 -6.17 1.57
N LYS B 559 -40.45 -6.69 2.29
CA LYS B 559 -40.46 -6.41 3.73
C LYS B 559 -39.17 -6.79 4.40
N ILE B 560 -38.57 -7.89 3.97
CA ILE B 560 -37.30 -8.29 4.45
C ILE B 560 -36.10 -7.57 3.73
N MET B 561 -36.15 -7.54 2.40
CA MET B 561 -35.03 -6.99 1.64
C MET B 561 -34.76 -5.50 1.97
N HIS B 562 -35.82 -4.73 2.06
CA HIS B 562 -35.77 -3.30 2.17
C HIS B 562 -35.76 -2.86 3.63
N ALA B 563 -35.69 -3.81 4.57
CA ALA B 563 -35.59 -3.43 6.04
C ALA B 563 -34.32 -2.63 6.31
N ILE B 564 -33.39 -2.71 5.39
CA ILE B 564 -32.07 -2.19 5.53
C ILE B 564 -31.96 -0.88 4.77
N ASN B 565 -33.04 -0.40 4.17
CA ASN B 565 -32.98 0.80 3.30
C ASN B 565 -32.42 1.97 4.12
N ARG B 566 -31.55 2.75 3.50
CA ARG B 566 -30.89 3.95 4.08
C ARG B 566 -30.15 3.71 5.39
N ARG B 567 -29.96 2.44 5.72
CA ARG B 567 -29.51 1.99 7.03
C ARG B 567 -28.54 0.81 6.90
N LEU B 568 -27.61 0.82 5.95
CA LEU B 568 -26.59 -0.30 5.93
C LEU B 568 -25.82 -0.35 7.25
N GLY B 569 -25.45 -1.52 7.70
CA GLY B 569 -24.66 -1.65 8.89
C GLY B 569 -25.37 -1.74 10.23
N THR B 570 -26.70 -1.90 10.19
CA THR B 570 -27.56 -1.98 11.36
C THR B 570 -28.19 -3.36 11.43
N PHE B 571 -29.38 -3.53 10.84
CA PHE B 571 -30.15 -4.77 11.07
C PHE B 571 -29.49 -6.04 10.58
N GLU B 572 -28.73 -5.91 9.48
CA GLU B 572 -28.03 -7.03 8.94
C GLU B 572 -26.85 -7.40 9.82
N VAL B 573 -26.39 -6.46 10.64
CA VAL B 573 -25.29 -6.82 11.56
C VAL B 573 -25.84 -7.41 12.84
N GLU B 574 -26.88 -6.77 13.41
CA GLU B 574 -27.57 -7.26 14.61
C GLU B 574 -28.09 -8.65 14.37
N ASP B 575 -28.69 -8.92 13.21
CA ASP B 575 -29.22 -10.26 12.89
C ASP B 575 -28.18 -11.36 12.80
N GLN B 576 -26.96 -11.06 12.35
CA GLN B 576 -25.88 -12.02 12.51
C GLN B 576 -25.53 -12.33 14.00
N ILE B 577 -25.41 -11.29 14.81
CA ILE B 577 -25.14 -11.48 16.20
C ILE B 577 -26.24 -12.30 16.85
N GLU B 578 -27.48 -12.06 16.45
CA GLU B 578 -28.60 -12.75 17.05
C GLU B 578 -28.66 -14.23 16.59
N ALA B 579 -28.28 -14.52 15.35
CA ALA B 579 -28.23 -15.89 14.83
C ALA B 579 -27.19 -16.70 15.56
N ALA B 580 -26.05 -16.09 15.78
CA ALA B 580 -24.97 -16.68 16.59
C ALA B 580 -25.38 -17.01 18.02
N ARG B 581 -25.99 -16.09 18.73
CA ARG B 581 -26.61 -16.37 20.05
C ARG B 581 -27.60 -17.51 20.02
N GLN B 582 -28.36 -17.68 18.93
CA GLN B 582 -29.26 -18.82 18.85
C GLN B 582 -28.52 -20.11 18.44
N PHE B 583 -27.49 -20.00 17.61
CA PHE B 583 -26.69 -21.20 17.34
C PHE B 583 -26.05 -21.68 18.68
N SER B 584 -25.70 -20.75 19.54
CA SER B 584 -25.03 -21.09 20.81
C SER B 584 -25.91 -21.71 21.89
N LYS B 585 -27.22 -21.66 21.71
CA LYS B 585 -28.18 -22.17 22.67
C LYS B 585 -28.50 -23.62 22.32
N MET B 586 -28.76 -23.88 21.03
CA MET B 586 -28.66 -25.24 20.51
C MET B 586 -27.33 -25.79 21.14
N GLY B 587 -27.32 -27.04 21.58
CA GLY B 587 -26.36 -27.45 22.59
C GLY B 587 -25.16 -28.19 22.05
N PHE B 588 -24.97 -28.16 20.73
CA PHE B 588 -23.82 -28.84 20.14
C PHE B 588 -22.82 -27.79 19.66
N VAL B 589 -23.01 -26.55 20.10
CA VAL B 589 -22.04 -25.50 19.81
C VAL B 589 -21.29 -25.08 21.06
N ASP B 590 -19.97 -24.96 20.97
CA ASP B 590 -19.15 -24.43 22.06
C ASP B 590 -19.14 -22.90 22.07
N ASN B 591 -19.80 -22.29 23.06
CA ASN B 591 -20.01 -20.86 23.04
C ASN B 591 -18.79 -20.06 23.38
N LYS B 592 -17.71 -20.73 23.78
CA LYS B 592 -16.41 -20.04 23.95
C LYS B 592 -15.56 -20.15 22.68
N ARG B 593 -16.06 -20.75 21.61
CA ARG B 593 -15.38 -20.83 20.34
C ARG B 593 -16.33 -20.61 19.16
N ILE B 594 -16.76 -19.35 19.05
CA ILE B 594 -17.51 -18.83 17.91
C ILE B 594 -16.65 -17.75 17.23
N ALA B 595 -16.39 -17.97 15.93
CA ALA B 595 -15.70 -17.05 15.10
C ALA B 595 -16.60 -16.66 13.96
N ILE B 596 -16.10 -15.63 13.28
CA ILE B 596 -16.85 -14.98 12.18
C ILE B 596 -15.91 -14.61 11.01
N TRP B 597 -16.36 -14.77 9.76
CA TRP B 597 -15.52 -14.30 8.69
C TRP B 597 -16.29 -13.90 7.48
N GLY B 598 -15.69 -13.04 6.68
CA GLY B 598 -16.28 -12.81 5.40
C GLY B 598 -15.45 -11.89 4.55
N TRP B 599 -15.98 -11.70 3.33
CA TRP B 599 -15.29 -11.10 2.22
C TRP B 599 -16.20 -10.07 1.66
N SER B 600 -15.60 -8.93 1.40
CA SER B 600 -16.20 -7.87 0.60
C SER B 600 -17.21 -7.23 1.49
N TYR B 601 -18.49 -7.42 1.19
CA TYR B 601 -19.54 -6.89 2.04
C TYR B 601 -19.50 -7.63 3.29
N GLY B 602 -19.24 -8.92 3.17
CA GLY B 602 -19.09 -9.73 4.40
C GLY B 602 -17.96 -9.38 5.37
N GLY B 603 -16.90 -8.74 4.84
CA GLY B 603 -15.77 -8.24 5.68
C GLY B 603 -16.22 -7.00 6.45
N TYR B 604 -17.01 -6.15 5.83
CA TYR B 604 -17.61 -5.02 6.49
C TYR B 604 -18.45 -5.58 7.63
N VAL B 605 -19.33 -6.54 7.34
CA VAL B 605 -20.24 -7.03 8.38
C VAL B 605 -19.47 -7.73 9.49
N THR B 606 -18.48 -8.52 9.11
CA THR B 606 -17.54 -9.14 10.01
C THR B 606 -16.93 -8.11 10.95
N SER B 607 -16.46 -7.00 10.41
CA SER B 607 -15.81 -6.00 11.26
C SER B 607 -16.78 -5.25 12.15
N MET B 608 -17.97 -4.93 11.62
CA MET B 608 -19.04 -4.28 12.41
C MET B 608 -19.50 -5.15 13.58
N VAL B 609 -19.59 -6.46 13.36
CA VAL B 609 -19.92 -7.41 14.38
C VAL B 609 -18.79 -7.47 15.43
N LEU B 610 -17.54 -7.65 15.03
CA LEU B 610 -16.46 -7.68 16.00
C LEU B 610 -16.40 -6.41 16.81
N GLY B 611 -16.71 -5.30 16.16
CA GLY B 611 -16.62 -4.02 16.83
C GLY B 611 -17.86 -3.63 17.54
N SER B 612 -18.72 -4.58 17.81
CA SER B 612 -20.04 -4.25 18.32
C SER B 612 -20.07 -4.33 19.84
N GLY B 613 -19.11 -5.02 20.42
CA GLY B 613 -19.05 -5.20 21.86
C GLY B 613 -19.96 -6.32 22.32
N SER B 614 -20.45 -7.18 21.46
CA SER B 614 -21.53 -8.11 21.88
C SER B 614 -21.04 -9.26 22.79
N GLY B 615 -19.73 -9.50 22.78
CA GLY B 615 -19.15 -10.55 23.62
C GLY B 615 -19.33 -11.96 23.10
N VAL B 616 -19.89 -12.12 21.90
CA VAL B 616 -20.28 -13.43 21.41
C VAL B 616 -19.19 -14.06 20.58
N PHE B 617 -18.35 -13.27 19.98
CA PHE B 617 -17.32 -13.82 19.05
C PHE B 617 -15.90 -13.67 19.58
N LYS B 618 -15.13 -14.76 19.52
CA LYS B 618 -13.78 -14.81 20.03
C LYS B 618 -12.82 -14.16 19.05
N CYS B 619 -13.11 -14.30 17.75
CA CYS B 619 -12.25 -13.76 16.72
C CYS B 619 -12.92 -13.73 15.36
N GLY B 620 -12.29 -13.00 14.44
CA GLY B 620 -12.83 -12.89 13.10
C GLY B 620 -11.83 -12.47 12.07
N ILE B 621 -12.21 -12.71 10.82
CA ILE B 621 -11.41 -12.43 9.67
C ILE B 621 -12.21 -11.62 8.73
N ALA B 622 -11.67 -10.45 8.38
CA ALA B 622 -12.30 -9.55 7.37
C ALA B 622 -11.38 -9.40 6.12
N VAL B 623 -11.87 -9.83 4.98
CA VAL B 623 -11.10 -9.83 3.71
C VAL B 623 -11.71 -8.82 2.82
N ALA B 624 -10.87 -7.87 2.39
CA ALA B 624 -11.25 -6.78 1.54
C ALA B 624 -12.58 -6.11 1.91
N PRO B 625 -12.67 -5.68 3.15
CA PRO B 625 -13.84 -5.05 3.65
C PRO B 625 -14.08 -3.62 3.20
N VAL B 626 -15.36 -3.27 3.03
CA VAL B 626 -15.73 -1.84 3.14
C VAL B 626 -15.61 -1.43 4.62
N SER B 627 -15.15 -0.20 4.84
CA SER B 627 -15.01 0.36 6.15
C SER B 627 -15.82 1.61 6.37
N ARG B 628 -16.10 2.38 5.30
CA ARG B 628 -16.85 3.64 5.35
C ARG B 628 -17.54 3.70 3.97
N TRP B 629 -18.86 3.97 3.94
CA TRP B 629 -19.62 3.99 2.68
C TRP B 629 -19.22 5.12 1.71
N GLU B 630 -18.74 6.24 2.22
CA GLU B 630 -18.20 7.25 1.30
C GLU B 630 -16.98 6.80 0.48
N TYR B 631 -16.26 5.72 0.87
CA TYR B 631 -15.21 5.16 0.08
C TYR B 631 -15.65 4.27 -1.10
N TYR B 632 -16.91 3.78 -1.12
CA TYR B 632 -17.32 2.80 -2.13
C TYR B 632 -17.95 3.56 -3.32
N ASP B 633 -18.22 2.96 -4.47
CA ASP B 633 -18.77 3.70 -5.54
C ASP B 633 -20.16 4.18 -5.32
N SER B 634 -20.49 5.18 -6.09
CA SER B 634 -21.76 5.87 -6.04
C SER B 634 -22.93 4.95 -6.46
N VAL B 635 -22.79 4.21 -7.54
CA VAL B 635 -23.94 3.55 -8.03
C VAL B 635 -24.53 2.56 -7.04
N TYR B 636 -23.70 1.69 -6.46
CA TYR B 636 -24.08 0.68 -5.48
C TYR B 636 -24.42 1.33 -4.18
N THR B 637 -23.56 2.21 -3.68
CA THR B 637 -23.80 2.78 -2.35
C THR B 637 -25.12 3.60 -2.24
N GLU B 638 -25.29 4.58 -3.12
CA GLU B 638 -26.42 5.41 -3.08
C GLU B 638 -27.80 4.74 -3.35
N ARG B 639 -27.78 3.57 -3.98
CA ARG B 639 -28.96 2.74 -4.15
C ARG B 639 -29.54 2.45 -2.80
N TYR B 640 -28.67 2.02 -1.84
CA TYR B 640 -29.06 1.59 -0.47
C TYR B 640 -28.95 2.70 0.61
N MET B 641 -28.18 3.75 0.35
CA MET B 641 -27.90 4.78 1.37
C MET B 641 -28.36 6.18 1.02
N GLY B 642 -28.79 6.43 -0.21
CA GLY B 642 -28.89 7.78 -0.68
C GLY B 642 -27.53 8.48 -0.71
N LEU B 643 -27.56 9.81 -0.56
CA LEU B 643 -26.38 10.68 -0.72
C LEU B 643 -25.85 11.07 0.63
N PRO B 644 -24.52 11.21 0.71
CA PRO B 644 -23.88 11.62 1.93
C PRO B 644 -23.85 13.14 2.01
N THR B 645 -25.03 13.75 2.09
CA THR B 645 -25.19 15.18 2.38
C THR B 645 -26.14 15.34 3.57
N PRO B 646 -26.01 16.43 4.29
CA PRO B 646 -26.92 16.82 5.39
C PRO B 646 -28.38 16.91 4.98
N GLU B 647 -28.63 17.30 3.75
CA GLU B 647 -30.00 17.27 3.20
C GLU B 647 -30.49 15.80 3.11
N ASP B 648 -29.60 14.81 3.01
CA ASP B 648 -30.03 13.43 2.74
C ASP B 648 -29.64 12.46 3.88
N ASN B 649 -28.52 11.76 3.78
CA ASN B 649 -28.31 10.64 4.70
C ASN B 649 -26.96 10.63 5.38
N LEU B 650 -26.31 11.78 5.44
CA LEU B 650 -24.94 11.88 5.97
C LEU B 650 -24.78 11.32 7.36
N ASP B 651 -25.72 11.57 8.26
CA ASP B 651 -25.59 11.07 9.63
C ASP B 651 -25.46 9.54 9.72
N HIS B 652 -26.21 8.79 8.93
CA HIS B 652 -25.98 7.33 8.91
C HIS B 652 -24.68 6.89 8.13
N TYR B 653 -24.23 7.66 7.14
CA TYR B 653 -22.90 7.41 6.56
C TYR B 653 -21.80 7.49 7.67
N ARG B 654 -21.95 8.40 8.61
CA ARG B 654 -20.97 8.62 9.72
C ARG B 654 -21.05 7.63 10.93
N ASN B 655 -22.26 7.21 11.25
CA ASN B 655 -22.51 6.18 12.22
C ASN B 655 -22.23 4.78 11.69
N SER B 656 -22.08 4.59 10.36
CA SER B 656 -21.95 3.21 9.86
C SER B 656 -20.56 2.82 9.43
N THR B 657 -19.57 3.46 10.04
CA THR B 657 -18.22 3.10 9.79
C THR B 657 -17.65 2.11 10.78
N VAL B 658 -16.74 1.27 10.28
CA VAL B 658 -15.94 0.36 11.07
C VAL B 658 -15.01 1.16 12.09
N MET B 659 -14.44 2.26 11.64
CA MET B 659 -13.48 3.04 12.40
C MET B 659 -14.10 3.58 13.68
N SER B 660 -15.39 3.89 13.66
CA SER B 660 -16.07 4.41 14.87
C SER B 660 -16.17 3.37 15.99
N ARG B 661 -16.03 2.07 15.68
CA ARG B 661 -16.12 1.03 16.69
C ARG B 661 -14.74 0.51 17.09
N ALA B 662 -13.69 1.20 16.71
CA ALA B 662 -12.34 0.69 16.97
C ALA B 662 -12.06 0.27 18.42
N GLU B 663 -12.33 1.08 19.44
CA GLU B 663 -12.09 0.64 20.86
C GLU B 663 -12.59 -0.81 21.17
N ASN B 664 -13.74 -1.20 20.58
CA ASN B 664 -14.38 -2.48 20.90
C ASN B 664 -13.65 -3.68 20.33
N PHE B 665 -12.67 -3.43 19.46
CA PHE B 665 -11.85 -4.53 18.96
C PHE B 665 -10.81 -5.03 20.01
N LYS B 666 -10.70 -4.38 21.16
CA LYS B 666 -9.86 -4.94 22.25
C LYS B 666 -10.34 -6.29 22.75
N GLN B 667 -11.61 -6.58 22.55
CA GLN B 667 -12.26 -7.76 23.12
C GLN B 667 -12.04 -8.99 22.24
N VAL B 668 -11.44 -8.80 21.07
CA VAL B 668 -11.42 -9.87 20.06
C VAL B 668 -10.10 -9.98 19.35
N GLU B 669 -9.84 -11.16 18.77
CA GLU B 669 -8.73 -11.38 17.88
C GLU B 669 -9.14 -11.11 16.45
N TYR B 670 -8.50 -10.15 15.78
CA TYR B 670 -8.91 -9.73 14.42
C TYR B 670 -7.82 -9.92 13.39
N LEU B 671 -8.19 -10.43 12.23
CA LEU B 671 -7.30 -10.57 11.11
C LEU B 671 -7.91 -9.87 9.93
N LEU B 672 -7.17 -8.90 9.43
CA LEU B 672 -7.57 -8.00 8.39
C LEU B 672 -6.68 -8.24 7.15
N ILE B 673 -7.31 -8.44 5.99
CA ILE B 673 -6.61 -8.82 4.75
C ILE B 673 -7.15 -8.04 3.63
N HIS B 674 -6.27 -7.55 2.74
CA HIS B 674 -6.60 -6.74 1.62
C HIS B 674 -5.58 -6.78 0.49
N GLY B 675 -6.04 -6.76 -0.77
CA GLY B 675 -5.21 -6.63 -1.97
C GLY B 675 -4.82 -5.20 -2.21
N THR B 676 -3.55 -4.97 -2.56
CA THR B 676 -3.07 -3.60 -2.82
C THR B 676 -3.64 -3.05 -4.12
N ALA B 677 -4.03 -3.91 -5.07
CA ALA B 677 -4.42 -3.39 -6.39
C ALA B 677 -5.89 -3.53 -6.57
N ASP B 678 -6.60 -3.53 -5.44
CA ASP B 678 -8.07 -3.61 -5.46
C ASP B 678 -8.66 -2.30 -6.04
N ASP B 679 -9.17 -2.43 -7.24
CA ASP B 679 -9.74 -1.38 -7.99
C ASP B 679 -11.23 -1.22 -7.53
N ASN B 680 -11.77 -2.18 -6.77
CA ASN B 680 -13.19 -2.17 -6.42
C ASN B 680 -13.46 -1.58 -5.04
N VAL B 681 -13.05 -2.34 -4.08
CA VAL B 681 -12.93 -1.89 -2.69
C VAL B 681 -11.46 -1.51 -2.46
N HIS B 682 -11.18 -0.23 -2.49
CA HIS B 682 -9.73 0.18 -2.53
C HIS B 682 -9.03 -0.15 -1.27
N PHE B 683 -7.73 -0.41 -1.38
CA PHE B 683 -6.90 -0.71 -0.23
C PHE B 683 -7.11 0.37 0.90
N GLN B 684 -7.38 1.63 0.52
CA GLN B 684 -7.77 2.70 1.41
C GLN B 684 -8.66 2.30 2.55
N GLN B 685 -9.65 1.46 2.24
CA GLN B 685 -10.64 1.08 3.18
C GLN B 685 -10.03 0.41 4.42
N SER B 686 -9.16 -0.59 4.21
CA SER B 686 -8.53 -1.31 5.25
C SER B 686 -7.40 -0.48 5.86
N ALA B 687 -6.75 0.38 5.08
CA ALA B 687 -5.75 1.32 5.61
C ALA B 687 -6.37 2.29 6.62
N GLN B 688 -7.61 2.71 6.40
CA GLN B 688 -8.28 3.54 7.39
C GLN B 688 -8.73 2.70 8.60
N ILE B 689 -9.06 1.43 8.41
CA ILE B 689 -9.26 0.53 9.54
C ILE B 689 -8.07 0.32 10.46
N SER B 690 -6.96 -0.15 9.92
CA SER B 690 -5.71 -0.24 10.65
C SER B 690 -5.28 1.04 11.32
N LYS B 691 -5.38 2.14 10.63
CA LYS B 691 -5.00 3.41 11.27
C LYS B 691 -5.83 3.71 12.55
N ALA B 692 -7.13 3.46 12.50
CA ALA B 692 -8.05 3.64 13.63
C ALA B 692 -7.74 2.74 14.81
N LEU B 693 -7.43 1.49 14.51
CA LEU B 693 -7.07 0.48 15.52
C LEU B 693 -5.73 0.80 16.20
N VAL B 694 -4.77 1.21 15.40
CA VAL B 694 -3.51 1.76 15.93
C VAL B 694 -3.65 3.02 16.84
N ASP B 695 -4.45 3.99 16.43
CA ASP B 695 -4.69 5.19 17.18
C ASP B 695 -5.32 4.89 18.54
N VAL B 696 -6.01 3.77 18.68
CA VAL B 696 -6.68 3.50 19.92
C VAL B 696 -5.99 2.32 20.68
N GLY B 697 -4.80 1.90 20.23
CA GLY B 697 -4.02 0.86 20.92
C GLY B 697 -4.60 -0.55 20.86
N VAL B 698 -5.32 -0.92 19.80
CA VAL B 698 -5.76 -2.30 19.70
C VAL B 698 -4.71 -3.12 18.92
N ASP B 699 -4.32 -4.30 19.40
CA ASP B 699 -3.50 -5.16 18.54
C ASP B 699 -4.42 -5.96 17.65
N PHE B 700 -3.89 -6.26 16.48
CA PHE B 700 -4.58 -7.07 15.52
C PHE B 700 -3.53 -7.66 14.60
N GLN B 701 -4.00 -8.51 13.73
CA GLN B 701 -3.17 -9.12 12.67
C GLN B 701 -3.64 -8.67 11.31
N ALA B 702 -2.69 -8.44 10.44
CA ALA B 702 -2.93 -7.94 9.06
C ALA B 702 -2.19 -8.82 8.06
N MET B 703 -2.59 -8.68 6.81
CA MET B 703 -1.87 -9.20 5.68
C MET B 703 -2.28 -8.42 4.46
N TRP B 704 -1.29 -7.83 3.77
CA TRP B 704 -1.57 -7.27 2.42
C TRP B 704 -1.20 -8.34 1.39
N TYR B 705 -1.81 -8.28 0.22
CA TYR B 705 -1.44 -9.12 -0.98
C TYR B 705 -1.07 -8.22 -2.15
N THR B 706 0.21 -8.10 -2.43
CA THR B 706 0.79 -7.16 -3.40
C THR B 706 0.20 -7.53 -4.76
N ASP B 707 -0.42 -6.51 -5.41
CA ASP B 707 -0.90 -6.58 -6.75
C ASP B 707 -2.14 -7.43 -6.96
N GLU B 708 -2.74 -7.92 -5.86
CA GLU B 708 -3.92 -8.76 -5.99
C GLU B 708 -5.10 -7.77 -6.02
N ASP B 709 -6.22 -8.14 -6.65
CA ASP B 709 -7.44 -7.30 -6.60
C ASP B 709 -8.50 -7.87 -5.64
N HIS B 710 -9.74 -7.59 -5.90
CA HIS B 710 -10.80 -7.94 -5.01
C HIS B 710 -11.00 -9.43 -4.80
N GLY B 711 -10.64 -10.25 -5.76
CA GLY B 711 -10.92 -11.70 -5.69
C GLY B 711 -9.71 -12.35 -5.05
N ILE B 712 -8.60 -11.63 -4.95
CA ILE B 712 -7.33 -12.23 -4.51
C ILE B 712 -7.22 -13.65 -5.15
N ALA B 713 -7.30 -13.68 -6.45
CA ALA B 713 -7.57 -14.91 -7.17
C ALA B 713 -6.42 -15.53 -7.93
N SER B 714 -5.26 -14.88 -8.05
CA SER B 714 -4.15 -15.52 -8.62
C SER B 714 -3.96 -16.81 -7.79
N SER B 715 -3.33 -17.79 -8.37
CA SER B 715 -3.45 -19.06 -7.84
C SER B 715 -2.58 -19.14 -6.63
N THR B 716 -1.37 -18.64 -6.66
CA THR B 716 -0.60 -18.77 -5.46
C THR B 716 -1.10 -17.85 -4.29
N ALA B 717 -1.76 -16.72 -4.55
CA ALA B 717 -2.35 -15.86 -3.55
C ALA B 717 -3.60 -16.46 -2.93
N HIS B 718 -4.43 -17.02 -3.80
CA HIS B 718 -5.50 -17.86 -3.35
C HIS B 718 -5.08 -18.95 -2.40
N GLN B 719 -4.10 -19.76 -2.73
CA GLN B 719 -3.69 -20.73 -1.79
C GLN B 719 -3.09 -20.14 -0.45
N HIS B 720 -2.35 -19.04 -0.57
CA HIS B 720 -1.67 -18.44 0.57
C HIS B 720 -2.66 -17.91 1.54
N ILE B 721 -3.67 -17.20 1.03
CA ILE B 721 -4.60 -16.59 1.91
C ILE B 721 -5.46 -17.61 2.64
N TYR B 722 -5.95 -18.65 1.95
CA TYR B 722 -6.68 -19.73 2.69
C TYR B 722 -5.79 -20.46 3.65
N THR B 723 -4.51 -20.49 3.38
CA THR B 723 -3.62 -21.19 4.32
C THR B 723 -3.44 -20.25 5.55
N HIS B 724 -3.27 -18.95 5.29
CA HIS B 724 -3.03 -18.03 6.36
C HIS B 724 -4.31 -17.98 7.19
N MET B 725 -5.43 -17.96 6.55
CA MET B 725 -6.67 -17.92 7.33
C MET B 725 -6.86 -19.21 8.15
N SER B 726 -6.47 -20.36 7.61
CA SER B 726 -6.70 -21.66 8.34
C SER B 726 -5.90 -21.69 9.58
N HIS B 727 -4.65 -21.16 9.54
CA HIS B 727 -3.74 -21.18 10.72
C HIS B 727 -4.37 -20.22 11.76
N PHE B 728 -4.89 -19.09 11.29
CA PHE B 728 -5.52 -18.14 12.23
C PHE B 728 -6.72 -18.76 12.96
N ILE B 729 -7.67 -19.34 12.22
CA ILE B 729 -8.82 -20.01 12.79
C ILE B 729 -8.43 -21.16 13.73
N LYS B 730 -7.48 -22.02 13.32
CA LYS B 730 -6.98 -23.14 14.20
C LYS B 730 -6.38 -22.69 15.51
N GLN B 731 -5.55 -21.63 15.49
CA GLN B 731 -4.97 -21.07 16.71
C GLN B 731 -6.02 -20.42 17.59
N CYS B 732 -6.98 -19.72 17.00
CA CYS B 732 -7.96 -19.02 17.83
C CYS B 732 -8.93 -20.02 18.50
N PHE B 733 -9.09 -21.19 17.90
CA PHE B 733 -9.90 -22.29 18.45
C PHE B 733 -9.07 -23.39 19.21
N SER B 734 -7.78 -23.14 19.46
CA SER B 734 -6.85 -24.12 20.01
C SER B 734 -6.94 -25.49 19.33
N LEU B 735 -6.97 -25.52 17.99
CA LEU B 735 -6.90 -26.78 17.26
C LEU B 735 -5.47 -27.06 16.84
N PRO B 736 -5.03 -28.31 16.91
CA PRO B 736 -3.65 -28.66 16.47
C PRO B 736 -3.45 -28.59 14.92
C1 NAG C . 27.85 37.53 36.20
C2 NAG C . 26.78 38.19 35.30
C3 NAG C . 27.35 39.50 34.72
C4 NAG C . 27.87 40.41 35.82
C5 NAG C . 28.71 39.60 36.76
C6 NAG C . 29.20 40.49 37.93
C7 NAG C . 25.37 36.68 33.94
C8 NAG C . 25.47 35.82 32.72
N2 NAG C . 26.48 37.39 34.18
O3 NAG C . 26.31 40.18 34.10
O4 NAG C . 28.74 41.40 35.28
O5 NAG C . 28.13 38.41 37.23
O6 NAG C . 28.12 41.01 38.77
O7 NAG C . 24.36 36.72 34.64
C1 NAG C . 28.04 42.67 35.27
C2 NAG C . 28.93 43.94 35.28
C3 NAG C . 27.95 45.13 35.31
C4 NAG C . 27.11 45.20 34.04
C5 NAG C . 26.29 43.92 33.99
C6 NAG C . 25.70 43.80 32.60
C7 NAG C . 30.79 43.34 36.80
C8 NAG C . 31.46 43.72 38.11
N2 NAG C . 29.71 44.08 36.47
O3 NAG C . 28.57 46.36 35.56
O4 NAG C . 26.29 46.37 33.96
O5 NAG C . 27.12 42.74 34.15
O6 NAG C . 26.74 43.16 31.86
O7 NAG C . 31.25 42.40 36.10
C1 NAG D . 17.45 22.13 -15.45
C2 NAG D . 17.68 23.50 -16.12
C3 NAG D . 17.10 23.58 -17.51
C4 NAG D . 17.36 22.33 -18.30
C5 NAG D . 17.36 21.02 -17.50
C6 NAG D . 18.12 19.84 -18.12
C7 NAG D . 18.07 25.42 -14.70
C8 NAG D . 17.52 26.69 -14.15
N2 NAG D . 17.21 24.68 -15.39
O3 NAG D . 17.86 24.56 -18.20
O4 NAG D . 16.38 22.35 -19.33
O5 NAG D . 17.91 21.09 -16.23
O6 NAG D . 17.33 18.76 -17.68
O7 NAG D . 19.24 25.07 -14.44
C1 NAG D . 17.02 22.18 -20.60
C2 NAG D . 16.07 21.48 -21.60
C3 NAG D . 16.61 21.55 -23.06
C4 NAG D . 17.20 22.92 -23.44
C5 NAG D . 18.07 23.49 -22.29
C6 NAG D . 18.59 24.90 -22.59
C7 NAG D . 14.81 19.61 -20.63
C8 NAG D . 14.76 18.13 -20.51
N2 NAG D . 15.91 20.08 -21.24
O3 NAG D . 15.62 21.21 -24.01
O4 NAG D . 18.04 22.65 -24.53
O5 NAG D . 17.39 23.47 -21.03
O6 NAG D . 17.49 25.78 -22.77
O7 NAG D . 13.95 20.33 -20.14
C1 LGU D . 17.65 23.42 -25.68
C2 LGU D . 18.63 23.18 -26.84
O2 LGU D . 18.70 21.85 -27.35
C3 LGU D . 18.17 24.15 -27.90
O3 LGU D . 19.21 24.31 -28.86
C4 LGU D . 16.86 23.60 -28.48
O4 LGU D . 16.19 24.68 -29.15
C5 LGU D . 15.92 22.96 -27.39
O5 LGU D . 16.28 23.22 -26.02
C6 LGU D . 15.64 21.45 -27.54
O6B LGU D . 14.23 21.28 -27.54
C1 MAN D . 19.31 25.65 -29.39
C2 MAN D . 20.26 25.66 -30.56
C3 MAN D . 21.68 25.25 -30.12
C4 MAN D . 22.16 26.02 -28.89
C5 MAN D . 21.03 26.12 -27.88
C6 MAN D . 21.41 27.06 -26.74
O2 MAN D . 20.28 26.99 -31.02
O3 MAN D . 22.57 25.43 -31.20
O4 MAN D . 23.24 25.35 -28.25
O5 MAN D . 19.89 26.58 -28.55
O6 MAN D . 20.80 26.71 -25.51
C1 NAG E . 37.08 3.66 -8.92
C2 NAG E . 38.46 3.03 -9.09
C3 NAG E . 38.57 2.35 -10.45
C4 NAG E . 37.46 1.34 -10.69
C5 NAG E . 36.04 1.77 -10.22
C6 NAG E . 35.32 0.57 -9.51
C7 NAG E . 40.49 3.89 -7.95
C8 NAG E . 41.17 5.17 -7.57
N2 NAG E . 39.53 4.00 -8.90
O3 NAG E . 39.76 1.61 -10.50
O4 NAG E . 37.47 0.96 -12.08
O5 NAG E . 35.92 3.01 -9.48
O6 NAG E . 36.06 -0.08 -8.46
O7 NAG E . 40.81 2.81 -7.45
C1 NAG E . 37.86 -0.44 -12.19
C2 NAG E . 37.33 -1.19 -13.45
C3 NAG E . 37.92 -2.61 -13.54
C4 NAG E . 39.38 -2.71 -13.12
C5 NAG E . 39.59 -1.94 -11.82
C6 NAG E . 41.01 -2.08 -11.24
C7 NAG E . 35.05 -0.45 -13.95
C8 NAG E . 33.64 -0.90 -14.21
N2 NAG E . 35.89 -1.35 -13.43
O3 NAG E . 37.82 -3.16 -14.82
O4 NAG E . 39.64 -4.07 -12.88
O5 NAG E . 39.26 -0.59 -12.11
O6 NAG E . 41.01 -3.10 -10.26
O7 NAG E . 35.41 0.71 -14.20
C1 NAG F . -28.20 -36.38 -37.12
C2 NAG F . -27.26 -35.33 -37.73
C3 NAG F . -27.93 -34.74 -38.98
C4 NAG F . -28.43 -35.84 -39.95
C5 NAG F . -29.00 -37.05 -39.23
C6 NAG F . -29.20 -38.31 -40.11
C7 NAG F . -25.69 -33.99 -36.45
C8 NAG F . -25.49 -32.77 -35.65
N2 NAG F . -26.92 -34.30 -36.83
O3 NAG F . -26.89 -34.01 -39.63
O4 NAG F . -29.54 -35.32 -40.73
O5 NAG F . -28.19 -37.35 -38.15
O6 NAG F . -28.00 -38.75 -40.72
O7 NAG F . -24.71 -34.62 -36.80
C1 NAG F . -29.33 -35.62 -42.08
C2 NAG F . -30.63 -35.43 -42.83
C3 NAG F . -30.38 -35.57 -44.31
C4 NAG F . -29.20 -34.68 -44.71
C5 NAG F . -27.95 -34.77 -43.79
C6 NAG F . -26.92 -33.63 -44.01
C7 NAG F . -32.62 -36.41 -41.77
C8 NAG F . -33.61 -37.49 -42.02
N2 NAG F . -31.53 -36.51 -42.53
O3 NAG F . -31.58 -35.23 -45.03
O4 NAG F . -28.88 -35.07 -46.03
O5 NAG F . -28.31 -34.76 -42.42
O6 NAG F . -27.24 -32.48 -43.21
O7 NAG F . -32.86 -35.56 -40.92
C1 NAG G . -34.64 -7.21 -41.07
C2 NAG G . -34.81 -7.46 -42.60
C3 NAG G . -34.91 -6.19 -43.47
C4 NAG G . -35.23 -4.90 -42.65
C5 NAG G . -34.61 -4.90 -41.24
C6 NAG G . -35.00 -3.68 -40.45
C7 NAG G . -33.99 -9.61 -43.60
C8 NAG G . -32.75 -10.46 -43.81
N2 NAG G . -33.79 -8.34 -43.16
O3 NAG G . -35.89 -6.49 -44.48
O4 NAG G . -34.96 -3.61 -43.26
O5 NAG G . -35.07 -6.00 -40.51
O6 NAG G . -36.41 -3.55 -40.47
O7 NAG G . -35.09 -10.10 -43.85
C1 NAG G . -36.16 -3.12 -43.85
C2 NAG G . -36.02 -1.73 -44.42
C3 NAG G . -37.35 -1.35 -45.08
C4 NAG G . -37.77 -2.34 -46.19
C5 NAG G . -37.70 -3.78 -45.65
C6 NAG G . -37.75 -4.81 -46.79
C7 NAG G . -34.41 -0.33 -43.22
C8 NAG G . -34.22 1.01 -42.56
N2 NAG G . -35.67 -0.77 -43.40
O3 NAG G . -37.23 -0.03 -45.59
O4 NAG G . -39.03 -2.06 -46.81
O5 NAG G . -36.50 -4.01 -44.91
O6 NAG G . -36.46 -5.05 -47.33
O7 NAG G . -33.41 -0.97 -43.57
C1 NAG H . -37.58 7.72 -2.67
C2 NAG H . -38.96 8.37 -2.66
C3 NAG H . -38.89 9.86 -2.28
C4 NAG H . -37.74 10.19 -1.33
C5 NAG H . -36.46 9.55 -1.89
C6 NAG H . -35.20 10.00 -1.13
C7 NAG H . -40.73 7.54 -4.19
C8 NAG H . -41.09 7.41 -5.63
N2 NAG H . -39.62 8.26 -3.96
O3 NAG H . -40.15 10.21 -1.71
O4 NAG H . -37.60 11.60 -1.11
O5 NAG H . -36.62 8.16 -1.78
O6 NAG H . -35.25 9.52 0.20
O7 NAG H . -41.47 6.99 -3.36
C1 NAG H . -37.74 11.90 0.30
C2 NAG H . -37.29 13.35 0.52
C3 NAG H . -38.09 14.20 1.51
C4 NAG H . -39.56 13.79 1.53
C5 NAG H . -39.57 12.28 1.85
C6 NAG H . -40.97 11.73 2.09
C7 NAG H . -34.84 13.57 0.34
C8 NAG H . -33.51 13.04 0.83
N2 NAG H . -35.92 13.26 1.04
O3 NAG H . -37.99 15.58 1.19
O4 NAG H . -40.34 14.62 2.42
O5 NAG H . -39.05 11.60 0.72
O6 NAG H . -41.63 11.60 0.85
O7 NAG H . -34.94 14.28 -0.67
C1 NAG I . 34.23 41.22 6.00
C2 NAG I . 34.37 42.68 6.43
C3 NAG I . 34.29 43.61 5.21
C4 NAG I . 35.08 43.10 3.99
C5 NAG I . 34.83 41.60 3.72
C6 NAG I . 35.78 40.96 2.71
C7 NAG I . 34.03 43.54 8.70
C8 NAG I . 35.02 42.61 9.41
N2 NAG I . 33.50 43.08 7.53
O3 NAG I . 34.77 44.90 5.57
O4 NAG I . 34.74 43.89 2.86
O5 NAG I . 35.03 40.87 4.91
O6 NAG I . 37.05 40.61 3.28
O7 NAG I . 33.79 44.65 9.20
N3 PZF J . 26.02 11.86 6.78
C4 PZF J . 27.17 12.11 7.43
C6 PZF J . 27.15 9.99 8.45
C13 PZF J . 20.56 5.63 5.66
C21 PZF J . 19.78 4.42 5.30
C8 PZF J . 24.53 6.70 9.30
C16 PZF J . 22.28 7.19 5.04
C19 PZF J . 28.96 13.62 8.02
C26 PZF J . 20.40 3.30 4.78
F29 PZF J . 17.64 1.08 4.29
C24 PZF J . 18.33 2.18 4.57
C23 PZF J . 17.68 3.26 5.12
C22 PZF J . 18.42 4.39 5.48
F27 PZF J . 17.84 5.46 6.02
C25 PZF J . 19.71 2.20 4.40
F28 PZF J . 20.43 1.16 3.93
C17 PZF J . 21.16 6.30 4.47
N20 PZF J . 20.24 7.11 3.75
N15 PZF J . 22.54 6.49 6.30
C14 PZF J . 21.74 5.32 6.58
C12 PZF J . 23.46 6.95 7.23
N7 PZF J . 23.63 6.27 8.39
C11 PZF J . 24.20 8.12 7.01
C10 PZF J . 25.15 8.50 7.93
N9 PZF J . 25.26 7.78 9.05
C1 PZF J . 25.95 9.75 7.76
C5 PZF J . 27.78 11.21 8.27
O18 PZF J . 27.76 13.32 7.23
C2 PZF J . 25.42 10.73 6.98
C1 LGU K . 13.76 20.41 -26.49
C2 LGU K . 12.87 21.09 -25.45
O2 LGU K . 11.62 21.47 -26.01
C3 LGU K . 12.74 20.14 -24.23
O3 LGU K . 11.69 20.58 -23.39
C4 LGU K . 12.63 18.64 -24.58
O4 LGU K . 13.24 17.87 -23.56
C5 LGU K . 13.21 18.26 -25.96
O5 LGU K . 12.99 19.30 -26.91
C6 LGU K . 12.75 16.90 -26.53
O6B LGU K . 13.91 16.11 -26.73
C1 NAG L . -17.97 15.30 -22.00
C2 NAG L . -18.35 16.10 -23.25
C3 NAG L . -17.70 17.47 -23.22
C4 NAG L . -17.87 18.16 -21.87
C5 NAG L . -17.92 17.27 -20.65
C6 NAG L . -18.79 18.00 -19.61
C7 NAG L . -18.62 14.73 -25.21
C8 NAG L . -17.94 14.17 -26.43
N2 NAG L . -17.86 15.47 -24.46
O3 NAG L . -18.29 18.18 -24.28
O4 NAG L . -16.64 18.79 -21.57
O5 NAG L . -18.33 15.92 -20.82
O6 NAG L . -18.12 17.80 -18.37
O7 NAG L . -19.79 14.51 -24.93
N3 PZF M . -26.58 -6.70 -11.63
C4 PZF M . -27.59 -7.51 -12.03
C6 PZF M . -27.07 -9.05 -10.24
C13 PZF M . -20.57 -6.11 -5.43
C21 PZF M . -19.81 -5.65 -4.26
C8 PZF M . -24.77 -9.67 -6.70
C16 PZF M . -22.14 -5.67 -7.16
C19 PZF M . -29.42 -7.86 -13.62
C26 PZF M . -20.42 -5.15 -3.17
F29 PZF M . -17.64 -4.36 -1.10
C24 PZF M . -18.33 -4.77 -2.10
C23 PZF M . -17.68 -5.27 -3.18
C22 PZF M . -18.45 -5.73 -4.25
F27 PZF M . -17.82 -6.18 -5.32
C25 PZF M . -19.70 -4.66 -2.11
F28 PZF M . -20.32 -4.18 -1.04
C17 PZF M . -21.24 -4.95 -6.15
N20 PZF M . -20.36 -3.95 -6.73
N15 PZF M . -22.55 -6.86 -6.46
C14 PZF M . -21.76 -7.07 -5.21
C12 PZF M . -23.52 -7.68 -6.94
N7 PZF M . -23.84 -8.81 -6.26
C11 PZF M . -24.20 -7.46 -8.15
C10 PZF M . -25.18 -8.38 -8.63
N9 PZF M . -25.47 -9.44 -7.86
C1 PZF M . -26.03 -8.18 -9.86
C5 PZF M . -27.84 -8.75 -11.36
O18 PZF M . -28.29 -7.06 -13.13
C2 PZF M . -25.85 -7.01 -10.56
#